data_7EO5
# 
_entry.id   7EO5 
# 
_audit_conform.dict_name       mmcif_pdbx.dic 
_audit_conform.dict_version    5.380 
_audit_conform.dict_location   http://mmcif.pdb.org/dictionaries/ascii/mmcif_pdbx.dic 
# 
loop_
_database_2.database_id 
_database_2.database_code 
_database_2.pdbx_database_accession 
_database_2.pdbx_DOI 
PDB   7EO5         pdb_00007eo5 10.2210/pdb7eo5/pdb 
WWPDB D_1300021866 ?            ?                   
# 
_pdbx_database_status.status_code                     REL 
_pdbx_database_status.status_code_sf                  REL 
_pdbx_database_status.status_code_mr                  ? 
_pdbx_database_status.entry_id                        7EO5 
_pdbx_database_status.recvd_initial_deposition_date   2021-04-21 
_pdbx_database_status.SG_entry                        N 
_pdbx_database_status.deposit_site                    PDBJ 
_pdbx_database_status.process_site                    PDBJ 
_pdbx_database_status.status_code_cs                  ? 
_pdbx_database_status.status_code_nmr_data            ? 
_pdbx_database_status.methods_development_category    ? 
_pdbx_database_status.pdb_format_compatible           Y 
# 
loop_
_audit_author.name 
_audit_author.pdbx_ordinal 
_audit_author.identifier_ORCID 
'Padmanabhan, B.' 1 ? 
'Arole, A.'       2 ? 
'Deshmukh, P.'    3 ? 
'Ashok, S.'       4 ? 
# 
_citation.abstract                  ? 
_citation.abstract_id_CAS           ? 
_citation.book_id_ISBN              ? 
_citation.book_publisher            ? 
_citation.book_publisher_city       ? 
_citation.book_title                ? 
_citation.coordinate_linkage        ? 
_citation.country                   US 
_citation.database_id_Medline       ? 
_citation.details                   ? 
_citation.id                        primary 
_citation.journal_abbrev            'Acta Crystallogr.,Sect.F' 
_citation.journal_id_ASTM           ACSFEN 
_citation.journal_id_CSD            ? 
_citation.journal_id_ISSN           2053-230X 
_citation.journal_full              ? 
_citation.journal_issue             ? 
_citation.journal_volume            78 
_citation.language                  ? 
_citation.page_first                119 
_citation.page_last                 127 
_citation.title                     
'Structural investigation of a pyrano-1,3-oxazine derivative and the phenanthridinone core moiety against BRD2 bromodomains.' 
_citation.year                      2022 
_citation.database_id_CSD           ? 
_citation.pdbx_database_id_DOI      10.1107/S2053230X22001066 
_citation.pdbx_database_id_PubMed   35234137 
_citation.pdbx_database_id_patent   ? 
_citation.unpublished_flag          ? 
# 
loop_
_citation_author.citation_id 
_citation_author.name 
_citation_author.ordinal 
_citation_author.identifier_ORCID 
primary 'Arole, A.H.'     1 ? 
primary 'Deshmukh, P.'    2 ? 
primary 'Sridhar, A.'     3 ? 
primary 'Padmanabhan, B.' 4 ? 
# 
_cell.angle_alpha                  90.000 
_cell.angle_alpha_esd              ? 
_cell.angle_beta                   90.000 
_cell.angle_beta_esd               ? 
_cell.angle_gamma                  90.000 
_cell.angle_gamma_esd              ? 
_cell.entry_id                     7EO5 
_cell.details                      ? 
_cell.formula_units_Z              ? 
_cell.length_a                     52.102 
_cell.length_a_esd                 ? 
_cell.length_b                     71.121 
_cell.length_b_esd                 ? 
_cell.length_c                     31.852 
_cell.length_c_esd                 ? 
_cell.volume                       118029.062 
_cell.volume_esd                   ? 
_cell.Z_PDB                        4 
_cell.reciprocal_angle_alpha       ? 
_cell.reciprocal_angle_beta        ? 
_cell.reciprocal_angle_gamma       ? 
_cell.reciprocal_angle_alpha_esd   ? 
_cell.reciprocal_angle_beta_esd    ? 
_cell.reciprocal_angle_gamma_esd   ? 
_cell.reciprocal_length_a          ? 
_cell.reciprocal_length_b          ? 
_cell.reciprocal_length_c          ? 
_cell.reciprocal_length_a_esd      ? 
_cell.reciprocal_length_b_esd      ? 
_cell.reciprocal_length_c_esd      ? 
_cell.pdbx_unique_axis             ? 
# 
_symmetry.entry_id                         7EO5 
_symmetry.cell_setting                     ? 
_symmetry.Int_Tables_number                18 
_symmetry.space_group_name_Hall            'P 2 2ab' 
_symmetry.space_group_name_H-M             'P 21 21 2' 
_symmetry.pdbx_full_space_group_name_H-M   ? 
# 
loop_
_entity.id 
_entity.type 
_entity.src_method 
_entity.pdbx_description 
_entity.formula_weight 
_entity.pdbx_number_of_molecules 
_entity.pdbx_ec 
_entity.pdbx_mutation 
_entity.pdbx_fragment 
_entity.details 
1 polymer     man 'Bromodomain-containing protein 2'                                         13406.319 1   ? ? 
'UNP RESIDUES 348-455' ? 
2 non-polymer syn 'TRIETHYLENE GLYCOL'                                                       150.173   1   ? ? ? ? 
3 non-polymer syn '7-chloranyl-2-[(3-chlorophenyl)amino]pyrano[3,4-e][1,3]oxazine-4,5-dione' 325.104   1   ? ? ? ? 
4 water       nat water                                                                      18.015    132 ? ? ? ? 
# 
_entity_name_com.entity_id   1 
_entity_name_com.name        'O27.1.1,Really interesting new gene 3 protein' 
# 
_entity_poly.entity_id                      1 
_entity_poly.type                           'polypeptide(L)' 
_entity_poly.nstd_linkage                   no 
_entity_poly.nstd_monomer                   no 
_entity_poly.pdbx_seq_one_letter_code       
;AAHGSNPEQLKHCNGILKELLSKKHAAYAWPFYKPVDASALGLHDYHDIIKHPMDLSTVKRKMENRDYRDAQEFAADVRL
MFSNCYKYNPPDHDVVAMARKLQDVFEFRYAKMPD
;
_entity_poly.pdbx_seq_one_letter_code_can   
;AAHGSNPEQLKHCNGILKELLSKKHAAYAWPFYKPVDASALGLHDYHDIIKHPMDLSTVKRKMENRDYRDAQEFAADVRL
MFSNCYKYNPPDHDVVAMARKLQDVFEFRYAKMPD
;
_entity_poly.pdbx_strand_id                 A 
_entity_poly.pdbx_target_identifier         ? 
# 
loop_
_entity_poly_seq.entity_id 
_entity_poly_seq.num 
_entity_poly_seq.mon_id 
_entity_poly_seq.hetero 
1 1   ALA n 
1 2   ALA n 
1 3   HIS n 
1 4   GLY n 
1 5   SER n 
1 6   ASN n 
1 7   PRO n 
1 8   GLU n 
1 9   GLN n 
1 10  LEU n 
1 11  LYS n 
1 12  HIS n 
1 13  CYS n 
1 14  ASN n 
1 15  GLY n 
1 16  ILE n 
1 17  LEU n 
1 18  LYS n 
1 19  GLU n 
1 20  LEU n 
1 21  LEU n 
1 22  SER n 
1 23  LYS n 
1 24  LYS n 
1 25  HIS n 
1 26  ALA n 
1 27  ALA n 
1 28  TYR n 
1 29  ALA n 
1 30  TRP n 
1 31  PRO n 
1 32  PHE n 
1 33  TYR n 
1 34  LYS n 
1 35  PRO n 
1 36  VAL n 
1 37  ASP n 
1 38  ALA n 
1 39  SER n 
1 40  ALA n 
1 41  LEU n 
1 42  GLY n 
1 43  LEU n 
1 44  HIS n 
1 45  ASP n 
1 46  TYR n 
1 47  HIS n 
1 48  ASP n 
1 49  ILE n 
1 50  ILE n 
1 51  LYS n 
1 52  HIS n 
1 53  PRO n 
1 54  MET n 
1 55  ASP n 
1 56  LEU n 
1 57  SER n 
1 58  THR n 
1 59  VAL n 
1 60  LYS n 
1 61  ARG n 
1 62  LYS n 
1 63  MET n 
1 64  GLU n 
1 65  ASN n 
1 66  ARG n 
1 67  ASP n 
1 68  TYR n 
1 69  ARG n 
1 70  ASP n 
1 71  ALA n 
1 72  GLN n 
1 73  GLU n 
1 74  PHE n 
1 75  ALA n 
1 76  ALA n 
1 77  ASP n 
1 78  VAL n 
1 79  ARG n 
1 80  LEU n 
1 81  MET n 
1 82  PHE n 
1 83  SER n 
1 84  ASN n 
1 85  CYS n 
1 86  TYR n 
1 87  LYS n 
1 88  TYR n 
1 89  ASN n 
1 90  PRO n 
1 91  PRO n 
1 92  ASP n 
1 93  HIS n 
1 94  ASP n 
1 95  VAL n 
1 96  VAL n 
1 97  ALA n 
1 98  MET n 
1 99  ALA n 
1 100 ARG n 
1 101 LYS n 
1 102 LEU n 
1 103 GLN n 
1 104 ASP n 
1 105 VAL n 
1 106 PHE n 
1 107 GLU n 
1 108 PHE n 
1 109 ARG n 
1 110 TYR n 
1 111 ALA n 
1 112 LYS n 
1 113 MET n 
1 114 PRO n 
1 115 ASP n 
# 
_entity_src_gen.entity_id                          1 
_entity_src_gen.pdbx_src_id                        1 
_entity_src_gen.pdbx_alt_source_flag               sample 
_entity_src_gen.pdbx_seq_type                      'Biological sequence' 
_entity_src_gen.pdbx_beg_seq_num                   1 
_entity_src_gen.pdbx_end_seq_num                   115 
_entity_src_gen.gene_src_common_name               Human 
_entity_src_gen.gene_src_genus                     ? 
_entity_src_gen.pdbx_gene_src_gene                 'BRD2, KIAA9001, RING3' 
_entity_src_gen.gene_src_species                   ? 
_entity_src_gen.gene_src_strain                    ? 
_entity_src_gen.gene_src_tissue                    ? 
_entity_src_gen.gene_src_tissue_fraction           ? 
_entity_src_gen.gene_src_details                   ? 
_entity_src_gen.pdbx_gene_src_fragment             ? 
_entity_src_gen.pdbx_gene_src_scientific_name      'Homo sapiens' 
_entity_src_gen.pdbx_gene_src_ncbi_taxonomy_id     9606 
_entity_src_gen.pdbx_gene_src_variant              ? 
_entity_src_gen.pdbx_gene_src_cell_line            ? 
_entity_src_gen.pdbx_gene_src_atcc                 ? 
_entity_src_gen.pdbx_gene_src_organ                ? 
_entity_src_gen.pdbx_gene_src_organelle            ? 
_entity_src_gen.pdbx_gene_src_cell                 ? 
_entity_src_gen.pdbx_gene_src_cellular_location    ? 
_entity_src_gen.host_org_common_name               ? 
_entity_src_gen.pdbx_host_org_scientific_name      'Escherichia coli BL21(DE3)' 
_entity_src_gen.pdbx_host_org_ncbi_taxonomy_id     469008 
_entity_src_gen.host_org_genus                     ? 
_entity_src_gen.pdbx_host_org_gene                 ? 
_entity_src_gen.pdbx_host_org_organ                ? 
_entity_src_gen.host_org_species                   ? 
_entity_src_gen.pdbx_host_org_tissue               ? 
_entity_src_gen.pdbx_host_org_tissue_fraction      ? 
_entity_src_gen.pdbx_host_org_strain               'BL21(DE3)' 
_entity_src_gen.pdbx_host_org_variant              ? 
_entity_src_gen.pdbx_host_org_cell_line            ? 
_entity_src_gen.pdbx_host_org_atcc                 ? 
_entity_src_gen.pdbx_host_org_culture_collection   ? 
_entity_src_gen.pdbx_host_org_cell                 ? 
_entity_src_gen.pdbx_host_org_organelle            ? 
_entity_src_gen.pdbx_host_org_cellular_location    ? 
_entity_src_gen.pdbx_host_org_vector_type          Plasmid 
_entity_src_gen.pdbx_host_org_vector               ? 
_entity_src_gen.host_org_details                   ? 
_entity_src_gen.expression_system_id               ? 
_entity_src_gen.plasmid_name                       pET28a 
_entity_src_gen.plasmid_details                    ? 
_entity_src_gen.pdbx_description                   ? 
# 
_struct_ref.id                         1 
_struct_ref.db_name                    UNP 
_struct_ref.db_code                    BRD2_HUMAN 
_struct_ref.pdbx_db_accession          P25440 
_struct_ref.pdbx_db_isoform            ? 
_struct_ref.entity_id                  1 
_struct_ref.pdbx_seq_one_letter_code   
;EQLKHCNGILKELLSKKHAAYAWPFYKPVDASALGLHDYHDIIKHPMDLSTVKRKMENRDYRDAQEFAADVRLMFSNCYK
YNPPDHDVVAMARKLQDVFEFRYAKMPD
;
_struct_ref.pdbx_align_begin           348 
# 
_struct_ref_seq.align_id                      1 
_struct_ref_seq.ref_id                        1 
_struct_ref_seq.pdbx_PDB_id_code              7EO5 
_struct_ref_seq.pdbx_strand_id                A 
_struct_ref_seq.seq_align_beg                 8 
_struct_ref_seq.pdbx_seq_align_beg_ins_code   ? 
_struct_ref_seq.seq_align_end                 115 
_struct_ref_seq.pdbx_seq_align_end_ins_code   ? 
_struct_ref_seq.pdbx_db_accession             P25440 
_struct_ref_seq.db_align_beg                  348 
_struct_ref_seq.pdbx_db_align_beg_ins_code    ? 
_struct_ref_seq.db_align_end                  455 
_struct_ref_seq.pdbx_db_align_end_ins_code    ? 
_struct_ref_seq.pdbx_auth_seq_align_beg       348 
_struct_ref_seq.pdbx_auth_seq_align_end       455 
# 
loop_
_struct_ref_seq_dif.align_id 
_struct_ref_seq_dif.pdbx_pdb_id_code 
_struct_ref_seq_dif.mon_id 
_struct_ref_seq_dif.pdbx_pdb_strand_id 
_struct_ref_seq_dif.seq_num 
_struct_ref_seq_dif.pdbx_pdb_ins_code 
_struct_ref_seq_dif.pdbx_seq_db_name 
_struct_ref_seq_dif.pdbx_seq_db_accession_code 
_struct_ref_seq_dif.db_mon_id 
_struct_ref_seq_dif.pdbx_seq_db_seq_num 
_struct_ref_seq_dif.details 
_struct_ref_seq_dif.pdbx_auth_seq_num 
_struct_ref_seq_dif.pdbx_ordinal 
1 7EO5 ALA A 1 ? UNP P25440 ? ? 'expression tag' 341 1 
1 7EO5 ALA A 2 ? UNP P25440 ? ? 'expression tag' 342 2 
1 7EO5 HIS A 3 ? UNP P25440 ? ? 'expression tag' 343 3 
1 7EO5 GLY A 4 ? UNP P25440 ? ? 'expression tag' 344 4 
1 7EO5 SER A 5 ? UNP P25440 ? ? 'expression tag' 345 5 
1 7EO5 ASN A 6 ? UNP P25440 ? ? 'expression tag' 346 6 
1 7EO5 PRO A 7 ? UNP P25440 ? ? 'expression tag' 347 7 
# 
loop_
_chem_comp.id 
_chem_comp.type 
_chem_comp.mon_nstd_flag 
_chem_comp.name 
_chem_comp.pdbx_synonyms 
_chem_comp.formula 
_chem_comp.formula_weight 
ALA 'L-peptide linking' y ALANINE                                                                    ? 'C3 H7 N O2'       89.093  
ARG 'L-peptide linking' y ARGININE                                                                   ? 'C6 H15 N4 O2 1'   175.209 
ASN 'L-peptide linking' y ASPARAGINE                                                                 ? 'C4 H8 N2 O3'      132.118 
ASP 'L-peptide linking' y 'ASPARTIC ACID'                                                            ? 'C4 H7 N O4'       133.103 
BUX non-polymer         . '7-chloranyl-2-[(3-chlorophenyl)amino]pyrano[3,4-e][1,3]oxazine-4,5-dione' ? 'C13 H6 Cl2 N2 O4' 325.104 
CYS 'L-peptide linking' y CYSTEINE                                                                   ? 'C3 H7 N O2 S'     121.158 
GLN 'L-peptide linking' y GLUTAMINE                                                                  ? 'C5 H10 N2 O3'     146.144 
GLU 'L-peptide linking' y 'GLUTAMIC ACID'                                                            ? 'C5 H9 N O4'       147.129 
GLY 'peptide linking'   y GLYCINE                                                                    ? 'C2 H5 N O2'       75.067  
HIS 'L-peptide linking' y HISTIDINE                                                                  ? 'C6 H10 N3 O2 1'   156.162 
HOH non-polymer         . WATER                                                                      ? 'H2 O'             18.015  
ILE 'L-peptide linking' y ISOLEUCINE                                                                 ? 'C6 H13 N O2'      131.173 
LEU 'L-peptide linking' y LEUCINE                                                                    ? 'C6 H13 N O2'      131.173 
LYS 'L-peptide linking' y LYSINE                                                                     ? 'C6 H15 N2 O2 1'   147.195 
MET 'L-peptide linking' y METHIONINE                                                                 ? 'C5 H11 N O2 S'    149.211 
PGE non-polymer         . 'TRIETHYLENE GLYCOL'                                                       ? 'C6 H14 O4'        150.173 
PHE 'L-peptide linking' y PHENYLALANINE                                                              ? 'C9 H11 N O2'      165.189 
PRO 'L-peptide linking' y PROLINE                                                                    ? 'C5 H9 N O2'       115.130 
SER 'L-peptide linking' y SERINE                                                                     ? 'C3 H7 N O3'       105.093 
THR 'L-peptide linking' y THREONINE                                                                  ? 'C4 H9 N O3'       119.119 
TRP 'L-peptide linking' y TRYPTOPHAN                                                                 ? 'C11 H12 N2 O2'    204.225 
TYR 'L-peptide linking' y TYROSINE                                                                   ? 'C9 H11 N O3'      181.189 
VAL 'L-peptide linking' y VALINE                                                                     ? 'C5 H11 N O2'      117.146 
# 
_exptl.absorpt_coefficient_mu     ? 
_exptl.absorpt_correction_T_max   ? 
_exptl.absorpt_correction_T_min   ? 
_exptl.absorpt_correction_type    ? 
_exptl.absorpt_process_details    ? 
_exptl.entry_id                   7EO5 
_exptl.crystals_number            1 
_exptl.details                    ? 
_exptl.method                     'X-RAY DIFFRACTION' 
_exptl.method_details             ? 
# 
_exptl_crystal.colour                      ? 
_exptl_crystal.density_diffrn              ? 
_exptl_crystal.density_Matthews            2.20 
_exptl_crystal.density_method              ? 
_exptl_crystal.density_percent_sol         44.12 
_exptl_crystal.description                 ? 
_exptl_crystal.F_000                       ? 
_exptl_crystal.id                          1 
_exptl_crystal.preparation                 ? 
_exptl_crystal.size_max                    ? 
_exptl_crystal.size_mid                    ? 
_exptl_crystal.size_min                    ? 
_exptl_crystal.size_rad                    ? 
_exptl_crystal.colour_lustre               ? 
_exptl_crystal.colour_modifier             ? 
_exptl_crystal.colour_primary              ? 
_exptl_crystal.density_meas                ? 
_exptl_crystal.density_meas_esd            ? 
_exptl_crystal.density_meas_gt             ? 
_exptl_crystal.density_meas_lt             ? 
_exptl_crystal.density_meas_temp           ? 
_exptl_crystal.density_meas_temp_esd       ? 
_exptl_crystal.density_meas_temp_gt        ? 
_exptl_crystal.density_meas_temp_lt        ? 
_exptl_crystal.pdbx_crystal_image_url      ? 
_exptl_crystal.pdbx_crystal_image_format   ? 
_exptl_crystal.pdbx_mosaicity              ? 
_exptl_crystal.pdbx_mosaicity_esd          ? 
# 
_exptl_crystal_grow.apparatus       ? 
_exptl_crystal_grow.atmosphere      ? 
_exptl_crystal_grow.crystal_id      1 
_exptl_crystal_grow.details         ? 
_exptl_crystal_grow.method          'VAPOR DIFFUSION, HANGING DROP' 
_exptl_crystal_grow.method_ref      ? 
_exptl_crystal_grow.pH              7.5 
_exptl_crystal_grow.pressure        ? 
_exptl_crystal_grow.pressure_esd    ? 
_exptl_crystal_grow.seeding         ? 
_exptl_crystal_grow.seeding_ref     ? 
_exptl_crystal_grow.temp            293 
_exptl_crystal_grow.temp_details    ? 
_exptl_crystal_grow.temp_esd        ? 
_exptl_crystal_grow.time            ? 
_exptl_crystal_grow.pdbx_details    '50 mM Tris pH 7.5, 50 mM NaCl, 30% PEG MME 2000' 
_exptl_crystal_grow.pdbx_pH_range   ? 
# 
_diffrn.ambient_environment              ? 
_diffrn.ambient_temp                     100 
_diffrn.ambient_temp_details             ? 
_diffrn.ambient_temp_esd                 ? 
_diffrn.crystal_id                       1 
_diffrn.crystal_support                  ? 
_diffrn.crystal_treatment                ? 
_diffrn.details                          ? 
_diffrn.id                               1 
_diffrn.ambient_pressure                 ? 
_diffrn.ambient_pressure_esd             ? 
_diffrn.ambient_pressure_gt              ? 
_diffrn.ambient_pressure_lt              ? 
_diffrn.ambient_temp_gt                  ? 
_diffrn.ambient_temp_lt                  ? 
_diffrn.pdbx_serial_crystal_experiment   N 
# 
_diffrn_detector.details                      ? 
_diffrn_detector.detector                     PIXEL 
_diffrn_detector.diffrn_id                    1 
_diffrn_detector.type                         'RIGAKU HyPix-6000HE' 
_diffrn_detector.area_resol_mean              ? 
_diffrn_detector.dtime                        ? 
_diffrn_detector.pdbx_frames_total            ? 
_diffrn_detector.pdbx_collection_time_total   ? 
_diffrn_detector.pdbx_collection_date         2020-10-15 
_diffrn_detector.pdbx_frequency               ? 
# 
_diffrn_radiation.collimation                      ? 
_diffrn_radiation.diffrn_id                        1 
_diffrn_radiation.filter_edge                      ? 
_diffrn_radiation.inhomogeneity                    ? 
_diffrn_radiation.monochromator                    ? 
_diffrn_radiation.polarisn_norm                    ? 
_diffrn_radiation.polarisn_ratio                   ? 
_diffrn_radiation.probe                            ? 
_diffrn_radiation.type                             ? 
_diffrn_radiation.xray_symbol                      ? 
_diffrn_radiation.wavelength_id                    1 
_diffrn_radiation.pdbx_monochromatic_or_laue_m_l   M 
_diffrn_radiation.pdbx_wavelength_list             ? 
_diffrn_radiation.pdbx_wavelength                  ? 
_diffrn_radiation.pdbx_diffrn_protocol             'SINGLE WAVELENGTH' 
_diffrn_radiation.pdbx_analyzer                    ? 
_diffrn_radiation.pdbx_scattering_type             x-ray 
# 
_diffrn_radiation_wavelength.id           1 
_diffrn_radiation_wavelength.wavelength   1.54056 
_diffrn_radiation_wavelength.wt           1.0 
# 
_diffrn_source.current                     ? 
_diffrn_source.details                     ? 
_diffrn_source.diffrn_id                   1 
_diffrn_source.power                       ? 
_diffrn_source.size                        ? 
_diffrn_source.source                      'ROTATING ANODE' 
_diffrn_source.target                      ? 
_diffrn_source.type                        'RIGAKU MICROMAX-007 HF' 
_diffrn_source.voltage                     ? 
_diffrn_source.take-off_angle              ? 
_diffrn_source.pdbx_wavelength_list        1.54056 
_diffrn_source.pdbx_wavelength             ? 
_diffrn_source.pdbx_synchrotron_beamline   ? 
_diffrn_source.pdbx_synchrotron_site       ? 
# 
_reflns.B_iso_Wilson_estimate                          17.57 
_reflns.entry_id                                       7EO5 
_reflns.data_reduction_details                         ? 
_reflns.data_reduction_method                          ? 
_reflns.d_resolution_high                              1.72 
_reflns.d_resolution_low                               50.0 
_reflns.details                                        ? 
_reflns.limit_h_max                                    ? 
_reflns.limit_h_min                                    ? 
_reflns.limit_k_max                                    ? 
_reflns.limit_k_min                                    ? 
_reflns.limit_l_max                                    ? 
_reflns.limit_l_min                                    ? 
_reflns.number_all                                     ? 
_reflns.number_obs                                     13233 
_reflns.observed_criterion                             ? 
_reflns.observed_criterion_F_max                       ? 
_reflns.observed_criterion_F_min                       ? 
_reflns.observed_criterion_I_max                       ? 
_reflns.observed_criterion_I_min                       ? 
_reflns.observed_criterion_sigma_F                     ? 
_reflns.observed_criterion_sigma_I                     ? 
_reflns.percent_possible_obs                           98.5 
_reflns.R_free_details                                 ? 
_reflns.Rmerge_F_all                                   ? 
_reflns.Rmerge_F_obs                                   ? 
_reflns.Friedel_coverage                               ? 
_reflns.number_gt                                      ? 
_reflns.threshold_expression                           ? 
_reflns.pdbx_redundancy                                3.3 
_reflns.pdbx_Rmerge_I_obs                              0.078 
_reflns.pdbx_Rmerge_I_all                              ? 
_reflns.pdbx_Rsym_value                                ? 
_reflns.pdbx_netI_over_av_sigmaI                       ? 
_reflns.pdbx_netI_over_sigmaI                          23.02 
_reflns.pdbx_res_netI_over_av_sigmaI_2                 ? 
_reflns.pdbx_res_netI_over_sigmaI_2                    ? 
_reflns.pdbx_chi_squared                               ? 
_reflns.pdbx_scaling_rejects                           ? 
_reflns.pdbx_d_res_high_opt                            ? 
_reflns.pdbx_d_res_low_opt                             ? 
_reflns.pdbx_d_res_opt_method                          ? 
_reflns.phase_calculation_details                      ? 
_reflns.pdbx_Rrim_I_all                                ? 
_reflns.pdbx_Rpim_I_all                                ? 
_reflns.pdbx_d_opt                                     ? 
_reflns.pdbx_number_measured_all                       ? 
_reflns.pdbx_diffrn_id                                 1 
_reflns.pdbx_ordinal                                   1 
_reflns.pdbx_CC_half                                   0.98 
_reflns.pdbx_CC_star                                   ? 
_reflns.pdbx_R_split                                   ? 
_reflns.pdbx_aniso_diffraction_limit_axis_1_ortho[1]   ? 
_reflns.pdbx_aniso_diffraction_limit_axis_1_ortho[2]   ? 
_reflns.pdbx_aniso_diffraction_limit_axis_1_ortho[3]   ? 
_reflns.pdbx_aniso_diffraction_limit_axis_2_ortho[1]   ? 
_reflns.pdbx_aniso_diffraction_limit_axis_2_ortho[2]   ? 
_reflns.pdbx_aniso_diffraction_limit_axis_2_ortho[3]   ? 
_reflns.pdbx_aniso_diffraction_limit_axis_3_ortho[1]   ? 
_reflns.pdbx_aniso_diffraction_limit_axis_3_ortho[2]   ? 
_reflns.pdbx_aniso_diffraction_limit_axis_3_ortho[3]   ? 
_reflns.pdbx_aniso_diffraction_limit_1                 ? 
_reflns.pdbx_aniso_diffraction_limit_2                 ? 
_reflns.pdbx_aniso_diffraction_limit_3                 ? 
_reflns.pdbx_aniso_B_tensor_eigenvector_1_ortho[1]     ? 
_reflns.pdbx_aniso_B_tensor_eigenvector_1_ortho[2]     ? 
_reflns.pdbx_aniso_B_tensor_eigenvector_1_ortho[3]     ? 
_reflns.pdbx_aniso_B_tensor_eigenvector_2_ortho[1]     ? 
_reflns.pdbx_aniso_B_tensor_eigenvector_2_ortho[2]     ? 
_reflns.pdbx_aniso_B_tensor_eigenvector_2_ortho[3]     ? 
_reflns.pdbx_aniso_B_tensor_eigenvector_3_ortho[1]     ? 
_reflns.pdbx_aniso_B_tensor_eigenvector_3_ortho[2]     ? 
_reflns.pdbx_aniso_B_tensor_eigenvector_3_ortho[3]     ? 
_reflns.pdbx_aniso_B_tensor_eigenvalue_1               ? 
_reflns.pdbx_aniso_B_tensor_eigenvalue_2               ? 
_reflns.pdbx_aniso_B_tensor_eigenvalue_3               ? 
_reflns.pdbx_orthogonalization_convention              ? 
_reflns.pdbx_percent_possible_ellipsoidal              ? 
_reflns.pdbx_percent_possible_spherical                ? 
_reflns.pdbx_percent_possible_ellipsoidal_anomalous    ? 
_reflns.pdbx_percent_possible_spherical_anomalous      ? 
_reflns.pdbx_redundancy_anomalous                      ? 
_reflns.pdbx_CC_half_anomalous                         ? 
_reflns.pdbx_absDiff_over_sigma_anomalous              ? 
_reflns.pdbx_percent_possible_anomalous                ? 
_reflns.pdbx_observed_signal_threshold                 ? 
_reflns.pdbx_signal_type                               ? 
_reflns.pdbx_signal_details                            ? 
_reflns.pdbx_signal_software_id                        ? 
# 
_reflns_shell.d_res_high                                    1.72 
_reflns_shell.d_res_low                                     1.75 
_reflns_shell.meanI_over_sigI_all                           ? 
_reflns_shell.meanI_over_sigI_obs                           ? 
_reflns_shell.number_measured_all                           ? 
_reflns_shell.number_measured_obs                           ? 
_reflns_shell.number_possible                               ? 
_reflns_shell.number_unique_all                             ? 
_reflns_shell.number_unique_obs                             610 
_reflns_shell.percent_possible_all                          ? 
_reflns_shell.percent_possible_obs                          ? 
_reflns_shell.Rmerge_F_all                                  ? 
_reflns_shell.Rmerge_F_obs                                  ? 
_reflns_shell.Rmerge_I_all                                  ? 
_reflns_shell.Rmerge_I_obs                                  0.26 
_reflns_shell.meanI_over_sigI_gt                            ? 
_reflns_shell.meanI_over_uI_all                             ? 
_reflns_shell.meanI_over_uI_gt                              ? 
_reflns_shell.number_measured_gt                            ? 
_reflns_shell.number_unique_gt                              ? 
_reflns_shell.percent_possible_gt                           ? 
_reflns_shell.Rmerge_F_gt                                   ? 
_reflns_shell.Rmerge_I_gt                                   ? 
_reflns_shell.pdbx_redundancy                               ? 
_reflns_shell.pdbx_Rsym_value                               ? 
_reflns_shell.pdbx_chi_squared                              ? 
_reflns_shell.pdbx_netI_over_sigmaI_all                     ? 
_reflns_shell.pdbx_netI_over_sigmaI_obs                     ? 
_reflns_shell.pdbx_Rrim_I_all                               ? 
_reflns_shell.pdbx_Rpim_I_all                               ? 
_reflns_shell.pdbx_rejects                                  ? 
_reflns_shell.pdbx_ordinal                                  1 
_reflns_shell.pdbx_diffrn_id                                1 
_reflns_shell.pdbx_CC_half                                  0.86 
_reflns_shell.pdbx_CC_star                                  ? 
_reflns_shell.pdbx_R_split                                  ? 
_reflns_shell.pdbx_percent_possible_ellipsoidal             ? 
_reflns_shell.pdbx_percent_possible_spherical               ? 
_reflns_shell.pdbx_percent_possible_ellipsoidal_anomalous   ? 
_reflns_shell.pdbx_percent_possible_spherical_anomalous     ? 
_reflns_shell.pdbx_redundancy_anomalous                     ? 
_reflns_shell.pdbx_CC_half_anomalous                        ? 
_reflns_shell.pdbx_absDiff_over_sigma_anomalous             ? 
_reflns_shell.pdbx_percent_possible_anomalous               ? 
# 
_refine.aniso_B[1][1]                            ? 
_refine.aniso_B[1][2]                            ? 
_refine.aniso_B[1][3]                            ? 
_refine.aniso_B[2][2]                            ? 
_refine.aniso_B[2][3]                            ? 
_refine.aniso_B[3][3]                            ? 
_refine.B_iso_max                                ? 
_refine.B_iso_mean                               19.47 
_refine.B_iso_min                                ? 
_refine.correlation_coeff_Fo_to_Fc               ? 
_refine.correlation_coeff_Fo_to_Fc_free          ? 
_refine.details                                  'Refinement was performed up to 2.0 A resolution.' 
_refine.diff_density_max                         ? 
_refine.diff_density_max_esd                     ? 
_refine.diff_density_min                         ? 
_refine.diff_density_min_esd                     ? 
_refine.diff_density_rms                         ? 
_refine.diff_density_rms_esd                     ? 
_refine.entry_id                                 7EO5 
_refine.pdbx_refine_id                           'X-RAY DIFFRACTION' 
_refine.ls_abs_structure_details                 ? 
_refine.ls_abs_structure_Flack                   ? 
_refine.ls_abs_structure_Flack_esd               ? 
_refine.ls_abs_structure_Rogers                  ? 
_refine.ls_abs_structure_Rogers_esd              ? 
_refine.ls_d_res_high                            2.00 
_refine.ls_d_res_low                             29.07 
_refine.ls_extinction_coef                       ? 
_refine.ls_extinction_coef_esd                   ? 
_refine.ls_extinction_expression                 ? 
_refine.ls_extinction_method                     ? 
_refine.ls_goodness_of_fit_all                   ? 
_refine.ls_goodness_of_fit_all_esd               ? 
_refine.ls_goodness_of_fit_obs                   ? 
_refine.ls_goodness_of_fit_obs_esd               ? 
_refine.ls_hydrogen_treatment                    ? 
_refine.ls_matrix_type                           ? 
_refine.ls_number_constraints                    ? 
_refine.ls_number_parameters                     ? 
_refine.ls_number_reflns_all                     ? 
_refine.ls_number_reflns_obs                     8314 
_refine.ls_number_reflns_R_free                  416 
_refine.ls_number_reflns_R_work                  7898 
_refine.ls_number_restraints                     ? 
_refine.ls_percent_reflns_obs                    98.48 
_refine.ls_percent_reflns_R_free                 5.00 
_refine.ls_R_factor_all                          ? 
_refine.ls_R_factor_obs                          0.1760 
_refine.ls_R_factor_R_free                       0.2236 
_refine.ls_R_factor_R_free_error                 ? 
_refine.ls_R_factor_R_free_error_details         ? 
_refine.ls_R_factor_R_work                       0.1736 
_refine.ls_R_Fsqd_factor_obs                     ? 
_refine.ls_R_I_factor_obs                        ? 
_refine.ls_redundancy_reflns_all                 ? 
_refine.ls_redundancy_reflns_obs                 ? 
_refine.ls_restrained_S_all                      ? 
_refine.ls_restrained_S_obs                      ? 
_refine.ls_shift_over_esd_max                    ? 
_refine.ls_shift_over_esd_mean                   ? 
_refine.ls_structure_factor_coef                 ? 
_refine.ls_weighting_details                     ? 
_refine.ls_weighting_scheme                      ? 
_refine.ls_wR_factor_all                         ? 
_refine.ls_wR_factor_obs                         ? 
_refine.ls_wR_factor_R_free                      ? 
_refine.ls_wR_factor_R_work                      ? 
_refine.occupancy_max                            ? 
_refine.occupancy_min                            ? 
_refine.solvent_model_details                    'FLAT BULK SOLVENT MODEL' 
_refine.solvent_model_param_bsol                 ? 
_refine.solvent_model_param_ksol                 ? 
_refine.pdbx_R_complete                          ? 
_refine.ls_R_factor_gt                           ? 
_refine.ls_goodness_of_fit_gt                    ? 
_refine.ls_goodness_of_fit_ref                   ? 
_refine.ls_shift_over_su_max                     ? 
_refine.ls_shift_over_su_max_lt                  ? 
_refine.ls_shift_over_su_mean                    ? 
_refine.ls_shift_over_su_mean_lt                 ? 
_refine.pdbx_ls_sigma_I                          ? 
_refine.pdbx_ls_sigma_F                          1.34 
_refine.pdbx_ls_sigma_Fsqd                       ? 
_refine.pdbx_data_cutoff_high_absF               ? 
_refine.pdbx_data_cutoff_high_rms_absF           ? 
_refine.pdbx_data_cutoff_low_absF                ? 
_refine.pdbx_isotropic_thermal_model             ? 
_refine.pdbx_ls_cross_valid_method               'FREE R-VALUE' 
_refine.pdbx_method_to_determine_struct          'MOLECULAR REPLACEMENT' 
_refine.pdbx_starting_model                      5XHE 
_refine.pdbx_stereochemistry_target_values       'GeoStd + Monomer Library + CDL v1.2' 
_refine.pdbx_R_Free_selection_details            ? 
_refine.pdbx_stereochem_target_val_spec_case     ? 
_refine.pdbx_overall_ESU_R                       ? 
_refine.pdbx_overall_ESU_R_Free                  ? 
_refine.pdbx_solvent_vdw_probe_radii             1.1100 
_refine.pdbx_solvent_ion_probe_radii             ? 
_refine.pdbx_solvent_shrinkage_radii             0.9000 
_refine.pdbx_real_space_R                        ? 
_refine.pdbx_density_correlation                 ? 
_refine.pdbx_pd_number_of_powder_patterns        ? 
_refine.pdbx_pd_number_of_points                 ? 
_refine.pdbx_pd_meas_number_of_points            ? 
_refine.pdbx_pd_proc_ls_prof_R_factor            ? 
_refine.pdbx_pd_proc_ls_prof_wR_factor           ? 
_refine.pdbx_pd_Marquardt_correlation_coeff      ? 
_refine.pdbx_pd_Fsqrd_R_factor                   ? 
_refine.pdbx_pd_ls_matrix_band_width             ? 
_refine.pdbx_overall_phase_error                 19.8388 
_refine.pdbx_overall_SU_R_free_Cruickshank_DPI   ? 
_refine.pdbx_overall_SU_R_free_Blow_DPI          ? 
_refine.pdbx_overall_SU_R_Blow_DPI               ? 
_refine.pdbx_TLS_residual_ADP_flag               ? 
_refine.pdbx_diffrn_id                           1 
_refine.overall_SU_B                             ? 
_refine.overall_SU_ML                            0.1701 
_refine.overall_SU_R_Cruickshank_DPI             ? 
_refine.overall_SU_R_free                        ? 
_refine.overall_FOM_free_R_set                   ? 
_refine.overall_FOM_work_R_set                   ? 
_refine.pdbx_average_fsc_overall                 ? 
_refine.pdbx_average_fsc_work                    ? 
_refine.pdbx_average_fsc_free                    ? 
# 
_refine_hist.pdbx_refine_id                   'X-RAY DIFFRACTION' 
_refine_hist.cycle_id                         LAST 
_refine_hist.details                          ? 
_refine_hist.d_res_high                       2.00 
_refine_hist.d_res_low                        29.07 
_refine_hist.number_atoms_solvent             132 
_refine_hist.number_atoms_total               1104 
_refine_hist.number_reflns_all                ? 
_refine_hist.number_reflns_obs                ? 
_refine_hist.number_reflns_R_free             ? 
_refine_hist.number_reflns_R_work             ? 
_refine_hist.R_factor_all                     ? 
_refine_hist.R_factor_obs                     ? 
_refine_hist.R_factor_R_free                  ? 
_refine_hist.R_factor_R_work                  ? 
_refine_hist.pdbx_number_residues_total       ? 
_refine_hist.pdbx_B_iso_mean_ligand           ? 
_refine_hist.pdbx_B_iso_mean_solvent          ? 
_refine_hist.pdbx_number_atoms_protein        941 
_refine_hist.pdbx_number_atoms_nucleic_acid   0 
_refine_hist.pdbx_number_atoms_ligand         31 
_refine_hist.pdbx_number_atoms_lipid          ? 
_refine_hist.pdbx_number_atoms_carb           ? 
_refine_hist.pdbx_pseudo_atom_details         ? 
# 
loop_
_refine_ls_restr.pdbx_refine_id 
_refine_ls_restr.criterion 
_refine_ls_restr.dev_ideal 
_refine_ls_restr.dev_ideal_target 
_refine_ls_restr.number 
_refine_ls_restr.rejects 
_refine_ls_restr.type 
_refine_ls_restr.weight 
_refine_ls_restr.pdbx_restraint_function 
'X-RAY DIFFRACTION' ? 0.0074 ? 1039 ? f_bond_d           ? ? 
'X-RAY DIFFRACTION' ? 0.8772 ? 1407 ? f_angle_d          ? ? 
'X-RAY DIFFRACTION' ? 0.0462 ? 137  ? f_chiral_restr     ? ? 
'X-RAY DIFFRACTION' ? 0.0052 ? 203  ? f_plane_restr      ? ? 
'X-RAY DIFFRACTION' ? 7.0447 ? 163  ? f_dihedral_angle_d ? ? 
# 
loop_
_refine_ls_shell.pdbx_refine_id 
_refine_ls_shell.d_res_high 
_refine_ls_shell.d_res_low 
_refine_ls_shell.number_reflns_all 
_refine_ls_shell.number_reflns_obs 
_refine_ls_shell.number_reflns_R_free 
_refine_ls_shell.number_reflns_R_work 
_refine_ls_shell.percent_reflns_obs 
_refine_ls_shell.percent_reflns_R_free 
_refine_ls_shell.R_factor_all 
_refine_ls_shell.R_factor_obs 
_refine_ls_shell.R_factor_R_free 
_refine_ls_shell.R_factor_R_free_error 
_refine_ls_shell.R_factor_R_work 
_refine_ls_shell.redundancy_reflns_all 
_refine_ls_shell.redundancy_reflns_obs 
_refine_ls_shell.wR_factor_all 
_refine_ls_shell.wR_factor_obs 
_refine_ls_shell.wR_factor_R_free 
_refine_ls_shell.wR_factor_R_work 
_refine_ls_shell.pdbx_R_complete 
_refine_ls_shell.pdbx_total_number_of_bins_used 
_refine_ls_shell.pdbx_phase_error 
_refine_ls_shell.pdbx_fsc_work 
_refine_ls_shell.pdbx_fsc_free 
'X-RAY DIFFRACTION' 2.00 2.29 . . 137 2598 99.56 . . . 0.1983 . 0.1486 . . . . . . . . . . . 
'X-RAY DIFFRACTION' 2.29 2.88 . . 137 2610 98.96 . . . 0.2327 . 0.1812 . . . . . . . . . . . 
# 
_struct.entry_id                     7EO5 
_struct.title                        
'Crystal structure of pyrano 1,3, oxazine derivative in complex with the second bromodomain of BRD2' 
_struct.pdbx_model_details           ? 
_struct.pdbx_formula_weight          ? 
_struct.pdbx_formula_weight_method   ? 
_struct.pdbx_model_type_details      ? 
_struct.pdbx_CASP_flag               N 
# 
_struct_keywords.entry_id        7EO5 
_struct_keywords.text            'BET family, BRD2, bromodomain, b-mercaptoethanol, CME, TRANSCRIPTION' 
_struct_keywords.pdbx_keywords   TRANSCRIPTION 
# 
loop_
_struct_asym.id 
_struct_asym.pdbx_blank_PDB_chainid_flag 
_struct_asym.pdbx_modified 
_struct_asym.entity_id 
_struct_asym.details 
A N N 1 ? 
B N N 2 ? 
C N N 3 ? 
D N N 4 ? 
# 
loop_
_struct_conf.conf_type_id 
_struct_conf.id 
_struct_conf.pdbx_PDB_helix_id 
_struct_conf.beg_label_comp_id 
_struct_conf.beg_label_asym_id 
_struct_conf.beg_label_seq_id 
_struct_conf.pdbx_beg_PDB_ins_code 
_struct_conf.end_label_comp_id 
_struct_conf.end_label_asym_id 
_struct_conf.end_label_seq_id 
_struct_conf.pdbx_end_PDB_ins_code 
_struct_conf.beg_auth_comp_id 
_struct_conf.beg_auth_asym_id 
_struct_conf.beg_auth_seq_id 
_struct_conf.end_auth_comp_id 
_struct_conf.end_auth_asym_id 
_struct_conf.end_auth_seq_id 
_struct_conf.pdbx_PDB_helix_class 
_struct_conf.details 
_struct_conf.pdbx_PDB_helix_length 
HELX_P HELX_P1 AA1 GLY A 4  ? LEU A 21  ? GLY A 344 LEU A 361 1 ? 18 
HELX_P HELX_P2 AA2 SER A 22 ? LYS A 24  ? SER A 362 LYS A 364 5 ? 3  
HELX_P HELX_P3 AA3 HIS A 25 ? TRP A 30  ? HIS A 365 TRP A 370 1 ? 6  
HELX_P HELX_P4 AA4 PRO A 31 ? TYR A 33  ? PRO A 371 TYR A 373 5 ? 3  
HELX_P HELX_P5 AA5 ASP A 37 ? GLY A 42  ? ASP A 377 GLY A 382 1 ? 6  
HELX_P HELX_P6 AA6 ASP A 45 ? ILE A 50  ? ASP A 385 ILE A 390 1 ? 6  
HELX_P HELX_P7 AA7 ASP A 55 ? ASN A 65  ? ASP A 395 ASN A 405 1 ? 11 
HELX_P HELX_P8 AA8 ASP A 70 ? ASN A 89  ? ASP A 410 ASN A 429 1 ? 20 
HELX_P HELX_P9 AA9 HIS A 93 ? ALA A 111 ? HIS A 433 ALA A 451 1 ? 19 
# 
_struct_conf_type.id          HELX_P 
_struct_conf_type.criteria    ? 
_struct_conf_type.reference   ? 
# 
loop_
_struct_site.id 
_struct_site.pdbx_evidence_code 
_struct_site.pdbx_auth_asym_id 
_struct_site.pdbx_auth_comp_id 
_struct_site.pdbx_auth_seq_id 
_struct_site.pdbx_auth_ins_code 
_struct_site.pdbx_num_residues 
_struct_site.details 
AC1 Software A PGE 601 ? 6  'binding site for residue PGE A 601' 
AC2 Software A BUX 602 ? 10 'binding site for residue BUX A 602' 
# 
loop_
_struct_site_gen.id 
_struct_site_gen.site_id 
_struct_site_gen.pdbx_num_res 
_struct_site_gen.label_comp_id 
_struct_site_gen.label_asym_id 
_struct_site_gen.label_seq_id 
_struct_site_gen.pdbx_auth_ins_code 
_struct_site_gen.auth_comp_id 
_struct_site_gen.auth_asym_id 
_struct_site_gen.auth_seq_id 
_struct_site_gen.label_atom_id 
_struct_site_gen.label_alt_id 
_struct_site_gen.symmetry 
_struct_site_gen.details 
1  AC1 6  PRO A 7  ? PRO A 347 . ? 1_555 ? 
2  AC1 6  LYS A 11 ? LYS A 351 . ? 1_555 ? 
3  AC1 6  GLU A 64 ? GLU A 404 . ? 1_555 ? 
4  AC1 6  HOH D .  ? HOH A 735 . ? 1_555 ? 
5  AC1 6  HOH D .  ? HOH A 763 . ? 1_555 ? 
6  AC1 6  HOH D .  ? HOH A 775 . ? 1_555 ? 
7  AC2 10 PRO A 31 ? PRO A 371 . ? 1_555 ? 
8  AC2 10 PHE A 32 ? PHE A 372 . ? 1_555 ? 
9  AC2 10 VAL A 36 ? VAL A 376 . ? 1_555 ? 
10 AC2 10 LEU A 41 ? LEU A 381 . ? 1_555 ? 
11 AC2 10 LEU A 43 ? LEU A 383 . ? 1_555 ? 
12 AC2 10 CYS A 85 ? CYS A 425 . ? 1_555 ? 
13 AC2 10 TYR A 88 ? TYR A 428 . ? 1_555 ? 
14 AC2 10 ASN A 89 ? ASN A 429 . ? 1_555 ? 
15 AC2 10 HOH D .  ? HOH A 701 . ? 1_555 ? 
16 AC2 10 HOH D .  ? HOH A 825 . ? 1_555 ? 
# 
_atom_sites.entry_id                    7EO5 
_atom_sites.Cartn_transf_matrix[1][1]   ? 
_atom_sites.Cartn_transf_matrix[1][2]   ? 
_atom_sites.Cartn_transf_matrix[1][3]   ? 
_atom_sites.Cartn_transf_matrix[2][1]   ? 
_atom_sites.Cartn_transf_matrix[2][2]   ? 
_atom_sites.Cartn_transf_matrix[2][3]   ? 
_atom_sites.Cartn_transf_matrix[3][1]   ? 
_atom_sites.Cartn_transf_matrix[3][2]   ? 
_atom_sites.Cartn_transf_matrix[3][3]   ? 
_atom_sites.Cartn_transf_vector[1]      ? 
_atom_sites.Cartn_transf_vector[2]      ? 
_atom_sites.Cartn_transf_vector[3]      ? 
_atom_sites.fract_transf_matrix[1][1]   0.00326987 
_atom_sites.fract_transf_matrix[1][2]   -0.00283363 
_atom_sites.fract_transf_matrix[1][3]   -0.01869892 
_atom_sites.fract_transf_matrix[2][1]   0.01279522 
_atom_sites.fract_transf_matrix[2][2]   -0.00500210 
_atom_sites.fract_transf_matrix[2][3]   0.00299551 
_atom_sites.fract_transf_matrix[3][1]   -0.01186849 
_atom_sites.fract_transf_matrix[3][2]   -0.02897284 
_atom_sites.fract_transf_matrix[3][3]   0.00231510 
_atom_sites.fract_transf_vector[1]      0.314727 
_atom_sites.fract_transf_vector[2]      0.043233 
_atom_sites.fract_transf_vector[3]      0.482751 
_atom_sites.solution_primary            ? 
_atom_sites.solution_secondary          ? 
_atom_sites.solution_hydrogens          ? 
_atom_sites.special_details             ? 
# 
loop_
_atom_type.symbol 
_atom_type.scat_dispersion_real 
_atom_type.scat_dispersion_imag 
_atom_type.scat_Cromer_Mann_a1 
_atom_type.scat_Cromer_Mann_a2 
_atom_type.scat_Cromer_Mann_a3 
_atom_type.scat_Cromer_Mann_a4 
_atom_type.scat_Cromer_Mann_b1 
_atom_type.scat_Cromer_Mann_b2 
_atom_type.scat_Cromer_Mann_b3 
_atom_type.scat_Cromer_Mann_b4 
_atom_type.scat_Cromer_Mann_c 
_atom_type.scat_source 
_atom_type.scat_dispersion_source 
C  ? ? 3.54356 2.42580 ? ? 25.62398 1.50364  ? ? 0.0 
;2-Gaussian fit: Grosse-Kunstleve RW, Sauter NK, Adams PD: Newsletter of the IUCr Commission on Crystallographic Computing 2004, 3, 22-31.
;
? 
CL ? ? 9.50761 7.44341 ? ? 1.04373  23.83732 ? ? 0.0 
;2-Gaussian fit: Grosse-Kunstleve RW, Sauter NK, Adams PD: Newsletter of the IUCr Commission on Crystallographic Computing 2004, 3, 22-31.
;
? 
N  ? ? 4.01032 2.96436 ? ? 19.97189 1.75589  ? ? 0.0 
;2-Gaussian fit: Grosse-Kunstleve RW, Sauter NK, Adams PD: Newsletter of the IUCr Commission on Crystallographic Computing 2004, 3, 22-31.
;
? 
O  ? ? 4.49882 3.47563 ? ? 15.80542 1.70748  ? ? 0.0 
;2-Gaussian fit: Grosse-Kunstleve RW, Sauter NK, Adams PD: Newsletter of the IUCr Commission on Crystallographic Computing 2004, 3, 22-31.
;
? 
S  ? ? 9.55732 6.39887 ? ? 1.23737  29.19336 ? ? 0.0 
;2-Gaussian fit: Grosse-Kunstleve RW, Sauter NK, Adams PD: Newsletter of the IUCr Commission on Crystallographic Computing 2004, 3, 22-31.
;
? 
# 
loop_
_atom_site.group_PDB 
_atom_site.id 
_atom_site.type_symbol 
_atom_site.label_atom_id 
_atom_site.label_alt_id 
_atom_site.label_comp_id 
_atom_site.label_asym_id 
_atom_site.label_entity_id 
_atom_site.label_seq_id 
_atom_site.pdbx_PDB_ins_code 
_atom_site.Cartn_x 
_atom_site.Cartn_y 
_atom_site.Cartn_z 
_atom_site.occupancy 
_atom_site.B_iso_or_equiv 
_atom_site.pdbx_formal_charge 
_atom_site.auth_seq_id 
_atom_site.auth_comp_id 
_atom_site.auth_asym_id 
_atom_site.auth_atom_id 
_atom_site.pdbx_PDB_model_num 
ATOM   1    N  N   . ALA A 1 1   ? -1.83226  -21.78513 -8.08862  0.000 23.28836 ? 341 ALA A N   1 
ATOM   2    C  CA  . ALA A 1 1   ? -0.65681  -22.23286 -8.81957  0.000 22.17916 ? 341 ALA A CA  1 
ATOM   3    C  C   . ALA A 1 1   ? 0.60993   -21.75334 -8.13653  0.000 22.02239 ? 341 ALA A C   1 
ATOM   4    O  O   . ALA A 1 1   ? 1.23604   -20.78928 -8.57768  0.000 22.15028 ? 341 ALA A O   1 
ATOM   5    C  CB  . ALA A 1 1   ? -0.69911  -21.74012 -10.25137 0.000 22.33012 ? 341 ALA A CB  1 
ATOM   6    N  N   . ALA A 1 2   ? 0.97927   -22.42759 -7.05017  0.000 22.13832 ? 342 ALA A N   1 
ATOM   7    C  CA  . ALA A 1 2   ? 2.22445   -22.11661 -6.36490  0.000 22.27134 ? 342 ALA A CA  1 
ATOM   8    C  C   . ALA A 1 2   ? 3.40855   -22.39692 -7.27891  0.000 21.32369 ? 342 ALA A C   1 
ATOM   9    O  O   . ALA A 1 2   ? 3.78584   -23.55513 -7.48185  0.000 20.74778 ? 342 ALA A O   1 
ATOM   10   C  CB  . ALA A 1 2   ? 2.34709   -22.91586 -5.06635  0.000 22.20965 ? 342 ALA A CB  1 
ATOM   11   N  N   . HIS A 1 3   ? 3.98023   -21.34458 -7.85303  0.000 21.71179 ? 343 HIS A N   1 
ATOM   12   C  CA  . HIS A 1 3   ? 5.20341   -21.47057 -8.62597  0.000 21.94486 ? 343 HIS A CA  1 
ATOM   13   C  C   . HIS A 1 3   ? 6.40070   -21.47031 -7.68413  0.000 23.02340 ? 343 HIS A C   1 
ATOM   14   O  O   . HIS A 1 3   ? 6.34385   -20.92608 -6.57553  0.000 23.87089 ? 343 HIS A O   1 
ATOM   15   C  CB  . HIS A 1 3   ? 5.31014   -20.32350 -9.63560  0.000 22.73016 ? 343 HIS A CB  1 
ATOM   16   C  CG  . HIS A 1 3   ? 6.32464   -20.54545 -10.71618 0.000 22.29339 ? 343 HIS A CG  1 
ATOM   17   N  ND1 . HIS A 1 3   ? 7.67671   -20.37413 -10.51611 0.000 22.50479 ? 343 HIS A ND1 1 
ATOM   18   C  CD2 . HIS A 1 3   ? 6.18118   -20.90025 -12.01511 0.000 22.47384 ? 343 HIS A CD2 1 
ATOM   19   C  CE1 . HIS A 1 3   ? 8.32488   -20.62510 -11.63843 0.000 21.53138 ? 343 HIS A CE1 1 
ATOM   20   N  NE2 . HIS A 1 3   ? 7.44006   -20.94690 -12.56442 0.000 22.08330 ? 343 HIS A NE2 1 
ATOM   21   N  N   . GLY A 1 4   ? 7.48726   -22.10980 -8.12359  0.000 21.92055 ? 344 GLY A N   1 
ATOM   22   C  CA  . GLY A 1 4   ? 8.72584   -22.03264 -7.36760  0.000 22.25162 ? 344 GLY A CA  1 
ATOM   23   C  C   . GLY A 1 4   ? 9.25598   -20.62227 -7.23751  0.000 25.39638 ? 344 GLY A C   1 
ATOM   24   O  O   . GLY A 1 4   ? 10.01425  -20.33033 -6.30614  0.000 24.57766 ? 344 GLY A O   1 
ATOM   25   N  N   . SER A 1 5   ? 8.86398   -19.73841 -8.15255  1.000 40.42284 ? 345 SER A N   1 
ATOM   26   C  CA  . SER A 1 5   ? 9.25389   -18.33584 -8.07541  1.000 37.20357 ? 345 SER A CA  1 
ATOM   27   C  C   . SER A 1 5   ? 8.53484   -17.60779 -6.95000  1.000 33.97298 ? 345 SER A C   1 
ATOM   28   O  O   . SER A 1 5   ? 9.04050   -16.58829 -6.46745  1.000 30.58108 ? 345 SER A O   1 
ATOM   29   C  CB  . SER A 1 5   ? 8.94393   -17.61562 -9.39022  1.000 40.94476 ? 345 SER A CB  1 
ATOM   30   O  OG  . SER A 1 5   ? 7.59990   -17.85991 -9.77437  1.000 46.13531 ? 345 SER A OG  1 
ATOM   31   N  N   . ASN A 1 6   ? 7.35024   -18.08778 -6.54403  1.000 33.53573 ? 346 ASN A N   1 
ATOM   32   C  CA  . ASN A 1 6   ? 6.52343   -17.31996 -5.61492  1.000 31.46303 ? 346 ASN A CA  1 
ATOM   33   C  C   . ASN A 1 6   ? 7.26292   -16.92193 -4.33903  1.000 30.39194 ? 346 ASN A C   1 
ATOM   34   O  O   . ASN A 1 6   ? 7.22021   -15.73417 -3.98783  1.000 25.26789 ? 346 ASN A O   1 
ATOM   35   C  CB  . ASN A 1 6   ? 5.21932   -18.07381 -5.30374  1.000 33.03140 ? 346 ASN A CB  1 
ATOM   36   C  CG  . ASN A 1 6   ? 4.17709   -17.96555 -6.43448  1.000 49.95826 ? 346 ASN A CG  1 
ATOM   37   O  OD1 . ASN A 1 6   ? 4.25573   -17.07923 -7.30148  1.000 26.05455 ? 346 ASN A OD1 1 
ATOM   38   N  ND2 . ASN A 1 6   ? 3.17774   -18.85173 -6.40237  1.000 33.86871 ? 346 ASN A ND2 1 
ATOM   39   N  N   . PRO A 1 7   ? 7.98105   -17.81034 -3.63238  1.000 35.11715 ? 347 PRO A N   1 
ATOM   40   C  CA  . PRO A 1 7   ? 8.67782   -17.34512 -2.41571  1.000 26.13536 ? 347 PRO A CA  1 
ATOM   41   C  C   . PRO A 1 7   ? 9.73274   -16.28965 -2.70105  1.000 25.09638 ? 347 PRO A C   1 
ATOM   42   O  O   . PRO A 1 7   ? 9.80774   -15.29075 -1.97947  1.000 22.48606 ? 347 PRO A O   1 
ATOM   43   C  CB  . PRO A 1 7   ? 9.29749   -18.62862 -1.84299  1.000 34.01240 ? 347 PRO A CB  1 
ATOM   44   C  CG  . PRO A 1 7   ? 8.56052   -19.75433 -2.50294  1.000 42.34405 ? 347 PRO A CG  1 
ATOM   45   C  CD  . PRO A 1 7   ? 8.18393   -19.25318 -3.85854  1.000 31.13119 ? 347 PRO A CD  1 
ATOM   46   N  N   . GLU A 1 8   ? 10.53705  -16.46537 -3.74814  0.750 12.17330 ? 348 GLU A N   1 
ATOM   47   C  CA  . GLU A 1 8   ? 11.53986  -15.45856 -4.07186  0.750 15.12316 ? 348 GLU A CA  1 
ATOM   48   C  C   . GLU A 1 8   ? 10.89567  -14.12232 -4.42264  0.750 18.91130 ? 348 GLU A C   1 
ATOM   49   O  O   . GLU A 1 8   ? 11.37564  -13.06272 -4.00744  0.750 10.56880 ? 348 GLU A O   1 
ATOM   50   C  CB  . GLU A 1 8   ? 12.41612  -15.95245 -5.21978  0.750 20.60752 ? 348 GLU A CB  1 
ATOM   51   C  CG  . GLU A 1 8   ? 13.43734  -14.94373 -5.62586  0.750 18.74962 ? 348 GLU A CG  1 
ATOM   52   C  CD  . GLU A 1 8   ? 14.33232  -15.41311 -6.74419  0.750 29.72174 ? 348 GLU A CD  1 
ATOM   53   O  OE1 . GLU A 1 8   ? 13.96755  -16.39031 -7.42842  0.750 38.19292 ? 348 GLU A OE1 1 
ATOM   54   O  OE2 . GLU A 1 8   ? 15.39572  -14.78771 -6.94822  0.750 23.92514 ? 348 GLU A OE2 1 
ATOM   55   N  N   . GLN A 1 9   ? 9.81290   -14.15070 -5.20151  1.000 17.60428 ? 349 GLN A N   1 
ATOM   56   C  CA  . GLN A 1 9   ? 9.08715   -12.92742 -5.51778  1.000 14.95660 ? 349 GLN A CA  1 
ATOM   57   C  C   . GLN A 1 9   ? 8.43619   -12.33214 -4.28138  1.000 13.77048 ? 349 GLN A C   1 
ATOM   58   O  O   . GLN A 1 9   ? 8.36525   -11.10830 -4.15709  1.000 13.14853 ? 349 GLN A O   1 
ATOM   59   C  CB  . GLN A 1 9   ? 8.03981   -13.20590 -6.59654  1.000 14.43613 ? 349 GLN A CB  1 
ATOM   60   C  CG  . GLN A 1 9   ? 8.65495   -13.64652 -7.93053  1.000 15.40576 ? 349 GLN A CG  1 
ATOM   61   C  CD  . GLN A 1 9   ? 7.67488   -13.57596 -9.08654  1.000 24.58111 ? 349 GLN A CD  1 
ATOM   62   O  OE1 . GLN A 1 9   ? 6.46373   -13.70721 -8.89878  1.000 26.52289 ? 349 GLN A OE1 1 
ATOM   63   N  NE2 . GLN A 1 9   ? 8.19910   -13.40164 -10.29534 1.000 26.66474 ? 349 GLN A NE2 1 
ATOM   64   N  N   . LEU A 1 10  ? 7.97965   -13.17300 -3.35295  1.000 11.48662 ? 350 LEU A N   1 
ATOM   65   C  CA  . LEU A 1 10  ? 7.41573   -12.65361 -2.11534  1.000 12.16846 ? 350 LEU A CA  1 
ATOM   66   C  C   . LEU A 1 10  ? 8.48497   -11.99831 -1.23586  1.000 10.14067 ? 350 LEU A C   1 
ATOM   67   O  O   . LEU A 1 10  ? 8.18282   -11.05236 -0.49436  1.000 9.14947  ? 350 LEU A O   1 
ATOM   68   C  CB  . LEU A 1 10  ? 6.69595   -13.78442 -1.38512  1.000 15.77670 ? 350 LEU A CB  1 
ATOM   69   C  CG  . LEU A 1 10  ? 5.31304   -14.05675 -1.98775  1.000 19.45252 ? 350 LEU A CG  1 
ATOM   70   C  CD1 . LEU A 1 10  ? 4.68999   -15.24522 -1.33313  1.000 17.73153 ? 350 LEU A CD1 1 
ATOM   71   C  CD2 . LEU A 1 10  ? 4.41775   -12.85919 -1.81279  1.000 11.78091 ? 350 LEU A CD2 1 
ATOM   72   N  N   . LYS A 1 11  ? 9.73552   -12.46372 -1.31979  1.000 15.50248 ? 351 LYS A N   1 
ATOM   73   C  CA  . LYS A 1 11  ? 10.83126  -11.77530 -0.63788  1.000 10.31271 ? 351 LYS A CA  1 
ATOM   74   C  C   . LYS A 1 11  ? 11.04194  -10.37564 -1.20136  1.000 11.55715 ? 351 LYS A C   1 
ATOM   75   O  O   . LYS A 1 11  ? 11.24201  -9.41883  -0.44102  1.000 13.75142 ? 351 LYS A O   1 
ATOM   76   C  CB  . LYS A 1 11  ? 12.11044  -12.59577 -0.77621  1.000 18.56697 ? 351 LYS A CB  1 
ATOM   77   C  CG  . LYS A 1 11  ? 12.06614  -13.93728 -0.05612  1.000 19.67770 ? 351 LYS A CG  1 
ATOM   78   C  CD  . LYS A 1 11  ? 12.27167  -13.77026 1.42874   1.000 19.38506 ? 351 LYS A CD  1 
ATOM   79   C  CE  . LYS A 1 11  ? 12.46131  -15.11977 2.12082   1.000 28.96401 ? 351 LYS A CE  1 
ATOM   80   N  NZ  . LYS A 1 11  ? 11.41970  -15.33160 3.15517   1.000 27.47904 ? 351 LYS A NZ  1 
ATOM   81   N  N   . HIS A 1 12  ? 11.05786  -10.24483 -2.53381  1.000 8.30413  ? 352 HIS A N   1 
ATOM   82   C  CA  . HIS A 1 12  ? 11.15486  -8.92217  -3.14419  1.000 12.58030 ? 352 HIS A CA  1 
ATOM   83   C  C   . HIS A 1 12  ? 10.01131  -8.02116  -2.68452  1.000 7.83906  ? 352 HIS A C   1 
ATOM   84   O  O   . HIS A 1 12  ? 10.23201  -6.85819  -2.32973  1.000 12.79173 ? 352 HIS A O   1 
ATOM   85   C  CB  . HIS A 1 12  ? 11.17799  -9.04476  -4.67265  1.000 13.20595 ? 352 HIS A CB  1 
ATOM   86   C  CG  . HIS A 1 12  ? 11.35477  -7.73170  -5.37953  1.000 14.36936 ? 352 HIS A CG  1 
ATOM   87   N  ND1 . HIS A 1 12  ? 12.53413  -7.01636  -5.34425  1.000 17.97407 ? 352 HIS A ND1 1 
ATOM   88   C  CD2 . HIS A 1 12  ? 10.49851  -7.00192  -6.13512  1.000 15.69025 ? 352 HIS A CD2 1 
ATOM   89   C  CE1 . HIS A 1 12  ? 12.39235  -5.89865  -6.03886  1.000 25.37250 ? 352 HIS A CE1 1 
ATOM   90   N  NE2 . HIS A 1 12  ? 11.16720  -5.86691  -6.53301  1.000 13.56487 ? 352 HIS A NE2 1 
ATOM   91   N  N   . CYS A 1 13  ? 8.78987   -8.55626  -2.64979  1.000 8.21845  ? 353 CYS A N   1 
ATOM   92   C  CA  . CYS A 1 13  ? 7.64853   -7.80350  -2.13822  1.000 15.15368 ? 353 CYS A CA  1 
ATOM   93   C  C   . CYS A 1 13  ? 7.86000   -7.36126  -0.69247  1.000 8.44294  ? 353 CYS A C   1 
ATOM   94   O  O   . CYS A 1 13  ? 7.53638   -6.22378  -0.32991  1.000 7.83617  ? 353 CYS A O   1 
ATOM   95   C  CB  . CYS A 1 13  ? 6.37835   -8.65170  -2.24079  1.000 12.44347 ? 353 CYS A CB  1 
ATOM   96   S  SG  . CYS A 1 13  ? 5.80192   -8.92041  -3.94404  1.000 12.60814 ? 353 CYS A SG  1 
ATOM   97   N  N   . ASN A 1 14  ? 8.35232   -8.26285  0.15819   1.000 8.24977  ? 354 ASN A N   1 
ATOM   98   C  CA  . ASN A 1 14  ? 8.62521   -7.88464  1.53893   1.000 12.08870 ? 354 ASN A CA  1 
ATOM   99   C  C   . ASN A 1 14  ? 9.70042   -6.79808  1.61538   1.000 9.20656  ? 354 ASN A C   1 
ATOM   100  O  O   . ASN A 1 14  ? 9.66031   -5.94169  2.50942   1.000 8.18624  ? 354 ASN A O   1 
ATOM   101  C  CB  . ASN A 1 14  ? 9.04394   -9.10540  2.33920   1.000 10.83597 ? 354 ASN A CB  1 
ATOM   102  C  CG  . ASN A 1 14  ? 8.89633   -8.88608  3.83743   1.000 18.67151 ? 354 ASN A CG  1 
ATOM   103  O  OD1 . ASN A 1 14  ? 7.90475   -8.34150  4.29437   1.000 11.59127 ? 354 ASN A OD1 1 
ATOM   104  N  ND2 . ASN A 1 14  ? 9.88960   -9.29870  4.59466   1.000 13.29200 ? 354 ASN A ND2 1 
ATOM   105  N  N   . GLY A 1 15  ? 10.68536  -6.84069  0.71110   1.000 8.49349  ? 355 GLY A N   1 
ATOM   106  C  CA  . GLY A 1 15  ? 11.68523  -5.78401  0.67366   1.000 10.91581 ? 355 GLY A CA  1 
ATOM   107  C  C   . GLY A 1 15  ? 11.07891  -4.44154  0.30641   1.000 13.56472 ? 355 GLY A C   1 
ATOM   108  O  O   . GLY A 1 15  ? 11.35419  -3.42298  0.94500   1.000 10.63884 ? 355 GLY A O   1 
ATOM   109  N  N   . ILE A 1 16  ? 10.22220  -4.43003  -0.71582  1.000 9.06157  ? 356 ILE A N   1 
ATOM   110  C  CA  . ILE A 1 16  ? 9.48288   -3.21373  -1.06640  1.000 8.47634  ? 356 ILE A CA  1 
ATOM   111  C  C   . ILE A 1 16  ? 8.71531   -2.70681  0.14250   1.000 9.18581  ? 356 ILE A C   1 
ATOM   112  O  O   . ILE A 1 16  ? 8.73921   -1.51453  0.46546   1.000 9.26293  ? 356 ILE A O   1 
ATOM   113  C  CB  . ILE A 1 16  ? 8.52877   -3.49497  -2.24344  1.000 8.91770  ? 356 ILE A CB  1 
ATOM   114  C  CG1 . ILE A 1 16  ? 9.31342   -3.84010  -3.51551  1.000 11.82765 ? 356 ILE A CG1 1 
ATOM   115  C  CG2 . ILE A 1 16  ? 7.58716   -2.29011  -2.46724  1.000 11.64331 ? 356 ILE A CG2 1 
ATOM   116  C  CD1 . ILE A 1 16  ? 8.48066   -4.51194  -4.61966  1.000 12.63032 ? 356 ILE A CD1 1 
ATOM   117  N  N   . LEU A 1 17  ? 8.00138   -3.61573  0.81557   1.000 7.42020  ? 357 LEU A N   1 
ATOM   118  C  CA  . LEU A 1 17  ? 7.18303   -3.24038  1.96995   1.000 11.58126 ? 357 LEU A CA  1 
ATOM   119  C  C   . LEU A 1 17  ? 8.03056   -2.61354  3.06601   1.000 11.43241 ? 357 LEU A C   1 
ATOM   120  O  O   . LEU A 1 17  ? 7.67084   -1.57712  3.63158   1.000 13.81419 ? 357 LEU A O   1 
ATOM   121  C  CB  . LEU A 1 17  ? 6.44610   -4.47039  2.50074   1.000 9.96874  ? 357 LEU A CB  1 
ATOM   122  C  CG  . LEU A 1 17  ? 5.69586   -4.30708  3.81798   1.000 15.63623 ? 357 LEU A CG  1 
ATOM   123  C  CD1 . LEU A 1 17  ? 4.64820   -3.17857  3.70468   1.000 13.27127 ? 357 LEU A CD1 1 
ATOM   124  C  CD2 . LEU A 1 17  ? 5.07244   -5.62180  4.18895   1.000 13.97912 ? 357 LEU A CD2 1 
ATOM   125  N  N   . LYS A 1 18  ? 9.16392   -3.23291  3.38073   1.000 14.78554 ? 358 LYS A N   1 
ATOM   126  C  CA  . LYS A 1 18  ? 10.07004  -2.63681  4.34965   1.000 12.63618 ? 358 LYS A CA  1 
ATOM   127  C  C   . LYS A 1 18  ? 10.50458  -1.24017  3.90598   1.000 8.94691  ? 358 LYS A C   1 
ATOM   128  O  O   . LYS A 1 18  ? 10.51757  -0.30026  4.71436   1.000 10.44845 ? 358 LYS A O   1 
ATOM   129  C  CB  . LYS A 1 18  ? 11.27809  -3.55196  4.55886   1.000 10.65667 ? 358 LYS A CB  1 
ATOM   130  C  CG  . LYS A 1 18  ? 10.98486  -4.78208  5.42202   1.000 22.55177 ? 358 LYS A CG  1 
ATOM   131  C  CD  . LYS A 1 18  ? 10.63241  -4.37950  6.87593   1.000 27.09269 ? 358 LYS A CD  1 
ATOM   132  C  CE  . LYS A 1 18  ? 11.80109  -3.63618  7.53953   1.000 41.45653 ? 358 LYS A CE  1 
ATOM   133  N  NZ  . LYS A 1 18  ? 11.95319  -3.90307  9.00823   1.000 48.14974 ? 358 LYS A NZ  1 
ATOM   134  N  N   . GLU A 1 19  ? 10.83169  -1.07273  2.62194   1.000 11.65148 ? 359 GLU A N   1 
ATOM   135  C  CA  . GLU A 1 19  ? 11.25371  0.24145   2.14121   1.000 12.41485 ? 359 GLU A CA  1 
ATOM   136  C  C   . GLU A 1 19  ? 10.14482  1.28264   2.28813   1.000 15.98043 ? 359 GLU A C   1 
ATOM   137  O  O   . GLU A 1 19  ? 10.39790  2.40692   2.74354   1.000 11.30756 ? 359 GLU A O   1 
ATOM   138  C  CB  . GLU A 1 19  ? 11.73170  0.17405   0.68728   1.000 8.33057  ? 359 GLU A CB  1 
ATOM   139  C  CG  . GLU A 1 19  ? 12.22644  1.55717   0.23129   1.000 9.39334  ? 359 GLU A CG  1 
ATOM   140  C  CD  . GLU A 1 19  ? 12.76152  1.64649   -1.17885  1.000 9.35676  ? 359 GLU A CD  1 
ATOM   141  O  OE1 . GLU A 1 19  ? 12.99713  0.60719   -1.82030  1.000 12.20691 ? 359 GLU A OE1 1 
ATOM   142  O  OE2 . GLU A 1 19  ? 12.94600  2.79525   -1.63942  1.000 14.36861 ? 359 GLU A OE2 1 
ATOM   143  N  N   . LEU A 1 20  ? 8.90862   0.93694   1.88934   1.000 9.60722  ? 360 LEU A N   1 
ATOM   144  C  CA  . LEU A 1 20  ? 7.79569   1.87948   2.02987   1.000 8.58045  ? 360 LEU A CA  1 
ATOM   145  C  C   . LEU A 1 20  ? 7.60011   2.30852   3.47324   1.000 10.54676 ? 360 LEU A C   1 
ATOM   146  O  O   . LEU A 1 20  ? 7.15090   3.43038   3.73239   1.000 10.74336 ? 360 LEU A O   1 
ATOM   147  C  CB  . LEU A 1 20  ? 6.49319   1.27301   1.50134   1.000 7.98848  ? 360 LEU A CB  1 
ATOM   148  C  CG  . LEU A 1 20  ? 6.51766   0.80742   0.02860   1.000 8.89868  ? 360 LEU A CG  1 
ATOM   149  C  CD1 . LEU A 1 20  ? 5.19035   0.19873   -0.37191  1.000 14.55856 ? 360 LEU A CD1 1 
ATOM   150  C  CD2 . LEU A 1 20  ? 6.86997   1.97069   -0.88482  1.000 12.61650 ? 360 LEU A CD2 1 
ATOM   151  N  N   . LEU A 1 21  ? 7.91188   1.42915   4.41893   1.000 11.55151 ? 361 LEU A N   1 
ATOM   152  C  CA  . LEU A 1 21  ? 7.80552   1.71714   5.83648   1.000 12.27223 ? 361 LEU A CA  1 
ATOM   153  C  C   . LEU A 1 21  ? 9.04762   2.39666   6.41980   1.000 17.33949 ? 361 LEU A C   1 
ATOM   154  O  O   . LEU A 1 21  ? 9.05710   2.70275   7.61758   1.000 13.45399 ? 361 LEU A O   1 
ATOM   155  C  CB  . LEU A 1 21  ? 7.52094   0.41967   6.59769   1.000 10.76931 ? 361 LEU A CB  1 
ATOM   156  C  CG  . LEU A 1 21  ? 6.11632   -0.13178  6.35307   1.000 17.08687 ? 361 LEU A CG  1 
ATOM   157  C  CD1 . LEU A 1 21  ? 5.98296   -1.49129  7.01345   1.000 15.91704 ? 361 LEU A CD1 1 
ATOM   158  C  CD2 . LEU A 1 21  ? 5.08571   0.83867   6.89201   1.000 14.92477 ? 361 LEU A CD2 1 
ATOM   159  N  N   . SER A 1 22  ? 10.09157  2.63270   5.62629   1.000 9.47831  ? 362 SER A N   1 
ATOM   160  C  CA  . SER A 1 22  ? 11.35656  3.08825   6.19118   1.000 10.95215 ? 362 SER A CA  1 
ATOM   161  C  C   . SER A 1 22  ? 11.38722  4.61380   6.32535   1.000 16.22945 ? 362 SER A C   1 
ATOM   162  O  O   . SER A 1 22  ? 10.58119  5.34218   5.74478   1.000 9.48538  ? 362 SER A O   1 
ATOM   163  C  CB  . SER A 1 22  ? 12.52581  2.60662   5.32839   1.000 11.47612 ? 362 SER A CB  1 
ATOM   164  O  OG  . SER A 1 22  ? 12.54956  3.28169   4.08602   1.000 17.45287 ? 362 SER A OG  1 
ATOM   165  N  N   . LYS A 1 23  ? 12.36453  5.10599   7.08097   1.000 19.04053 ? 363 LYS A N   1 
ATOM   166  C  CA  . LYS A 1 23  ? 12.46470  6.54267   7.29911   1.000 16.34169 ? 363 LYS A CA  1 
ATOM   167  C  C   . LYS A 1 23  ? 12.82538  7.29122   6.02748   1.000 21.73006 ? 363 LYS A C   1 
ATOM   168  O  O   . LYS A 1 23  ? 12.49342  8.47800   5.91307   1.000 15.55948 ? 363 LYS A O   1 
ATOM   169  C  CB  . LYS A 1 23  ? 13.47714  6.82899   8.41296   1.000 22.95417 ? 363 LYS A CB  1 
ATOM   170  C  CG  . LYS A 1 23  ? 13.06307  6.21439   9.75709   1.000 33.53962 ? 363 LYS A CG  1 
ATOM   171  C  CD  . LYS A 1 23  ? 11.56858  6.44962   10.05705  1.000 42.75676 ? 363 LYS A CD  1 
ATOM   172  C  CE  . LYS A 1 23  ? 10.65883  5.22276   9.77049   1.000 41.19710 ? 363 LYS A CE  1 
ATOM   173  N  NZ  . LYS A 1 23  ? 9.23829   5.64801   9.53002   1.000 28.63700 ? 363 LYS A NZ  1 
ATOM   174  N  N   . LYS A 1 24  ? 13.45515  6.60735   5.06349   1.000 12.83962 ? 364 LYS A N   1 
ATOM   175  C  CA  . LYS A 1 24  ? 13.71781  7.18561   3.74197   1.000 19.42948 ? 364 LYS A CA  1 
ATOM   176  C  C   . LYS A 1 24  ? 12.49037  7.88126   3.15532   1.000 13.96392 ? 364 LYS A C   1 
ATOM   177  O  O   . LYS A 1 24  ? 12.60346  8.93493   2.51895   1.000 16.21093 ? 364 LYS A O   1 
ATOM   178  C  CB  . LYS A 1 24  ? 14.17361  6.07937   2.79124   1.000 25.00410 ? 364 LYS A CB  1 
ATOM   179  C  CG  . LYS A 1 24  ? 14.58320  6.53620   1.40170   1.000 31.12720 ? 364 LYS A CG  1 
ATOM   180  C  CD  . LYS A 1 24  ? 15.37086  5.42438   0.71179   1.000 29.75786 ? 364 LYS A CD  1 
ATOM   181  C  CE  . LYS A 1 24  ? 15.82743  5.80961   -0.71159  1.000 43.91598 ? 364 LYS A CE  1 
ATOM   182  N  NZ  . LYS A 1 24  ? 16.44496  7.17362   -0.83576  1.000 45.48570 ? 364 LYS A NZ  1 
ATOM   183  N  N   . HIS A 1 25  ? 11.31120  7.29611   3.33065   1.000 12.29263 ? 365 HIS A N   1 
ATOM   184  C  CA  . HIS A 1 25  ? 10.10020  7.83155   2.71710   1.000 13.22901 ? 365 HIS A CA  1 
ATOM   185  C  C   . HIS A 1 25  ? 9.07380   8.31420   3.72467   1.000 13.73134 ? 365 HIS A C   1 
ATOM   186  O  O   . HIS A 1 25  ? 7.92592   8.55055   3.33964   1.000 11.40567 ? 365 HIS A O   1 
ATOM   187  C  CB  . HIS A 1 25  ? 9.44828   6.79741   1.79421   1.000 16.90273 ? 365 HIS A CB  1 
ATOM   188  C  CG  . HIS A 1 25  ? 10.39640  6.14570   0.84215   1.000 17.29992 ? 365 HIS A CG  1 
ATOM   189  N  ND1 . HIS A 1 25  ? 10.96256  6.82821   -0.21254  1.000 13.92718 ? 365 HIS A ND1 1 
ATOM   190  C  CD2 . HIS A 1 25  ? 10.84613  4.87052   0.75426   1.000 10.06628 ? 365 HIS A CD2 1 
ATOM   191  C  CE1 . HIS A 1 25  ? 11.73562  6.00562   -0.89859  1.000 20.57430 ? 365 HIS A CE1 1 
ATOM   192  N  NE2 . HIS A 1 25  ? 11.68307  4.81341   -0.33187  1.000 12.24295 ? 365 HIS A NE2 1 
ATOM   193  N  N   . ALA A 1 26  ? 9.45134   8.48564   4.99193   1.000 8.70906  ? 366 ALA A N   1 
ATOM   194  C  CA  . ALA A 1 26  ? 8.45310   8.75156   6.02212   1.000 10.50762 ? 366 ALA A CA  1 
ATOM   195  C  C   . ALA A 1 26  ? 7.70904   10.05458  5.78645   1.000 15.65786 ? 366 ALA A C   1 
ATOM   196  O  O   . ALA A 1 26  ? 6.56703   10.19470  6.22874   1.000 10.40198 ? 366 ALA A O   1 
ATOM   197  C  CB  . ALA A 1 26  ? 9.10592   8.76340   7.40859   1.000 15.10600 ? 366 ALA A CB  1 
ATOM   198  N  N   . ALA A 1 27  ? 8.32709   11.02042  5.09124   1.000 23.20861 ? 367 ALA A N   1 
ATOM   199  C  CA  . ALA A 1 27  ? 7.69806   12.32927  4.94968   1.000 17.02543 ? 367 ALA A CA  1 
ATOM   200  C  C   . ALA A 1 27  ? 6.44741   12.28411  4.08977   1.000 15.33774 ? 367 ALA A C   1 
ATOM   201  O  O   . ALA A 1 27  ? 5.60615   13.17080  4.21702   1.000 13.55855 ? 367 ALA A O   1 
ATOM   202  C  CB  . ALA A 1 27  ? 8.67926   13.34272  4.36404   1.000 11.65426 ? 367 ALA A CB  1 
ATOM   203  N  N   . TYR A 1 28  ? 6.32119   11.29754  3.20078   1.000 13.10292 ? 368 TYR A N   1 
ATOM   204  C  CA  . TYR A 1 28  ? 5.11440   11.12200  2.41842   1.000 9.62215  ? 368 TYR A CA  1 
ATOM   205  C  C   . TYR A 1 28  ? 4.44782   9.77147   2.63610   1.000 13.51447 ? 368 TYR A C   1 
ATOM   206  O  O   . TYR A 1 28  ? 3.30920   9.59748   2.19478   1.000 15.44923 ? 368 TYR A O   1 
ATOM   207  C  CB  . TYR A 1 28  ? 5.38823   11.31420  0.90860   1.000 10.41419 ? 368 TYR A CB  1 
ATOM   208  C  CG  . TYR A 1 28  ? 6.71876   10.78591  0.43520   1.000 13.71747 ? 368 TYR A CG  1 
ATOM   209  C  CD1 . TYR A 1 28  ? 7.86728   11.54174  0.56778   1.000 11.05654 ? 368 TYR A CD1 1 
ATOM   210  C  CD2 . TYR A 1 28  ? 6.82912   9.53185   -0.14712  1.000 11.86628 ? 368 TYR A CD2 1 
ATOM   211  C  CE1 . TYR A 1 28  ? 9.07425   11.07115  0.15327   1.000 14.69460 ? 368 TYR A CE1 1 
ATOM   212  C  CE2 . TYR A 1 28  ? 8.04181   9.05029   -0.56913  1.000 10.53981 ? 368 TYR A CE2 1 
ATOM   213  C  CZ  . TYR A 1 28  ? 9.16376   9.83213   -0.41631  1.000 12.23371 ? 368 TYR A CZ  1 
ATOM   214  O  OH  . TYR A 1 28  ? 10.39213  9.37670   -0.82001  1.000 14.16134 ? 368 TYR A OH  1 
ATOM   215  N  N   . ALA A 1 29  ? 5.09921   8.81205   3.30349   1.000 11.94574 ? 369 ALA A N   1 
ATOM   216  C  CA  . ALA A 1 29  ? 4.42772   7.53707   3.53174   1.000 9.78794  ? 369 ALA A CA  1 
ATOM   217  C  C   . ALA A 1 29  ? 3.55415   7.53572   4.76775   1.000 5.67335  ? 369 ALA A C   1 
ATOM   218  O  O   . ALA A 1 29  ? 2.67247   6.67250   4.87910   1.000 11.95768 ? 369 ALA A O   1 
ATOM   219  C  CB  . ALA A 1 29  ? 5.43015   6.38180   3.65804   1.000 9.28216  ? 369 ALA A CB  1 
ATOM   220  N  N   . TRP A 1 30  ? 3.78068   8.45492   5.70876   1.000 13.81465 ? 370 TRP A N   1 
ATOM   221  C  CA  . TRP A 1 30  ? 3.13045   8.32030   7.01207   1.000 15.09028 ? 370 TRP A CA  1 
ATOM   222  C  C   . TRP A 1 30  ? 1.60113   8.25457   6.96260   1.000 9.09377  ? 370 TRP A C   1 
ATOM   223  O  O   . TRP A 1 30  ? 1.02867   7.49157   7.76268   1.000 13.31429 ? 370 TRP A O   1 
ATOM   224  C  CB  . TRP A 1 30  ? 3.62611   9.42438   7.96808   1.000 11.22207 ? 370 TRP A CB  1 
ATOM   225  C  CG  . TRP A 1 30  ? 3.20418   10.78569  7.64049   1.000 9.34311  ? 370 TRP A CG  1 
ATOM   226  C  CD1 . TRP A 1 30  ? 3.92500   11.72223  6.94353   1.000 13.88298 ? 370 TRP A CD1 1 
ATOM   227  C  CD2 . TRP A 1 30  ? 1.94637   11.39868  7.96513   1.000 15.59894 ? 370 TRP A CD2 1 
ATOM   228  N  NE1 . TRP A 1 30  ? 3.18066   12.87762  6.81097   1.000 15.83892 ? 370 TRP A NE1 1 
ATOM   229  C  CE2 . TRP A 1 30  ? 1.97206   12.70730  7.43906   1.000 15.00413 ? 370 TRP A CE2 1 
ATOM   230  C  CE3 . TRP A 1 30  ? 0.80449   10.96902  8.65337   1.000 15.11405 ? 370 TRP A CE3 1 
ATOM   231  C  CZ2 . TRP A 1 30  ? 0.89297   13.59521  7.57917   1.000 21.58114 ? 370 TRP A CZ2 1 
ATOM   232  C  CZ3 . TRP A 1 30  ? -0.26978  11.85416  8.79184   1.000 23.95608 ? 370 TRP A CZ3 1 
ATOM   233  C  CH2 . TRP A 1 30  ? -0.21005  13.15457  8.25059   1.000 17.74087 ? 370 TRP A CH2 1 
ATOM   234  N  N   . PRO A 1 31  ? 0.88083   8.97687   6.09510   1.000 17.06063 ? 371 PRO A N   1 
ATOM   235  C  CA  . PRO A 1 31  ? -0.58913  8.81912   6.09616   1.000 11.79604 ? 371 PRO A CA  1 
ATOM   236  C  C   . PRO A 1 31  ? -1.04999  7.38878   5.83894   1.000 16.99651 ? 371 PRO A C   1 
ATOM   237  O  O   . PRO A 1 31  ? -2.18283  7.05082   6.18439   1.000 15.46126 ? 371 PRO A O   1 
ATOM   238  C  CB  . PRO A 1 31  ? -1.05139  9.75478   4.97284   1.000 12.23093 ? 371 PRO A CB  1 
ATOM   239  C  CG  . PRO A 1 31  ? 0.03231   10.73215  4.82766   1.000 16.90486 ? 371 PRO A CG  1 
ATOM   240  C  CD  . PRO A 1 31  ? 1.30088   9.97655   5.09616   1.000 16.27374 ? 371 PRO A CD  1 
ATOM   241  N  N   . PHE A 1 32  ? -0.20416  6.53023   5.27383   1.000 9.96134  ? 372 PHE A N   1 
ATOM   242  C  CA  . PHE A 1 32  ? -0.58422  5.16885   4.91597   1.000 10.03200 ? 372 PHE A CA  1 
ATOM   243  C  C   . PHE A 1 32  ? -0.08363  4.12251   5.90423   1.000 19.32790 ? 372 PHE A C   1 
ATOM   244  O  O   . PHE A 1 32  ? -0.25723  2.91600   5.66683   1.000 13.10380 ? 372 PHE A O   1 
ATOM   245  C  CB  . PHE A 1 32  ? -0.07529  4.88772   3.50922   1.000 8.17346  ? 372 PHE A CB  1 
ATOM   246  C  CG  . PHE A 1 32  ? -0.42893  5.97672   2.55713   1.000 21.89479 ? 372 PHE A CG  1 
ATOM   247  C  CD1 . PHE A 1 32  ? -1.68928  6.01603   1.99436   1.000 11.49455 ? 372 PHE A CD1 1 
ATOM   248  C  CD2 . PHE A 1 32  ? 0.46805   6.99913   2.27381   1.000 18.30233 ? 372 PHE A CD2 1 
ATOM   249  C  CE1 . PHE A 1 32  ? -2.03931  7.03708   1.13615   1.000 24.59960 ? 372 PHE A CE1 1 
ATOM   250  C  CE2 . PHE A 1 32  ? 0.12063   8.02204   1.41512   1.000 16.32956 ? 372 PHE A CE2 1 
ATOM   251  C  CZ  . PHE A 1 32  ? -1.12966  8.03431   0.84642   1.000 17.63101 ? 372 PHE A CZ  1 
ATOM   252  N  N   . TYR A 1 33  ? 0.50062   4.55443   7.02390   1.000 10.03976 ? 373 TYR A N   1 
ATOM   253  C  CA  . TYR A 1 33  ? 1.08699   3.59602   7.95780   1.000 15.10474 ? 373 TYR A CA  1 
ATOM   254  C  C   . TYR A 1 33  ? 0.02218   2.73875   8.61597   1.000 17.37327 ? 373 TYR A C   1 
ATOM   255  O  O   . TYR A 1 33  ? 0.25580   1.56173   8.88717   1.000 17.42924 ? 373 TYR A O   1 
ATOM   256  C  CB  . TYR A 1 33  ? 1.88739   4.31171   9.04070   1.000 12.26886 ? 373 TYR A CB  1 
ATOM   257  C  CG  . TYR A 1 33  ? 3.24716   4.80032   8.61105   1.000 13.71177 ? 373 TYR A CG  1 
ATOM   258  C  CD1 . TYR A 1 33  ? 3.81143   4.39845   7.39807   1.000 10.12221 ? 373 TYR A CD1 1 
ATOM   259  C  CD2 . TYR A 1 33  ? 3.96920   5.66648   9.42498   1.000 13.58277 ? 373 TYR A CD2 1 
ATOM   260  C  CE1 . TYR A 1 33  ? 5.04720   4.85887   7.00493   1.000 9.08282  ? 373 TYR A CE1 1 
ATOM   261  C  CE2 . TYR A 1 33  ? 5.20963   6.12766   9.04798   1.000 23.58996 ? 373 TYR A CE2 1 
ATOM   262  C  CZ  . TYR A 1 33  ? 5.74607   5.72554   7.83721   1.000 11.50183 ? 373 TYR A CZ  1 
ATOM   263  O  OH  . TYR A 1 33  ? 6.98619   6.18778   7.48082   1.000 15.66225 ? 373 TYR A OH  1 
ATOM   264  N  N   . LYS A 1 34  ? -1.13041  3.31092   8.91811   1.000 12.90070 ? 374 LYS A N   1 
ATOM   265  C  CA  . LYS A 1 34  ? -2.14946  2.65730   9.72075   1.000 14.10821 ? 374 LYS A CA  1 
ATOM   266  C  C   . LYS A 1 34  ? -3.50930  2.83425   9.06640   1.000 11.21302 ? 374 LYS A C   1 
ATOM   267  O  O   . LYS A 1 34  ? -3.69570  3.74928   8.25844   1.000 13.16551 ? 374 LYS A O   1 
ATOM   268  C  CB  . LYS A 1 34  ? -2.16569  3.24862   11.14093  1.000 10.70786 ? 374 LYS A CB  1 
ATOM   269  C  CG  . LYS A 1 34  ? -0.91352  2.90487   11.95062  1.000 27.36472 ? 374 LYS A CG  1 
ATOM   270  C  CD  . LYS A 1 34  ? -0.88541  1.42001   12.31855  1.000 24.84604 ? 374 LYS A CD  1 
ATOM   271  C  CE  . LYS A 1 34  ? 0.50625   0.95577   12.74018  1.000 30.73012 ? 374 LYS A CE  1 
ATOM   272  N  NZ  . LYS A 1 34  ? 1.11407   1.76607   13.84916  1.000 32.85936 ? 374 LYS A NZ  1 
ATOM   273  N  N   . PRO A 1 35  ? -4.49367  2.00794   9.42326   1.000 13.78539 ? 375 PRO A N   1 
ATOM   274  C  CA  . PRO A 1 35  ? -5.82246  2.16178   8.81393   1.000 14.04558 ? 375 PRO A CA  1 
ATOM   275  C  C   . PRO A 1 35  ? -6.36600  3.56318   9.03750   1.000 17.80848 ? 375 PRO A C   1 
ATOM   276  O  O   . PRO A 1 35  ? -6.15293  4.17431   10.08683  1.000 13.34358 ? 375 PRO A O   1 
ATOM   277  C  CB  . PRO A 1 35  ? -6.67077  1.10091   9.52775   1.000 19.19666 ? 375 PRO A CB  1 
ATOM   278  C  CG  . PRO A 1 35  ? -5.70107  0.08357   9.98876   1.000 20.88402 ? 375 PRO A CG  1 
ATOM   279  C  CD  . PRO A 1 35  ? -4.46022  0.86827   10.35820  1.000 16.50945 ? 375 PRO A CD  1 
ATOM   280  N  N   . VAL A 1 36  ? -7.02955  4.09491   8.01179   1.000 14.60047 ? 376 VAL A N   1 
ATOM   281  C  CA  . VAL A 1 36  ? -7.69539  5.38138   8.15879   1.000 7.81111  ? 376 VAL A CA  1 
ATOM   282  C  C   . VAL A 1 36  ? -8.65329  5.29791   9.33639   1.000 15.64402 ? 376 VAL A C   1 
ATOM   283  O  O   . VAL A 1 36  ? -9.48535  4.38202   9.41717   1.000 16.57029 ? 376 VAL A O   1 
ATOM   284  C  CB  . VAL A 1 36  ? -8.42370  5.76499   6.86150   1.000 15.82447 ? 376 VAL A CB  1 
ATOM   285  C  CG1 . VAL A 1 36  ? -9.29411  7.01055   7.06317   1.000 17.71251 ? 376 VAL A CG1 1 
ATOM   286  C  CG2 . VAL A 1 36  ? -7.41894  6.01253   5.75106   1.000 17.12443 ? 376 VAL A CG2 1 
ATOM   287  N  N   . ASP A 1 37  ? -8.51147  6.22947   10.27626  1.000 13.37984 ? 377 ASP A N   1 
ATOM   288  C  CA  . ASP A 1 37  ? -9.45533  6.36566   11.39312  1.000 16.41503 ? 377 ASP A CA  1 
ATOM   289  C  C   . ASP A 1 37  ? -10.46347 7.43854   11.00228  1.000 18.70296 ? 377 ASP A C   1 
ATOM   290  O  O   . ASP A 1 37  ? -10.27457 8.62350   11.27589  1.000 16.48596 ? 377 ASP A O   1 
ATOM   291  C  CB  . ASP A 1 37  ? -8.74657  6.72816   12.69047  1.000 18.60190 ? 377 ASP A CB  1 
ATOM   292  C  CG  . ASP A 1 37  ? -9.67639  6.67681   13.89089  1.000 26.01971 ? 377 ASP A CG  1 
ATOM   293  O  OD1 . ASP A 1 37  ? -10.92535 6.70758   13.70793  1.000 19.64313 ? 377 ASP A OD1 1 
ATOM   294  O  OD2 . ASP A 1 37  ? -9.15280  6.60353   15.02329  1.000 31.17972 ? 377 ASP A OD2 1 
ATOM   295  N  N   . ALA A 1 38  ? -11.55681 7.01124   10.37042  1.000 18.21129 ? 378 ALA A N   1 
ATOM   296  C  CA  . ALA A 1 38  ? -12.45105 7.97870   9.74716   1.000 19.16896 ? 378 ALA A CA  1 
ATOM   297  C  C   . ALA A 1 38  ? -13.13837 8.84333   10.78870  1.000 16.41784 ? 378 ALA A C   1 
ATOM   298  O  O   . ALA A 1 38  ? -13.25178 10.06063  10.61356  1.000 25.39804 ? 378 ALA A O   1 
ATOM   299  C  CB  . ALA A 1 38  ? -13.47178 7.25985   8.87384   1.000 16.60265 ? 378 ALA A CB  1 
ATOM   300  N  N   A SER A 1 39  ? -13.59098 8.23627   11.88581  0.540 20.65818 ? 379 SER A N   1 
ATOM   301  N  N   C SER A 1 39  ? -13.58118 8.24033   11.89009  0.460 20.64332 ? 379 SER A N   1 
ATOM   302  C  CA  A SER A 1 39  ? -14.24632 9.00569   12.94012  0.540 28.94809 ? 379 SER A CA  1 
ATOM   303  C  CA  C SER A 1 39  ? -14.24099 9.01216   12.93851  0.460 28.46688 ? 379 SER A CA  1 
ATOM   304  C  C   A SER A 1 39  ? -13.30606 10.04712  13.53887  0.540 26.67045 ? 379 SER A C   1 
ATOM   305  C  C   C SER A 1 39  ? -13.30183 10.05357  13.53477  0.460 26.73573 ? 379 SER A C   1 
ATOM   306  O  O   A SER A 1 39  ? -13.68836 11.21187  13.71100  0.540 24.38347 ? 379 SER A O   1 
ATOM   307  O  O   C SER A 1 39  ? -13.67773 11.22093  13.70213  0.460 24.31375 ? 379 SER A O   1 
ATOM   308  C  CB  A SER A 1 39  ? -14.77086 8.06303   14.02250  0.540 19.55987 ? 379 SER A CB  1 
ATOM   309  C  CB  C SER A 1 39  ? -14.76938 8.07120   14.01674  0.460 19.52742 ? 379 SER A CB  1 
ATOM   310  O  OG  A SER A 1 39  ? -13.73678 7.69153   14.91477  0.540 29.05200 ? 379 SER A OG  1 
ATOM   311  O  OG  C SER A 1 39  ? -15.84399 7.30901   13.50453  0.460 23.17640 ? 379 SER A OG  1 
ATOM   312  N  N   . ALA A 1 40  ? -12.06594 9.65123   13.84949  1.000 24.80621 ? 380 ALA A N   1 
ATOM   313  C  CA  . ALA A 1 40  ? -11.10537 10.59395  14.42202  1.000 19.46212 ? 380 ALA A CA  1 
ATOM   314  C  C   . ALA A 1 40  ? -10.82829 11.76143  13.49036  1.000 27.41619 ? 380 ALA A C   1 
ATOM   315  O  O   . ALA A 1 40  ? -10.55385 12.87286  13.95477  1.000 24.94359 ? 380 ALA A O   1 
ATOM   316  C  CB  . ALA A 1 40  ? -9.79354  9.87984   14.75716  1.000 25.50574 ? 380 ALA A CB  1 
ATOM   317  N  N   . LEU A 1 41  ? -10.88571 11.53922  12.18113  1.000 18.12984 ? 381 LEU A N   1 
ATOM   318  C  CA  . LEU A 1 41  ? -10.63619 12.61513  11.23024  1.000 16.55762 ? 381 LEU A CA  1 
ATOM   319  C  C   . LEU A 1 41  ? -11.91006 13.33605  10.80262  1.000 18.98248 ? 381 LEU A C   1 
ATOM   320  O  O   . LEU A 1 41  ? -11.83030 14.30358  10.04241  1.000 24.01686 ? 381 LEU A O   1 
ATOM   321  C  CB  . LEU A 1 41  ? -9.90379  12.07365  9.99493   1.000 20.73178 ? 381 LEU A CB  1 
ATOM   322  C  CG  . LEU A 1 41  ? -8.55746  11.40621  10.29620  1.000 27.28407 ? 381 LEU A CG  1 
ATOM   323  C  CD1 . LEU A 1 41  ? -7.83054  11.00261  9.01523   1.000 34.40818 ? 381 LEU A CD1 1 
ATOM   324  C  CD2 . LEU A 1 41  ? -7.69888  12.32793  11.12392  1.000 28.87562 ? 381 LEU A CD2 1 
ATOM   325  N  N   . GLY A 1 42  ? -13.07142 12.91000  11.28651  1.000 22.38420 ? 382 GLY A N   1 
ATOM   326  C  CA  . GLY A 1 42  ? -14.30689 13.56173  10.89992  1.000 26.32341 ? 382 GLY A CA  1 
ATOM   327  C  C   . GLY A 1 42  ? -14.78848 13.19024  9.52038   1.000 17.99273 ? 382 GLY A C   1 
ATOM   328  O  O   . GLY A 1 42  ? -15.60628 13.91130  8.93931   1.000 17.45451 ? 382 GLY A O   1 
ATOM   329  N  N   . LEU A 1 43  ? -14.29715 12.08330  8.97694   1.000 14.88251 ? 383 LEU A N   1 
ATOM   330  C  CA  . LEU A 1 43  ? -14.63828 11.66327  7.62212   1.000 17.34076 ? 383 LEU A CA  1 
ATOM   331  C  C   . LEU A 1 43  ? -15.75425 10.62835  7.69688   1.000 15.05514 ? 383 LEU A C   1 
ATOM   332  O  O   . LEU A 1 43  ? -15.56731 9.43850   7.45360   1.000 17.18849 ? 383 LEU A O   1 
ATOM   333  C  CB  . LEU A 1 43  ? -13.40809 11.10945  6.90596   1.000 17.29223 ? 383 LEU A CB  1 
ATOM   334  C  CG  . LEU A 1 43  ? -12.09914 11.86579  7.08084   1.000 18.39128 ? 383 LEU A CG  1 
ATOM   335  C  CD1 . LEU A 1 43  ? -10.97054 11.05262  6.44250   1.000 12.23039 ? 383 LEU A CD1 1 
ATOM   336  C  CD2 . LEU A 1 43  ? -12.19750 13.26943  6.49765   1.000 13.30328 ? 383 LEU A CD2 1 
ATOM   337  N  N   . HIS A 1 44  ? -16.94646 11.11975  8.04513   1.000 14.71291 ? 384 HIS A N   1 
ATOM   338  C  CA  . HIS A 1 44  ? -18.05621 10.21866  8.34123   1.000 10.65650 ? 384 HIS A CA  1 
ATOM   339  C  C   . HIS A 1 44  ? -18.64778 9.58135   7.09906   1.000 10.50777 ? 384 HIS A C   1 
ATOM   340  O  O   . HIS A 1 44  ? -19.58681 8.78472   7.21053   1.000 12.68273 ? 384 HIS A O   1 
ATOM   341  C  CB  . HIS A 1 44  ? -19.10961 10.98837  9.14122   1.000 13.52156 ? 384 HIS A CB  1 
ATOM   342  C  CG  . HIS A 1 44  ? -18.56220 11.56432  10.40680  1.000 11.59218 ? 384 HIS A CG  1 
ATOM   343  N  ND1 . HIS A 1 44  ? -18.05721 10.77497  11.41576  1.000 15.84885 ? 384 HIS A ND1 1 
ATOM   344  C  CD2 . HIS A 1 44  ? -18.33994 12.84308  10.78481  1.000 19.11370 ? 384 HIS A CD2 1 
ATOM   345  C  CE1 . HIS A 1 44  ? -17.59449 11.54101  12.38560  1.000 17.50883 ? 384 HIS A CE1 1 
ATOM   346  N  NE2 . HIS A 1 44  ? -17.75819 12.80129  12.02962  1.000 19.24432 ? 384 HIS A NE2 1 
ATOM   347  N  N   . ASP A 1 45  ? -18.13484 9.92363   5.92171   1.000 15.88134 ? 385 ASP A N   1 
ATOM   348  C  CA  . ASP A 1 45  ? -18.53736 9.29794   4.67312   1.000 13.28643 ? 385 ASP A CA  1 
ATOM   349  C  C   . ASP A 1 45  ? -17.49626 8.32378   4.13532   1.000 11.96301 ? 385 ASP A C   1 
ATOM   350  O  O   . ASP A 1 45  ? -17.72445 7.70706   3.08982   1.000 10.02398 ? 385 ASP A O   1 
ATOM   351  C  CB  . ASP A 1 45  ? -18.80374 10.37535  3.62494   1.000 10.98441 ? 385 ASP A CB  1 
ATOM   352  C  CG  . ASP A 1 45  ? -17.61528 11.32382  3.43869   1.000 11.94100 ? 385 ASP A CG  1 
ATOM   353  O  OD1 . ASP A 1 45  ? -16.64735 11.29003  4.23571   1.000 11.23627 ? 385 ASP A OD1 1 
ATOM   354  O  OD2 . ASP A 1 45  ? -17.66594 12.11099  2.48038   1.000 13.16850 ? 385 ASP A OD2 1 
ATOM   355  N  N   . TYR A 1 46  ? -16.36788 8.17405   4.82415   1.000 12.49746 ? 386 TYR A N   1 
ATOM   356  C  CA  . TYR A 1 46  ? -15.24784 7.40512   4.29257   1.000 9.96942  ? 386 TYR A CA  1 
ATOM   357  C  C   . TYR A 1 46  ? -15.63746 5.96016   4.01451   1.000 13.54836 ? 386 TYR A C   1 
ATOM   358  O  O   . TYR A 1 46  ? -15.34118 5.41951   2.94476   1.000 14.36251 ? 386 TYR A O   1 
ATOM   359  C  CB  . TYR A 1 46  ? -14.06466 7.44482   5.26522   1.000 9.80790  ? 386 TYR A CB  1 
ATOM   360  C  CG  . TYR A 1 46  ? -12.82820 6.80798   4.66080   1.000 13.07788 ? 386 TYR A CG  1 
ATOM   361  C  CD1 . TYR A 1 46  ? -12.06969 7.49032   3.71974   1.000 14.05558 ? 386 TYR A CD1 1 
ATOM   362  C  CD2 . TYR A 1 46  ? -12.43655 5.51752   5.01361   1.000 11.33134 ? 386 TYR A CD2 1 
ATOM   363  C  CE1 . TYR A 1 46  ? -10.93018 6.91406   3.15309   1.000 18.56259 ? 386 TYR A CE1 1 
ATOM   364  C  CE2 . TYR A 1 46  ? -11.31127 4.92896   4.44679   1.000 9.76298  ? 386 TYR A CE2 1 
ATOM   365  C  CZ  . TYR A 1 46  ? -10.56857 5.62298   3.51642   1.000 10.04569 ? 386 TYR A CZ  1 
ATOM   366  O  OH  . TYR A 1 46  ? -9.44646  5.03690   2.95246   1.000 12.29613 ? 386 TYR A OH  1 
ATOM   367  N  N   . HIS A 1 47  ? -16.27060 5.30410   4.97863   1.000 16.05210 ? 387 HIS A N   1 
ATOM   368  C  CA  . HIS A 1 47  ? -16.59590 3.89822   4.79828   1.000 13.85491 ? 387 HIS A CA  1 
ATOM   369  C  C   . HIS A 1 47  ? -17.82866 3.68259   3.94199   1.000 21.28164 ? 387 HIS A C   1 
ATOM   370  O  O   . HIS A 1 47  ? -18.09929 2.54196   3.55995   1.000 17.03090 ? 387 HIS A O   1 
ATOM   371  C  CB  . HIS A 1 47  ? -16.74701 3.22970   6.16208   1.000 13.20604 ? 387 HIS A CB  1 
ATOM   372  C  CG  . HIS A 1 47  ? -15.46154 3.16528   6.91628   1.000 15.76595 ? 387 HIS A CG  1 
ATOM   373  N  ND1 . HIS A 1 47  ? -14.38810 2.41207   6.48689   1.000 13.50573 ? 387 HIS A ND1 1 
ATOM   374  C  CD2 . HIS A 1 47  ? -15.04463 3.82715   8.02358   1.000 15.53974 ? 387 HIS A CD2 1 
ATOM   375  C  CE1 . HIS A 1 47  ? -13.37635 2.58461   7.32259   1.000 15.60907 ? 387 HIS A CE1 1 
ATOM   376  N  NE2 . HIS A 1 47  ? -13.74974 3.43454   8.26427   1.000 17.16734 ? 387 HIS A NE2 1 
ATOM   377  N  N   . ASP A 1 48  ? -18.56963 4.74146   3.61033   1.000 10.56915 ? 388 ASP A N   1 
ATOM   378  C  CA  . ASP A 1 48  ? -19.53438 4.61195   2.53295   1.000 12.32615 ? 388 ASP A CA  1 
ATOM   379  C  C   . ASP A 1 48  ? -18.87008 4.66413   1.16290   1.000 14.81072 ? 388 ASP A C   1 
ATOM   380  O  O   . ASP A 1 48  ? -19.33640 4.00904   0.22800   1.000 24.31544 ? 388 ASP A O   1 
ATOM   381  C  CB  . ASP A 1 48  ? -20.58886 5.70641   2.64516   1.000 9.59567  ? 388 ASP A CB  1 
ATOM   382  C  CG  . ASP A 1 48  ? -21.36353 5.61751   3.93857   1.000 14.77210 ? 388 ASP A CG  1 
ATOM   383  O  OD1 . ASP A 1 48  ? -22.30009 4.79353   3.98920   1.000 15.22786 ? 388 ASP A OD1 1 
ATOM   384  O  OD2 . ASP A 1 48  ? -21.02182 6.35992   4.89190   1.000 12.20215 ? 388 ASP A OD2 1 
ATOM   385  N  N   . ILE A 1 49  ? -17.80394 5.43598   1.02501   1.000 13.31000 ? 389 ILE A N   1 
ATOM   386  C  CA  . ILE A 1 49  ? -17.14068 5.60917   -0.26304  1.000 10.93134 ? 389 ILE A CA  1 
ATOM   387  C  C   . ILE A 1 49  ? -16.12833 4.50152   -0.51097  1.000 13.48982 ? 389 ILE A C   1 
ATOM   388  O  O   . ILE A 1 49  ? -16.06100 3.96177   -1.61393  1.000 15.26121 ? 389 ILE A O   1 
ATOM   389  C  CB  . ILE A 1 49  ? -16.49468 7.00625   -0.31266  1.000 13.25508 ? 389 ILE A CB  1 
ATOM   390  C  CG1 . ILE A 1 49  ? -17.59758 8.07287   -0.31734  1.000 13.02240 ? 389 ILE A CG1 1 
ATOM   391  C  CG2 . ILE A 1 49  ? -15.54661 7.14797   -1.52026  1.000 11.34185 ? 389 ILE A CG2 1 
ATOM   392  C  CD1 . ILE A 1 49  ? -17.10247 9.46327   -0.10831  1.000 17.93421 ? 389 ILE A CD1 1 
ATOM   393  N  N   . ILE A 1 50  ? -15.37712 4.13419   0.52355   1.000 14.09226 ? 390 ILE A N   1 
ATOM   394  C  CA  . ILE A 1 50  ? -14.29525 3.15818   0.44863   1.000 10.09317 ? 390 ILE A CA  1 
ATOM   395  C  C   . ILE A 1 50  ? -14.81100 1.83784   1.01940   1.000 17.00185 ? 390 ILE A C   1 
ATOM   396  O  O   . ILE A 1 50  ? -15.00677 1.70482   2.23238   1.000 14.63107 ? 390 ILE A O   1 
ATOM   397  C  CB  . ILE A 1 50  ? -13.06128 3.64418   1.21314   1.000 9.23734  ? 390 ILE A CB  1 
ATOM   398  C  CG1 . ILE A 1 50  ? -12.48493 4.90195   0.56548   1.000 11.87567 ? 390 ILE A CG1 1 
ATOM   399  C  CG2 . ILE A 1 50  ? -12.00569 2.55624   1.28558   1.000 9.25916  ? 390 ILE A CG2 1 
ATOM   400  C  CD1 . ILE A 1 50  ? -12.34346 4.83391   -0.94996  1.000 15.63062 ? 390 ILE A CD1 1 
ATOM   401  N  N   . LYS A 1 51  ? -15.03350 0.85196   0.15449   1.000 17.69353 ? 391 LYS A N   1 
ATOM   402  C  CA  . LYS A 1 51  ? -15.59532 -0.41659  0.60845   1.000 16.15925 ? 391 LYS A CA  1 
ATOM   403  C  C   . LYS A 1 51  ? -14.53828 -1.41741  1.04173   1.000 17.32505 ? 391 LYS A C   1 
ATOM   404  O  O   . LYS A 1 51  ? -14.86851 -2.37985  1.74232   1.000 18.12063 ? 391 LYS A O   1 
ATOM   405  C  CB  . LYS A 1 51  ? -16.46261 -1.03708  -0.49493  1.000 24.99905 ? 391 LYS A CB  1 
ATOM   406  C  CG  . LYS A 1 51  ? -17.51517 -0.08320  -1.10503  1.000 34.87536 ? 391 LYS A CG  1 
ATOM   407  C  CD  . LYS A 1 51  ? -18.24044 0.78592   -0.06767  1.000 30.82082 ? 391 LYS A CD  1 
ATOM   408  C  CE  . LYS A 1 51  ? -19.06686 -0.03395  0.92169   1.000 37.81991 ? 391 LYS A CE  1 
ATOM   409  N  NZ  . LYS A 1 51  ? -19.03081 0.52708   2.31101   1.000 43.51329 ? 391 LYS A NZ  1 
ATOM   410  N  N   . HIS A 1 52  ? -13.28358 -1.21717  0.64744   1.000 13.29071 ? 392 HIS A N   1 
ATOM   411  C  CA  . HIS A 1 52  ? -12.18536 -2.12300  0.99297   1.000 11.96610 ? 392 HIS A CA  1 
ATOM   412  C  C   . HIS A 1 52  ? -11.00834 -1.29430  1.46211   1.000 9.92233  ? 392 HIS A C   1 
ATOM   413  O  O   . HIS A 1 52  ? -10.09657 -0.97508  0.67992   1.000 16.25901 ? 392 HIS A O   1 
ATOM   414  C  CB  . HIS A 1 52  ? -11.79284 -2.99668  -0.19763  1.000 19.52218 ? 392 HIS A CB  1 
ATOM   415  C  CG  . HIS A 1 52  ? -12.88939 -3.91339  -0.62774  1.000 30.63137 ? 392 HIS A CG  1 
ATOM   416  N  ND1 . HIS A 1 52  ? -13.71780 -3.62509  -1.68998  1.000 26.75971 ? 392 HIS A ND1 1 
ATOM   417  C  CD2 . HIS A 1 52  ? -13.31953 -5.09058  -0.11772  1.000 22.73277 ? 392 HIS A CD2 1 
ATOM   418  C  CE1 . HIS A 1 52  ? -14.60253 -4.59464  -1.82766  1.000 24.78731 ? 392 HIS A CE1 1 
ATOM   419  N  NE2 . HIS A 1 52  ? -14.38338 -5.49636  -0.88713  1.000 30.06073 ? 392 HIS A NE2 1 
ATOM   420  N  N   . PRO A 1 53  ? -10.99347 -0.92143  2.73026   1.000 11.39562 ? 393 PRO A N   1 
ATOM   421  C  CA  . PRO A 1 53  ? -9.86981  -0.14188  3.24091   1.000 11.28680 ? 393 PRO A CA  1 
ATOM   422  C  C   . PRO A 1 53  ? -8.60108  -0.97110  3.19714   1.000 11.14460 ? 393 PRO A C   1 
ATOM   423  O  O   . PRO A 1 53  ? -8.63390  -2.19736  3.31673   1.000 12.35462 ? 393 PRO A O   1 
ATOM   424  C  CB  . PRO A 1 53  ? -10.28671 0.18391   4.67875   1.000 12.81635 ? 393 PRO A CB  1 
ATOM   425  C  CG  . PRO A 1 53  ? -11.78095 -0.07027  4.71866   1.000 13.60252 ? 393 PRO A CG  1 
ATOM   426  C  CD  . PRO A 1 53  ? -11.99611 -1.20182  3.77322   1.000 16.67014 ? 393 PRO A CD  1 
ATOM   427  N  N   . MET A 1 54  ? -7.47496  -0.29107  2.99181   1.000 9.13856  ? 394 MET A N   1 
ATOM   428  C  CA  . MET A 1 54  ? -6.18020  -0.96156  3.04055   1.000 9.20384  ? 394 MET A CA  1 
ATOM   429  C  C   . MET A 1 54  ? -5.13018  0.04765   3.49100   1.000 11.36345 ? 394 MET A C   1 
ATOM   430  O  O   . MET A 1 54  ? -5.24976  1.24646   3.20531   1.000 11.17933 ? 394 MET A O   1 
ATOM   431  C  CB  . MET A 1 54  ? -5.83627  -1.58602  1.66989   1.000 11.57732 ? 394 MET A CB  1 
ATOM   432  C  CG  . MET A 1 54  ? -4.51337  -2.35947  1.62154   1.000 8.94308  ? 394 MET A CG  1 
ATOM   433  S  SD  . MET A 1 54  ? -4.50115  -3.68603  2.84396   1.000 12.70277 ? 394 MET A SD  1 
ATOM   434  C  CE  . MET A 1 54  ? -6.10080  -4.49741  2.64181   1.000 10.55018 ? 394 MET A CE  1 
ATOM   435  N  N   . ASP A 1 55  ? -4.08791  -0.44930  4.17053   1.000 8.93711  ? 395 ASP A N   1 
ATOM   436  C  CA  . ASP A 1 55  ? -2.99705  0.39559   4.64580   1.000 10.84213 ? 395 ASP A CA  1 
ATOM   437  C  C   . ASP A 1 55  ? -1.77520  -0.48810  4.84643   1.000 9.05414  ? 395 ASP A C   1 
ATOM   438  O  O   . ASP A 1 55  ? -1.87642  -1.71386  4.85281   1.000 10.38654 ? 395 ASP A O   1 
ATOM   439  C  CB  . ASP A 1 55  ? -3.36581  1.09334   5.94943   1.000 7.50339  ? 395 ASP A CB  1 
ATOM   440  C  CG  . ASP A 1 55  ? -3.46408  0.12360   7.07851   1.000 12.56640 ? 395 ASP A CG  1 
ATOM   441  O  OD1 . ASP A 1 55  ? -4.46645  -0.60886  7.11932   1.000 15.26052 ? 395 ASP A OD1 1 
ATOM   442  O  OD2 . ASP A 1 55  ? -2.51418  0.03597   7.87918   1.000 16.36143 ? 395 ASP A OD2 1 
ATOM   443  N  N   . LEU A 1 56  ? -0.61490  0.14997   5.03722   1.000 8.45906  ? 396 LEU A N   1 
ATOM   444  C  CA  . LEU A 1 56  ? 0.63873   -0.60908  5.06683   1.000 13.51644 ? 396 LEU A CA  1 
ATOM   445  C  C   . LEU A 1 56  ? 0.75197   -1.52579  6.28575   1.000 11.68285 ? 396 LEU A C   1 
ATOM   446  O  O   . LEU A 1 56  ? 1.41157   -2.56500  6.19895   1.000 11.64386 ? 396 LEU A O   1 
ATOM   447  C  CB  . LEU A 1 56  ? 1.84551   0.33790   5.00973   1.000 9.83113  ? 396 LEU A CB  1 
ATOM   448  C  CG  . LEU A 1 56  ? 2.03245   1.06190   3.67064   1.000 10.92714 ? 396 LEU A CG  1 
ATOM   449  C  CD1 . LEU A 1 56  ? 3.11166   2.11988   3.80369   1.000 7.26850  ? 396 LEU A CD1 1 
ATOM   450  C  CD2 . LEU A 1 56  ? 2.38584   0.09103   2.54811   1.000 9.01593  ? 396 LEU A CD2 1 
ATOM   451  N  N   . SER A 1 57  ? 0.14664   -1.17558  7.43098   1.000 9.54126  ? 397 SER A N   1 
ATOM   452  C  CA  . SER A 1 57  ? 0.23374   -2.09188  8.56810   1.000 12.09644 ? 397 SER A CA  1 
ATOM   453  C  C   . SER A 1 57  ? -0.59880  -3.34264  8.33309   1.000 6.85243  ? 397 SER A C   1 
ATOM   454  O  O   . SER A 1 57  ? -0.24031  -4.42159  8.81172   1.000 9.57793  ? 397 SER A O   1 
ATOM   455  C  CB  . SER A 1 57  ? -0.19923  -1.40956  9.86425   1.000 20.19183 ? 397 SER A CB  1 
ATOM   456  O  OG  . SER A 1 57  ? -1.61091  -1.30110  9.90495   1.000 20.09460 ? 397 SER A OG  1 
ATOM   457  N  N   . THR A 1 58  ? -1.68517  -3.22505  7.57792   1.000 8.82309  ? 398 THR A N   1 
ATOM   458  C  CA  . THR A 1 58  ? -2.45997  -4.39890  7.18797   1.000 17.42454 ? 398 THR A CA  1 
ATOM   459  C  C   . THR A 1 58  ? -1.69150  -5.25196  6.19044   1.000 10.95799 ? 398 THR A C   1 
ATOM   460  O  O   . THR A 1 58  ? -1.63295  -6.47824  6.32454   1.000 10.83492 ? 398 THR A O   1 
ATOM   461  C  CB  . THR A 1 58  ? -3.79530  -3.96864  6.59230   1.000 12.26279 ? 398 THR A CB  1 
ATOM   462  O  OG1 . THR A 1 58  ? -4.55867  -3.28984  7.60000   1.000 16.32797 ? 398 THR A OG1 1 
ATOM   463  C  CG2 . THR A 1 58  ? -4.55854  -5.18654  6.09831   1.000 12.29402 ? 398 THR A CG2 1 
ATOM   464  N  N   . VAL A 1 59  ? -1.08778  -4.61172  5.18550   1.000 10.22977 ? 399 VAL A N   1 
ATOM   465  C  CA  . VAL A 1 59  ? -0.25039  -5.34406  4.24118   1.000 11.49960 ? 399 VAL A CA  1 
ATOM   466  C  C   . VAL A 1 59  ? 0.86126   -6.06018  4.99086   1.000 9.28720  ? 399 VAL A C   1 
ATOM   467  O  O   . VAL A 1 59  ? 1.17190   -7.22131  4.70535   1.000 9.32238  ? 399 VAL A O   1 
ATOM   468  C  CB  . VAL A 1 59  ? 0.30797   -4.39445  3.16365   1.000 12.35081 ? 399 VAL A CB  1 
ATOM   469  C  CG1 . VAL A 1 59  ? 1.32588   -5.11094  2.28393   1.000 12.27488 ? 399 VAL A CG1 1 
ATOM   470  C  CG2 . VAL A 1 59  ? -0.81556  -3.79207  2.32091   1.000 11.16501 ? 399 VAL A CG2 1 
ATOM   471  N  N   . LYS A 1 60  ? 1.44164   -5.39782  6.00196   1.000 9.19135  ? 400 LYS A N   1 
ATOM   472  C  CA  A LYS A 1 60  ? 2.51460   -6.02779  6.76272   0.500 8.29769  ? 400 LYS A CA  1 
ATOM   473  C  CA  B LYS A 1 60  ? 2.51406   -6.02426  6.76840   0.500 8.29843  ? 400 LYS A CA  1 
ATOM   474  C  C   . LYS A 1 60  ? 2.00197   -7.21979  7.55889   1.000 5.08273  ? 400 LYS A C   1 
ATOM   475  O  O   . LYS A 1 60  ? 2.65726   -8.26406  7.60293   1.000 11.11707 ? 400 LYS A O   1 
ATOM   476  C  CB  A LYS A 1 60  ? 3.18496   -5.01425  7.69281   0.500 12.25757 ? 400 LYS A CB  1 
ATOM   477  C  CB  B LYS A 1 60  ? 3.16840   -5.00950  7.70978   0.500 12.25977 ? 400 LYS A CB  1 
ATOM   478  C  CG  A LYS A 1 60  ? 4.46094   -5.54746  8.36928   0.500 14.54775 ? 400 LYS A CG  1 
ATOM   479  C  CG  B LYS A 1 60  ? 4.36524   -5.57185  8.50336   0.500 14.53620 ? 400 LYS A CG  1 
ATOM   480  C  CD  A LYS A 1 60  ? 5.01508   -4.55965  9.38848   0.500 12.81227 ? 400 LYS A CD  1 
ATOM   481  C  CD  B LYS A 1 60  ? 5.64613   -5.57521  7.67523   0.500 17.10695 ? 400 LYS A CD  1 
ATOM   482  C  CE  A LYS A 1 60  ? 5.61581   -5.27784  10.58972  0.500 25.84816 ? 400 LYS A CE  1 
ATOM   483  C  CE  B LYS A 1 60  ? 6.89656   -5.72538  8.54639   0.500 23.51809 ? 400 LYS A CE  1 
ATOM   484  N  NZ  A LYS A 1 60  ? 4.68365   -5.26781  11.75446  0.500 26.97423 ? 400 LYS A NZ  1 
ATOM   485  N  NZ  B LYS A 1 60  ? 7.30852   -7.15836  8.68645   0.500 17.00845 ? 400 LYS A NZ  1 
ATOM   486  N  N   . ARG A 1 61  ? 0.84546   -7.08152  8.21081   1.000 13.38187 ? 401 ARG A N   1 
ATOM   487  C  CA  . ARG A 1 61  ? 0.30779   -8.22246  8.94727   1.000 14.89742 ? 401 ARG A CA  1 
ATOM   488  C  C   . ARG A 1 61  ? 0.02902   -9.39569  8.01359   1.000 18.27564 ? 401 ARG A C   1 
ATOM   489  O  O   . ARG A 1 61  ? 0.31675   -10.55956 8.34647   1.000 12.98164 ? 401 ARG A O   1 
ATOM   490  C  CB  . ARG A 1 61  ? -0.96251  -7.82070  9.69329   1.000 11.68719 ? 401 ARG A CB  1 
ATOM   491  C  CG  . ARG A 1 61  ? -1.61864  -9.00156  10.42538  1.000 29.88244 ? 401 ARG A CG  1 
ATOM   492  C  CD  . ARG A 1 61  ? -2.91216  -8.58976  11.11651  1.000 49.46786 ? 401 ARG A CD  1 
ATOM   493  N  NE  . ARG A 1 61  ? -4.04308  -8.57036  10.18830  1.000 56.84066 ? 401 ARG A NE  1 
ATOM   494  C  CZ  . ARG A 1 61  ? -4.77886  -7.49193  9.92591   1.000 53.74211 ? 401 ARG A CZ  1 
ATOM   495  N  NH1 . ARG A 1 61  ? -4.50689  -6.33479  10.52403  1.000 42.25368 ? 401 ARG A NH1 1 
ATOM   496  N  NH2 . ARG A 1 61  ? -5.78613  -7.57471  9.06067   1.000 46.67681 ? 401 ARG A NH2 1 
ATOM   497  N  N   . LYS A 1 62  ? -0.53207  -9.10876  6.83401   1.000 14.74291 ? 402 LYS A N   1 
ATOM   498  C  CA  . LYS A 1 62  ? -0.80922  -10.16244 5.86254   1.000 13.78129 ? 402 LYS A CA  1 
ATOM   499  C  C   . LYS A 1 62  ? 0.46383   -10.86592 5.41782   1.000 14.17912 ? 402 LYS A C   1 
ATOM   500  O  O   . LYS A 1 62  ? 0.49822   -12.09932 5.34672   1.000 16.25859 ? 402 LYS A O   1 
ATOM   501  C  CB  . LYS A 1 62  ? -1.56860  -9.57724  4.67153   1.000 9.97281  ? 402 LYS A CB  1 
ATOM   502  C  CG  . LYS A 1 62  ? -3.02130  -9.24691  5.07346   1.000 18.02178 ? 402 LYS A CG  1 
ATOM   503  C  CD  . LYS A 1 62  ? -3.82121  -8.57478  3.97578   1.000 19.12318 ? 402 LYS A CD  1 
ATOM   504  C  CE  . LYS A 1 62  ? -4.13812  -9.52448  2.85021   1.000 15.46616 ? 402 LYS A CE  1 
ATOM   505  N  NZ  . LYS A 1 62  ? -5.33162  -8.99267  2.10104   1.000 18.02203 ? 402 LYS A NZ  1 
ATOM   506  N  N   . MET A 1 63  ? 1.51088   -10.09481 5.08692   1.000 12.83750 ? 403 MET A N   1 
ATOM   507  C  CA  . MET A 1 63  ? 2.80605   -10.66785 4.72169   1.000 6.14915  ? 403 MET A CA  1 
ATOM   508  C  C   . MET A 1 63  ? 3.36135   -11.54920 5.83694   1.000 11.37082 ? 403 MET A C   1 
ATOM   509  O  O   . MET A 1 63  ? 3.78659   -12.68372 5.59298   1.000 13.44825 ? 403 MET A O   1 
ATOM   510  C  CB  . MET A 1 63  ? 3.78905   -9.54467  4.39312   1.000 12.87081 ? 403 MET A CB  1 
ATOM   511  C  CG  . MET A 1 63  ? 5.12914   -10.00940 3.87135   1.000 15.57045 ? 403 MET A CG  1 
ATOM   512  S  SD  . MET A 1 63  ? 5.05656   -10.87633 2.27270   1.000 19.82513 ? 403 MET A SD  1 
ATOM   513  C  CE  . MET A 1 63  ? 4.91019   -9.48063  1.17410   1.000 18.55090 ? 403 MET A CE  1 
ATOM   514  N  N   . GLU A 1 64  ? 3.36616   -11.04434 7.07005   1.000 14.37006 ? 404 GLU A N   1 
ATOM   515  C  CA  . GLU A 1 64  ? 3.90911   -11.81432 8.18929   1.000 18.73666 ? 404 GLU A CA  1 
ATOM   516  C  C   . GLU A 1 64  ? 3.09521   -13.07680 8.46829   1.000 20.47762 ? 404 GLU A C   1 
ATOM   517  O  O   . GLU A 1 64  ? 3.66555   -14.10147 8.85467   1.000 20.19812 ? 404 GLU A O   1 
ATOM   518  C  CB  . GLU A 1 64  ? 3.98788   -10.93397 9.44476   1.000 22.24661 ? 404 GLU A CB  1 
ATOM   519  C  CG  . GLU A 1 64  ? 4.95540   -9.75196  9.31641   1.000 27.06328 ? 404 GLU A CG  1 
ATOM   520  C  CD  . GLU A 1 64  ? 6.41797   -10.18784 9.22100   1.000 52.22093 ? 404 GLU A CD  1 
ATOM   521  O  OE1 . GLU A 1 64  ? 7.21379   -9.48105  8.56092   1.000 54.51858 ? 404 GLU A OE1 1 
ATOM   522  O  OE2 . GLU A 1 64  ? 6.77469   -11.24246 9.79599   1.000 59.70578 ? 404 GLU A OE2 1 
ATOM   523  N  N   . ASN A 1 65  ? 1.77786   -13.03599 8.26850   1.000 13.28317 ? 405 ASN A N   1 
ATOM   524  C  CA  . ASN A 1 65  ? 0.93515   -14.21791 8.42626   1.000 16.13817 ? 405 ASN A CA  1 
ATOM   525  C  C   . ASN A 1 65  ? 0.96407   -15.13613 7.20979   1.000 14.22355 ? 405 ASN A C   1 
ATOM   526  O  O   . ASN A 1 65  ? 0.18310   -16.09279 7.16692   1.000 12.39745 ? 405 ASN A O   1 
ATOM   527  C  CB  . ASN A 1 65  ? -0.52577  -13.81202 8.68468   1.000 12.31924 ? 405 ASN A CB  1 
ATOM   528  C  CG  . ASN A 1 65  ? -0.72905  -13.19109 10.04094  1.000 30.86104 ? 405 ASN A CG  1 
ATOM   529  O  OD1 . ASN A 1 65  ? 0.03109   -13.44153 10.96917  1.000 38.79048 ? 405 ASN A OD1 1 
ATOM   530  N  ND2 . ASN A 1 65  ? -1.77391  -12.38051 10.16875  1.000 31.93667 ? 405 ASN A ND2 1 
ATOM   531  N  N   . ARG A 1 66  ? 1.77558   -14.82381 6.19734   1.000 11.72592 ? 406 ARG A N   1 
ATOM   532  C  CA  . ARG A 1 66  ? 1.85000   -15.60785 4.96671   1.000 23.70283 ? 406 ARG A CA  1 
ATOM   533  C  C   . ARG A 1 66  ? 0.48101   -15.70959 4.29821   1.000 20.22116 ? 406 ARG A C   1 
ATOM   534  O  O   . ARG A 1 66  ? 0.10792   -16.74897 3.75503   1.000 15.66840 ? 406 ARG A O   1 
ATOM   535  C  CB  . ARG A 1 66  ? 2.44731   -16.99381 5.23250   1.000 21.10158 ? 406 ARG A CB  1 
ATOM   536  C  CG  . ARG A 1 66  ? 3.69991   -16.94794 6.08220   1.000 24.03516 ? 406 ARG A CG  1 
ATOM   537  C  CD  . ARG A 1 66  ? 4.30834   -18.32560 6.20978   1.000 36.25909 ? 406 ARG A CD  1 
ATOM   538  N  NE  . ARG A 1 66  ? 4.77937   -18.79656 4.91425   1.000 38.49761 ? 406 ARG A NE  1 
ATOM   539  C  CZ  . ARG A 1 66  ? 5.48465   -19.90758 4.72800   1.000 37.59977 ? 406 ARG A CZ  1 
ATOM   540  N  NH1 . ARG A 1 66  ? 5.80499   -20.67718 5.76366   1.000 50.22287 ? 406 ARG A NH1 1 
ATOM   541  N  NH2 . ARG A 1 66  ? 5.86804   -20.24783 3.50139   1.000 42.92479 ? 406 ARG A NH2 1 
ATOM   542  N  N   . ASP A 1 67  ? -0.26259  -14.60062 4.33307   1.000 13.01112 ? 407 ASP A N   1 
ATOM   543  C  CA  . ASP A 1 67  ? -1.56249  -14.51024 3.66776   1.000 13.78957 ? 407 ASP A CA  1 
ATOM   544  C  C   . ASP A 1 67  ? -1.40685  -14.38084 2.14788   1.000 16.19351 ? 407 ASP A C   1 
ATOM   545  O  O   . ASP A 1 67  ? -2.14349  -15.01675 1.38798   1.000 16.03338 ? 407 ASP A O   1 
ATOM   546  C  CB  . ASP A 1 67  ? -2.33274  -13.32072 4.26667   1.000 14.42755 ? 407 ASP A CB  1 
ATOM   547  C  CG  . ASP A 1 67  ? -3.85334  -13.43649 4.12717   1.000 26.89720 ? 407 ASP A CG  1 
ATOM   548  O  OD1 . ASP A 1 67  ? -4.35164  -14.27241 3.35124   1.000 21.92316 ? 407 ASP A OD1 1 
ATOM   549  O  OD2 . ASP A 1 67  ? -4.55724  -12.68977 4.84037   1.000 26.33044 ? 407 ASP A OD2 1 
ATOM   550  N  N   . TYR A 1 68  ? -0.43594  -13.59776 1.68139   1.000 11.22181 ? 408 TYR A N   1 
ATOM   551  C  CA  . TYR A 1 68  ? -0.22914  -13.43597 0.24371   1.000 18.23489 ? 408 TYR A CA  1 
ATOM   552  C  C   . TYR A 1 68  ? 0.34499   -14.71302 -0.35969  1.000 20.01687 ? 408 TYR A C   1 
ATOM   553  O  O   . TYR A 1 68  ? 1.40009   -15.19325 0.06342   1.000 24.18361 ? 408 TYR A O   1 
ATOM   554  C  CB  . TYR A 1 68  ? 0.70882   -12.26045 -0.04197  1.000 10.31352 ? 408 TYR A CB  1 
ATOM   555  C  CG  . TYR A 1 68  ? 0.15072   -10.94766 0.40390   1.000 11.65995 ? 408 TYR A CG  1 
ATOM   556  C  CD1 . TYR A 1 68  ? -1.05592  -10.48654 -0.09783  1.000 8.32622  ? 408 TYR A CD1 1 
ATOM   557  C  CD2 . TYR A 1 68  ? 0.82489   -10.16495 1.34673   1.000 11.59994 ? 408 TYR A CD2 1 
ATOM   558  C  CE1 . TYR A 1 68  ? -1.57969  -9.28825  0.31861   1.000 18.20345 ? 408 TYR A CE1 1 
ATOM   559  C  CE2 . TYR A 1 68  ? 0.30604   -8.96505  1.76983   1.000 13.28250 ? 408 TYR A CE2 1 
ATOM   560  C  CZ  . TYR A 1 68  ? -0.89098  -8.52643  1.24374   1.000 14.60402 ? 408 TYR A CZ  1 
ATOM   561  O  OH  . TYR A 1 68  ? -1.42914  -7.33462  1.66626   1.000 11.44269 ? 408 TYR A OH  1 
ATOM   562  N  N   . ARG A 1 69  ? -0.32202  -15.24876 -1.36556  1.000 19.03540 ? 409 ARG A N   1 
ATOM   563  C  CA  . ARG A 1 69  ? 0.22043   -16.42864 -2.01891  1.000 23.18266 ? 409 ARG A CA  1 
ATOM   564  C  C   . ARG A 1 69  ? 1.12546   -16.09005 -3.18966  1.000 29.27862 ? 409 ARG A C   1 
ATOM   565  O  O   . ARG A 1 69  ? 1.85899   -16.96621 -3.66514  1.000 19.35608 ? 409 ARG A O   1 
ATOM   566  C  CB  . ARG A 1 69  ? -0.91140  -17.34593 -2.47889  1.000 19.82738 ? 409 ARG A CB  1 
ATOM   567  C  CG  . ARG A 1 69  ? -1.73567  -17.87929 -1.30207  1.000 17.32031 ? 409 ARG A CG  1 
ATOM   568  C  CD  . ARG A 1 69  ? -2.42210  -19.16359 -1.67459  1.000 20.38450 ? 409 ARG A CD  1 
ATOM   569  N  NE  . ARG A 1 69  ? -1.45691  -20.18755 -2.05839  1.000 27.88731 ? 409 ARG A NE  1 
ATOM   570  C  CZ  . ARG A 1 69  ? -1.50845  -20.85133 -3.20733  1.000 32.40909 ? 409 ARG A CZ  1 
ATOM   571  N  NH1 . ARG A 1 69  ? -2.46763  -20.57432 -4.08232  1.000 32.03204 ? 409 ARG A NH1 1 
ATOM   572  N  NH2 . ARG A 1 69  ? -0.59590  -21.77542 -3.49032  1.000 40.49322 ? 409 ARG A NH2 1 
ATOM   573  N  N   . ASP A 1 70  ? 1.11447   -14.84214 -3.64783  1.000 16.77498 ? 410 ASP A N   1 
ATOM   574  C  CA  . ASP A 1 70  ? 1.94420   -14.46014 -4.77873  1.000 15.54327 ? 410 ASP A CA  1 
ATOM   575  C  C   . ASP A 1 70  ? 2.11000   -12.94427 -4.79818  1.000 11.64002 ? 410 ASP A C   1 
ATOM   576  O  O   . ASP A 1 70  ? 1.35690   -12.20510 -4.16430  1.000 12.92531 ? 410 ASP A O   1 
ATOM   577  C  CB  . ASP A 1 70  ? 1.34054   -14.94501 -6.09526  1.000 17.84545 ? 410 ASP A CB  1 
ATOM   578  C  CG  . ASP A 1 70  ? -0.11991  -14.58864 -6.22365  1.000 30.44295 ? 410 ASP A CG  1 
ATOM   579  O  OD1 . ASP A 1 70  ? -0.42925  -13.39437 -6.35896  1.000 20.09790 ? 410 ASP A OD1 1 
ATOM   580  O  OD2 . ASP A 1 70  ? -0.96520  -15.50352 -6.18173  1.000 39.38281 ? 410 ASP A OD2 1 
ATOM   581  N  N   . ALA A 1 71  ? 3.08601   -12.50181 -5.58629  1.000 13.05857 ? 411 ALA A N   1 
ATOM   582  C  CA  . ALA A 1 71  ? 3.40284   -11.08432 -5.68837  1.000 10.57566 ? 411 ALA A CA  1 
ATOM   583  C  C   . ALA A 1 71  ? 2.22039   -10.27617 -6.21283  1.000 12.89280 ? 411 ALA A C   1 
ATOM   584  O  O   . ALA A 1 71  ? 2.02522   -9.11966  -5.81451  1.000 8.15581  ? 411 ALA A O   1 
ATOM   585  C  CB  . ALA A 1 71  ? 4.61328   -10.91714 -6.59801  1.000 11.98695 ? 411 ALA A CB  1 
ATOM   586  N  N   . GLN A 1 72  ? 1.43678   -10.86692 -7.12500  1.000 10.98686 ? 412 GLN A N   1 
ATOM   587  C  CA  . GLN A 1 72  ? 0.27981   -10.18987 -7.69943  1.000 20.13168 ? 412 GLN A CA  1 
ATOM   588  C  C   . GLN A 1 72  ? -0.73852  -9.83308  -6.62646  1.000 12.06556 ? 412 GLN A C   1 
ATOM   589  O  O   . GLN A 1 72  ? -1.30856  -8.73733  -6.64267  1.000 11.79141 ? 412 GLN A O   1 
ATOM   590  C  CB  . GLN A 1 72  ? -0.34259  -11.08215 -8.78095  1.000 14.87372 ? 412 GLN A CB  1 
ATOM   591  C  CG  . GLN A 1 72  ? 0.45420   -11.07432 -10.09157 1.000 18.42377 ? 412 GLN A CG  1 
ATOM   592  C  CD  . GLN A 1 72  ? 1.70571   -11.96299 -10.06965 1.000 38.56882 ? 412 GLN A CD  1 
ATOM   593  O  OE1 . GLN A 1 72  ? 1.94262   -12.73682 -9.12626  1.000 31.37686 ? 412 GLN A OE1 1 
ATOM   594  N  NE2 . GLN A 1 72  ? 2.54446   -11.80687 -11.09463 1.000 36.97210 ? 412 GLN A NE2 1 
ATOM   595  N  N   . GLU A 1 73  ? -0.97324  -10.74372 -5.68106  1.000 13.37762 ? 413 GLU A N   1 
ATOM   596  C  CA  . GLU A 1 73  ? -1.92176  -10.47299 -4.61005  1.000 10.38341 ? 413 GLU A CA  1 
ATOM   597  C  C   . GLU A 1 73  ? -1.45098  -9.31172  -3.75461  1.000 15.12126 ? 413 GLU A C   1 
ATOM   598  O  O   . GLU A 1 73  ? -2.24762  -8.43537  -3.38696  1.000 8.66991  ? 413 GLU A O   1 
ATOM   599  C  CB  . GLU A 1 73  ? -2.11189  -11.72107 -3.74643  1.000 14.56501 ? 413 GLU A CB  1 
ATOM   600  C  CG  . GLU A 1 73  ? -3.31367  -11.65499 -2.81835  1.000 20.52447 ? 413 GLU A CG  1 
ATOM   601  C  CD  . GLU A 1 73  ? -3.44745  -12.89491 -1.93340  1.000 19.81289 ? 413 GLU A CD  1 
ATOM   602  O  OE1 . GLU A 1 73  ? -2.78593  -13.91784 -2.22085  1.000 20.59703 ? 413 GLU A OE1 1 
ATOM   603  O  OE2 . GLU A 1 73  ? -4.20652  -12.83648 -0.94020  1.000 24.41875 ? 413 GLU A OE2 1 
ATOM   604  N  N   . PHE A 1 74  ? -0.15719  -9.30575  -3.41473  1.000 10.81371 ? 414 PHE A N   1 
ATOM   605  C  CA  . PHE A 1 74  ? 0.43086   -8.23403  -2.61470  1.000 6.17211  ? 414 PHE A CA  1 
ATOM   606  C  C   . PHE A 1 74  ? 0.34041   -6.90214  -3.34864  1.000 9.20526  ? 414 PHE A C   1 
ATOM   607  O  O   . PHE A 1 74  ? -0.03108  -5.88475  -2.75901  1.000 9.89003  ? 414 PHE A O   1 
ATOM   608  C  CB  . PHE A 1 74  ? 1.89244   -8.60201  -2.27866  1.000 13.38954 ? 414 PHE A CB  1 
ATOM   609  C  CG  . PHE A 1 74  ? 2.77378   -7.41976  -1.89256  1.000 13.43396 ? 414 PHE A CG  1 
ATOM   610  C  CD1 . PHE A 1 74  ? 2.88845   -7.02544  -0.56438  1.000 13.65060 ? 414 PHE A CD1 1 
ATOM   611  C  CD2 . PHE A 1 74  ? 3.49332   -6.73536  -2.85097  1.000 8.15548  ? 414 PHE A CD2 1 
ATOM   612  C  CE1 . PHE A 1 74  ? 3.69773   -5.95775  -0.20977  1.000 13.08784 ? 414 PHE A CE1 1 
ATOM   613  C  CE2 . PHE A 1 74  ? 4.31058   -5.66845  -2.51198  1.000 10.60860 ? 414 PHE A CE2 1 
ATOM   614  C  CZ  . PHE A 1 74  ? 4.41456   -5.27827  -1.19524  1.000 11.38640 ? 414 PHE A CZ  1 
ATOM   615  N  N   . ALA A 1 75  ? 0.65667   -6.89747  -4.64880  1.000 14.42618 ? 415 ALA A N   1 
ATOM   616  C  CA  . ALA A 1 75  ? 0.58921   -5.66923  -5.43375  1.000 12.54085 ? 415 ALA A CA  1 
ATOM   617  C  C   . ALA A 1 75  ? -0.84080  -5.13561  -5.51173  1.000 9.54876  ? 415 ALA A C   1 
ATOM   618  O  O   . ALA A 1 75  ? -1.06248  -3.92203  -5.41453  1.000 8.31339  ? 415 ALA A O   1 
ATOM   619  C  CB  . ALA A 1 75  ? 1.15659   -5.91729  -6.83587  1.000 13.13741 ? 415 ALA A CB  1 
ATOM   620  N  N   . ALA A 1 76  ? -1.82811  -6.02646  -5.65922  1.000 8.04510  ? 416 ALA A N   1 
ATOM   621  C  CA  . ALA A 1 76  ? -3.21703  -5.56733  -5.71212  1.000 9.86020  ? 416 ALA A CA  1 
ATOM   622  C  C   . ALA A 1 76  ? -3.60992  -4.81612  -4.44017  1.000 13.36458 ? 416 ALA A C   1 
ATOM   623  O  O   . ALA A 1 76  ? -4.34860  -3.81764  -4.50067  1.000 11.68403 ? 416 ALA A O   1 
ATOM   624  C  CB  . ALA A 1 76  ? -4.16008  -6.74664  -5.95097  1.000 9.24924  ? 416 ALA A CB  1 
ATOM   625  N  N   . ASP A 1 77  ? -3.13985  -5.28856  -3.27662  1.000 14.50406 ? 417 ASP A N   1 
ATOM   626  C  CA  . ASP A 1 77  ? -3.43724  -4.61502  -2.01165  1.000 5.62605  ? 417 ASP A CA  1 
ATOM   627  C  C   . ASP A 1 77  ? -2.75641  -3.24656  -1.92424  1.000 8.50291  ? 417 ASP A C   1 
ATOM   628  O  O   . ASP A 1 77  ? -3.37068  -2.26477  -1.47318  1.000 9.64872  ? 417 ASP A O   1 
ATOM   629  C  CB  . ASP A 1 77  ? -2.99827  -5.49537  -0.83231  1.000 10.26459 ? 417 ASP A CB  1 
ATOM   630  C  CG  . ASP A 1 77  ? -4.14560  -6.29687  -0.21898  1.000 19.96681 ? 417 ASP A CG  1 
ATOM   631  O  OD1 . ASP A 1 77  ? -5.30198  -6.15393  -0.67439  1.000 19.06222 ? 417 ASP A OD1 1 
ATOM   632  O  OD2 . ASP A 1 77  ? -3.88597  -7.07096  0.73524   1.000 14.04260 ? 417 ASP A OD2 1 
ATOM   633  N  N   . VAL A 1 78  ? -1.47108  -3.16627  -2.28640  1.000 8.19276  ? 418 VAL A N   1 
ATOM   634  C  CA  . VAL A 1 78  ? -0.76813  -1.88658  -2.16716  1.000 10.25698 ? 418 VAL A CA  1 
ATOM   635  C  C   . VAL A 1 78  ? -1.42211  -0.86126  -3.08389  1.000 8.02093  ? 418 VAL A C   1 
ATOM   636  O  O   . VAL A 1 78  ? -1.66159  0.28433   -2.70171  1.000 8.77870  ? 418 VAL A O   1 
ATOM   637  C  CB  . VAL A 1 78  ? 0.73504   -2.06224  -2.47475  1.000 10.43574 ? 418 VAL A CB  1 
ATOM   638  C  CG1 . VAL A 1 78  ? 1.47816   -0.70711  -2.47332  1.000 11.46361 ? 418 VAL A CG1 1 
ATOM   639  C  CG2 . VAL A 1 78  ? 1.37261   -3.00905  -1.49157  1.000 6.80970  ? 418 VAL A CG2 1 
ATOM   640  N  N   . ARG A 1 79  ? -1.76427  -1.27917  -4.29612  1.000 9.55285  ? 419 ARG A N   1 
ATOM   641  C  CA  . ARG A 1 79  ? -2.43399  -0.39231  -5.23309  1.000 9.60899  ? 419 ARG A CA  1 
ATOM   642  C  C   . ARG A 1 79  ? -3.83669  -0.03686  -4.76086  1.000 7.37323  ? 419 ARG A C   1 
ATOM   643  O  O   . ARG A 1 79  ? -4.28717  1.08783   -4.98007  1.000 10.44898 ? 419 ARG A O   1 
ATOM   644  C  CB  . ARG A 1 79  ? -2.46430  -1.05470  -6.61395  1.000 8.28394  ? 419 ARG A CB  1 
ATOM   645  C  CG  . ARG A 1 79  ? -1.06357  -1.15723  -7.20992  1.000 9.75667  ? 419 ARG A CG  1 
ATOM   646  C  CD  . ARG A 1 79  ? -1.05830  -2.02777  -8.42549  1.000 8.56175  ? 419 ARG A CD  1 
ATOM   647  N  NE  . ARG A 1 79  ? 0.21737   -1.99703  -9.12722  1.000 8.85862  ? 419 ARG A NE  1 
ATOM   648  C  CZ  . ARG A 1 79  ? 0.68077   -3.01372  -9.85287  1.000 10.53224 ? 419 ARG A CZ  1 
ATOM   649  N  NH1 . ARG A 1 79  ? -0.03430  -4.13357  -9.96724  1.000 10.78350 ? 419 ARG A NH1 1 
ATOM   650  N  NH2 . ARG A 1 79  ? 1.84557   -2.91267  -10.46897 1.000 13.02728 ? 419 ARG A NH2 1 
ATOM   651  N  N   . LEU A 1 80  ? -4.53425  -0.97705  -4.12056  1.000 11.70219 ? 420 LEU A N   1 
ATOM   652  C  CA  . LEU A 1 80  ? -5.84031  -0.66855  -3.53191  1.000 10.69024 ? 420 LEU A CA  1 
ATOM   653  C  C   . LEU A 1 80  ? -5.73511  0.47657   -2.52746  1.000 10.20143 ? 420 LEU A C   1 
ATOM   654  O  O   . LEU A 1 80  ? -6.56056  1.39497   -2.51804  1.000 7.11354  ? 420 LEU A O   1 
ATOM   655  C  CB  . LEU A 1 80  ? -6.41828  -1.91981  -2.86702  1.000 11.59222 ? 420 LEU A CB  1 
ATOM   656  C  CG  . LEU A 1 80  ? -7.63626  -1.76027  -1.93371  1.000 11.14483 ? 420 LEU A CG  1 
ATOM   657  C  CD1 . LEU A 1 80  ? -8.85197  -1.24644  -2.75299  1.000 10.24741 ? 420 LEU A CD1 1 
ATOM   658  C  CD2 . LEU A 1 80  ? -7.97713  -3.05908  -1.20747  1.000 13.22609 ? 420 LEU A CD2 1 
ATOM   659  N  N   . MET A 1 81  ? -4.72170  0.42879   -1.66779  1.000 11.99954 ? 421 MET A N   1 
ATOM   660  C  CA  . MET A 1 81  ? -4.47158  1.49922   -0.71206  1.000 10.87488 ? 421 MET A CA  1 
ATOM   661  C  C   . MET A 1 81  ? -4.38942  2.85780   -1.40454  1.000 13.65415 ? 421 MET A C   1 
ATOM   662  O  O   . MET A 1 81  ? -5.02982  3.83477   -0.97926  1.000 11.57909 ? 421 MET A O   1 
ATOM   663  C  CB  . MET A 1 81  ? -3.16717  1.19410   0.03574   1.000 8.67496  ? 421 MET A CB  1 
ATOM   664  C  CG  . MET A 1 81  ? -2.77344  2.19897   1.11520   1.000 10.15722 ? 421 MET A CG  1 
ATOM   665  S  SD  . MET A 1 81  ? -1.15151  1.77267   1.79590   1.000 11.47699 ? 421 MET A SD  1 
ATOM   666  C  CE  . MET A 1 81  ? -0.12978  2.34641   0.42504   1.000 7.58960  ? 421 MET A CE  1 
ATOM   667  N  N   . PHE A 1 82  ? -3.59398  2.94033   -2.47872  1.000 9.38808  ? 422 PHE A N   1 
ATOM   668  C  CA  . PHE A 1 82  ? -3.47705  4.20482   -3.19154  1.000 8.63148  ? 422 PHE A CA  1 
ATOM   669  C  C   . PHE A 1 82  ? -4.78906  4.55869   -3.87528  1.000 9.00871  ? 422 PHE A C   1 
ATOM   670  O  O   . PHE A 1 82  ? -5.21458  5.71954   -3.85216  1.000 11.06561 ? 422 PHE A O   1 
ATOM   671  C  CB  . PHE A 1 82  ? -2.34084  4.12810   -4.21740  1.000 9.95481  ? 422 PHE A CB  1 
ATOM   672  C  CG  . PHE A 1 82  ? -0.98654  3.96536   -3.60360  1.000 10.26657 ? 422 PHE A CG  1 
ATOM   673  C  CD1 . PHE A 1 82  ? -0.54233  4.85011   -2.63967  1.000 7.53566  ? 422 PHE A CD1 1 
ATOM   674  C  CD2 . PHE A 1 82  ? -0.16344  2.92312   -3.98527  1.000 16.04776 ? 422 PHE A CD2 1 
ATOM   675  C  CE1 . PHE A 1 82  ? 0.71232   4.71248   -2.08246  1.000 12.70367 ? 422 PHE A CE1 1 
ATOM   676  C  CE2 . PHE A 1 82  ? 1.09533   2.77440   -3.41746  1.000 9.01323  ? 422 PHE A CE2 1 
ATOM   677  C  CZ  . PHE A 1 82  ? 1.51818   3.67266   -2.46436  1.000 9.43102  ? 422 PHE A CZ  1 
ATOM   678  N  N   A SER A 1 83  ? -5.44048  3.57343   -4.50396  0.500 7.51629  ? 423 SER A N   1 
ATOM   679  N  N   B SER A 1 83  ? -5.44310  3.56878   -4.48343  0.500 7.53124  ? 423 SER A N   1 
ATOM   680  C  CA  A SER A 1 83  ? -6.70835  3.83648   -5.18813  0.500 6.78685  ? 423 SER A CA  1 
ATOM   681  C  CA  B SER A 1 83  ? -6.69421  3.82861   -5.19081  0.500 6.78967  ? 423 SER A CA  1 
ATOM   682  C  C   A SER A 1 83  ? -7.74031  4.41506   -4.23314  0.500 11.25282 ? 423 SER A C   1 
ATOM   683  C  C   B SER A 1 83  ? -7.75925  4.38362   -4.25043  0.500 11.25244 ? 423 SER A C   1 
ATOM   684  O  O   A SER A 1 83  ? -8.46667  5.35488   -4.58611  0.500 10.99343 ? 423 SER A O   1 
ATOM   685  O  O   B SER A 1 83  ? -8.52267  5.28318   -4.62807  0.500 11.00053 ? 423 SER A O   1 
ATOM   686  C  CB  A SER A 1 83  ? -7.25024  2.55611   -5.82553  0.500 5.23075  ? 423 SER A CB  1 
ATOM   687  C  CB  B SER A 1 83  ? -7.18103  2.54706   -5.86531  0.500 5.20235  ? 423 SER A CB  1 
ATOM   688  O  OG  A SER A 1 83  ? -6.38957  2.10098   -6.84435  0.500 6.63169  ? 423 SER A OG  1 
ATOM   689  O  OG  B SER A 1 83  ? -8.42897  2.76033   -6.47387  0.500 22.31445 ? 423 SER A OG  1 
ATOM   690  N  N   . ASN A 1 84  ? -7.82368  3.86085   -3.01970  1.000 8.51249  ? 424 ASN A N   1 
ATOM   691  C  CA  . ASN A 1 84  ? -8.76673  4.38437   -2.03285  1.000 9.72327  ? 424 ASN A CA  1 
ATOM   692  C  C   . ASN A 1 84  ? -8.51372  5.86030   -1.77367  1.000 9.29948  ? 424 ASN A C   1 
ATOM   693  O  O   . ASN A 1 84  ? -9.45300  6.63601   -1.57193  1.000 10.29327 ? 424 ASN A O   1 
ATOM   694  C  CB  . ASN A 1 84  ? -8.64081  3.62138   -0.71286  1.000 9.69624  ? 424 ASN A CB  1 
ATOM   695  C  CG  . ASN A 1 84  ? -9.23781  2.23900   -0.76955  1.000 12.88363 ? 424 ASN A CG  1 
ATOM   696  O  OD1 . ASN A 1 84  ? -10.05434 1.93114   -1.63113  1.000 12.74127 ? 424 ASN A OD1 1 
ATOM   697  N  ND2 . ASN A 1 84  ? -8.85191  1.40050   0.17713   1.000 11.93648 ? 424 ASN A ND2 1 
ATOM   698  N  N   . CYS A 1 85  ? -7.23895  6.24965   -1.73807  1.000 9.39892  ? 425 CYS A N   1 
ATOM   699  C  CA  . CYS A 1 85  ? -6.86008  7.63994   -1.53989  1.000 14.20357 ? 425 CYS A CA  1 
ATOM   700  C  C   . CYS A 1 85  ? -7.29303  8.50127   -2.72400  1.000 10.91648 ? 425 CYS A C   1 
ATOM   701  O  O   . CYS A 1 85  ? -7.84822  9.59319   -2.54656  1.000 9.54442  ? 425 CYS A O   1 
ATOM   702  C  CB  . CYS A 1 85  ? -5.34219  7.71806   -1.32202  1.000 10.39328 ? 425 CYS A CB  1 
ATOM   703  S  SG  . CYS A 1 85  ? -4.68403  9.37507   -0.95337  1.000 15.46242 ? 425 CYS A SG  1 
ATOM   704  N  N   . TYR A 1 86  ? -7.05060  8.02310   -3.94386  1.000 11.64697 ? 426 TYR A N   1 
ATOM   705  C  CA  . TYR A 1 86  ? -7.48966  8.77018   -5.12687  1.000 15.24631 ? 426 TYR A CA  1 
ATOM   706  C  C   . TYR A 1 86  ? -9.00471  8.80171   -5.24369  1.000 14.32541 ? 426 TYR A C   1 
ATOM   707  O  O   . TYR A 1 86  ? -9.55847  9.73314   -5.83393  1.000 12.56744 ? 426 TYR A O   1 
ATOM   708  C  CB  . TYR A 1 86  ? -6.91707  8.16167   -6.40517  1.000 9.32553  ? 426 TYR A CB  1 
ATOM   709  C  CG  . TYR A 1 86  ? -5.42281  7.93842   -6.41997  1.000 9.20402  ? 426 TYR A CG  1 
ATOM   710  C  CD1 . TYR A 1 86  ? -4.55424  8.83716   -5.81302  1.000 12.75652 ? 426 TYR A CD1 1 
ATOM   711  C  CD2 . TYR A 1 86  ? -4.87817  6.81346   -7.04232  1.000 13.01170 ? 426 TYR A CD2 1 
ATOM   712  C  CE1 . TYR A 1 86  ? -3.18012  8.62147   -5.82287  1.000 15.84124 ? 426 TYR A CE1 1 
ATOM   713  C  CE2 . TYR A 1 86  ? -3.50134  6.59106   -7.06099  1.000 13.83208 ? 426 TYR A CE2 1 
ATOM   714  C  CZ  . TYR A 1 86  ? -2.65763  7.49923   -6.45831  1.000 19.32009 ? 426 TYR A CZ  1 
ATOM   715  O  OH  . TYR A 1 86  ? -1.28950  7.27815   -6.47551  1.000 14.30443 ? 426 TYR A OH  1 
ATOM   716  N  N   . LYS A 1 87  ? -9.68799  7.77896   -4.73551  1.000 10.27110 ? 427 LYS A N   1 
ATOM   717  C  CA  . LYS A 1 87  ? -11.14516 7.78580   -4.79022  1.000 15.88163 ? 427 LYS A CA  1 
ATOM   718  C  C   . LYS A 1 87  ? -11.73178 8.80278   -3.81968  1.000 16.44836 ? 427 LYS A C   1 
ATOM   719  O  O   . LYS A 1 87  ? -12.65747 9.53891   -4.16518  1.000 11.64221 ? 427 LYS A O   1 
ATOM   720  C  CB  . LYS A 1 87  ? -11.71890 6.40332   -4.48216  1.000 8.11306  ? 427 LYS A CB  1 
ATOM   721  C  CG  . LYS A 1 87  ? -13.24029 6.36326   -4.78216  1.000 16.75477 ? 427 LYS A CG  1 
ATOM   722  C  CD  . LYS A 1 87  ? -13.86517 4.97841   -4.77259  1.000 42.96603 ? 427 LYS A CD  1 
ATOM   723  C  CE  . LYS A 1 87  ? -15.36924 5.10224   -4.93491  1.000 45.24268 ? 427 LYS A CE  1 
ATOM   724  N  NZ  . LYS A 1 87  ? -16.14189 3.91139   -4.48585  1.000 51.07456 ? 427 LYS A NZ  1 
ATOM   725  N  N   . TYR A 1 88  ? -11.21656 8.84654   -2.59384  1.000 10.41194 ? 428 TYR A N   1 
ATOM   726  C  CA  . TYR A 1 88  ? -11.89591 9.61037   -1.55172  1.000 14.41888 ? 428 TYR A CA  1 
ATOM   727  C  C   . TYR A 1 88  ? -11.54481 11.09693  -1.59081  1.000 14.49693 ? 428 TYR A C   1 
ATOM   728  O  O   . TYR A 1 88  ? -12.40061 11.93872  -1.30129  1.000 12.91849 ? 428 TYR A O   1 
ATOM   729  C  CB  . TYR A 1 88  ? -11.55498 9.05147   -0.16067  1.000 13.29284 ? 428 TYR A CB  1 
ATOM   730  C  CG  . TYR A 1 88  ? -12.26587 9.82894   0.92566   1.000 12.33299 ? 428 TYR A CG  1 
ATOM   731  C  CD1 . TYR A 1 88  ? -13.61664 9.61854   1.16503   1.000 12.08733 ? 428 TYR A CD1 1 
ATOM   732  C  CD2 . TYR A 1 88  ? -11.60976 10.80125  1.67552   1.000 13.59498 ? 428 TYR A CD2 1 
ATOM   733  C  CE1 . TYR A 1 88  ? -14.29713 10.33329  2.13317   1.000 12.91495 ? 428 TYR A CE1 1 
ATOM   734  C  CE2 . TYR A 1 88  ? -12.28754 11.53653  2.65820   1.000 15.30463 ? 428 TYR A CE2 1 
ATOM   735  C  CZ  . TYR A 1 88  ? -13.63656 11.28628  2.87034   1.000 14.00787 ? 428 TYR A CZ  1 
ATOM   736  O  OH  . TYR A 1 88  ? -14.34153 11.97097  3.81608   1.000 16.44006 ? 428 TYR A OH  1 
ATOM   737  N  N   . ASN A 1 89  ? -10.28365 11.44539  -1.90474  1.000 11.11612 ? 429 ASN A N   1 
ATOM   738  C  CA  . ASN A 1 89  ? -9.77055  12.80881  -1.73486  1.000 11.94152 ? 429 ASN A CA  1 
ATOM   739  C  C   . ASN A 1 89  ? -9.78839  13.59327  -3.04363  1.000 21.76544 ? 429 ASN A C   1 
ATOM   740  O  O   . ASN A 1 89  ? -9.56071  13.02957  -4.11689  1.000 19.77250 ? 429 ASN A O   1 
ATOM   741  C  CB  . ASN A 1 89  ? -8.32838  12.79686  -1.22701  1.000 13.26636 ? 429 ASN A CB  1 
ATOM   742  C  CG  . ASN A 1 89  ? -8.19404  12.14375  0.10358   1.000 23.48461 ? 429 ASN A CG  1 
ATOM   743  O  OD1 . ASN A 1 89  ? -7.75298  10.99619  0.20707   1.000 18.28325 ? 429 ASN A OD1 1 
ATOM   744  N  ND2 . ASN A 1 89  ? -8.57787  12.86151  1.14637   1.000 11.90354 ? 429 ASN A ND2 1 
ATOM   745  N  N   . PRO A 1 90  ? -10.01377 14.90744  -2.96815  1.000 23.42674 ? 430 PRO A N   1 
ATOM   746  C  CA  . PRO A 1 90  ? -9.89951  15.73173  -4.16834  1.000 23.15586 ? 430 PRO A CA  1 
ATOM   747  C  C   . PRO A 1 90  ? -8.50048  15.63028  -4.73428  1.000 17.76145 ? 430 PRO A C   1 
ATOM   748  O  O   . PRO A 1 90  ? -7.52126  15.46705  -3.98458  1.000 18.97346 ? 430 PRO A O   1 
ATOM   749  C  CB  . PRO A 1 90  ? -10.18768 17.14902  -3.64818  1.000 26.14046 ? 430 PRO A CB  1 
ATOM   750  C  CG  . PRO A 1 90  ? -10.89894 16.95247  -2.35375  1.000 27.96656 ? 430 PRO A CG  1 
ATOM   751  C  CD  . PRO A 1 90  ? -10.29881 15.71074  -1.77322  1.000 25.10014 ? 430 PRO A CD  1 
ATOM   752  N  N   . PRO A 1 91  ? -8.35616  15.72739  -6.05951  1.000 26.05136 ? 431 PRO A N   1 
ATOM   753  C  CA  . PRO A 1 91  ? -7.03504  15.51381  -6.67237  1.000 23.88860 ? 431 PRO A CA  1 
ATOM   754  C  C   . PRO A 1 91  ? -5.96468  16.50022  -6.24144  1.000 28.75023 ? 431 PRO A C   1 
ATOM   755  O  O   . PRO A 1 91  ? -4.77758  16.17474  -6.36350  1.000 29.18674 ? 431 PRO A O   1 
ATOM   756  C  CB  . PRO A 1 91  ? -7.31683  15.62784  -8.17859  1.000 24.53035 ? 431 PRO A CB  1 
ATOM   757  C  CG  . PRO A 1 91  ? -8.66405  16.23064  -8.30371  1.000 26.09651 ? 431 PRO A CG  1 
ATOM   758  C  CD  . PRO A 1 91  ? -9.41993  15.87827  -7.06739  1.000 25.45516 ? 431 PRO A CD  1 
ATOM   759  N  N   . ASP A 1 92  ? -6.31737  17.68061  -5.74103  1.000 23.19442 ? 432 ASP A N   1 
ATOM   760  C  CA  . ASP A 1 92  ? -5.31266  18.65162  -5.32127  1.000 29.73090 ? 432 ASP A CA  1 
ATOM   761  C  C   . ASP A 1 92  ? -5.02769  18.61066  -3.82250  1.000 26.15024 ? 432 ASP A C   1 
ATOM   762  O  O   . ASP A 1 92  ? -4.34017  19.50129  -3.31194  1.000 29.17267 ? 432 ASP A O   1 
ATOM   763  C  CB  . ASP A 1 92  ? -5.73714  20.06627  -5.73060  1.000 32.47517 ? 432 ASP A CB  1 
ATOM   764  C  CG  . ASP A 1 92  ? -6.90100  20.57688  -4.91434  1.000 34.30897 ? 432 ASP A CG  1 
ATOM   765  O  OD1 . ASP A 1 92  ? -7.81979  19.77662  -4.61627  1.000 39.89288 ? 432 ASP A OD1 1 
ATOM   766  O  OD2 . ASP A 1 92  ? -6.89982  21.77281  -4.56449  1.000 47.57239 ? 432 ASP A OD2 1 
ATOM   767  N  N   . HIS A 1 93  ? -5.53664  17.60874  -3.10884  1.000 17.61820 ? 433 HIS A N   1 
ATOM   768  C  CA  . HIS A 1 93  ? -5.21450  17.45194  -1.69336  1.000 19.85635 ? 433 HIS A CA  1 
ATOM   769  C  C   . HIS A 1 93  ? -3.75230  17.02905  -1.51495  1.000 19.34028 ? 433 HIS A C   1 
ATOM   770  O  O   . HIS A 1 93  ? -3.19087  16.28577  -2.32476  1.000 19.29070 ? 433 HIS A O   1 
ATOM   771  C  CB  . HIS A 1 93  ? -6.14216  16.41163  -1.04754  1.000 19.97394 ? 433 HIS A CB  1 
ATOM   772  C  CG  . HIS A 1 93  ? -6.19893  16.46699  0.45140   1.000 26.98299 ? 433 HIS A CG  1 
ATOM   773  N  ND1 . HIS A 1 93  ? -5.12891  16.12164  1.25530   1.000 19.69284 ? 433 HIS A ND1 1 
ATOM   774  C  CD2 . HIS A 1 93  ? -7.21681  16.77002  1.29354   1.000 25.31682 ? 433 HIS A CD2 1 
ATOM   775  C  CE1 . HIS A 1 93  ? -5.47498  16.24359  2.52447   1.000 16.31432 ? 433 HIS A CE1 1 
ATOM   776  N  NE2 . HIS A 1 93  ? -6.74092  16.62592  2.57624   1.000 31.90420 ? 433 HIS A NE2 1 
ATOM   777  N  N   . ASP A 1 94  ? -3.14321  17.50024  -0.42586  1.000 15.60580 ? 434 ASP A N   1 
ATOM   778  C  CA  . ASP A 1 94  ? -1.76933  17.11123  -0.11629  1.000 21.25530 ? 434 ASP A CA  1 
ATOM   779  C  C   . ASP A 1 94  ? -1.61273  15.59459  -0.02548  1.000 19.73806 ? 434 ASP A C   1 
ATOM   780  O  O   . ASP A 1 94  ? -0.61011  15.04084  -0.49656  1.000 19.37842 ? 434 ASP A O   1 
ATOM   781  C  CB  . ASP A 1 94  ? -1.32156  17.76268  1.18663   1.000 20.71695 ? 434 ASP A CB  1 
ATOM   782  C  CG  . ASP A 1 94  ? -0.80506  19.18477  0.99309   1.000 37.19100 ? 434 ASP A CG  1 
ATOM   783  O  OD1 . ASP A 1 94  ? -0.69188  19.65155  -0.15955  1.000 33.04374 ? 434 ASP A OD1 1 
ATOM   784  O  OD2 . ASP A 1 94  ? -0.50317  19.83383  2.01184   1.000 38.22934 ? 434 ASP A OD2 1 
ATOM   785  N  N   . VAL A 1 95  ? -2.58413  14.90224  0.57995   1.000 13.38534 ? 435 VAL A N   1 
ATOM   786  C  CA  . VAL A 1 95  ? -2.42151  13.46254  0.75568   1.000 14.21437 ? 435 VAL A CA  1 
ATOM   787  C  C   . VAL A 1 95  ? -2.37202  12.76060  -0.59449  1.000 13.92888 ? 435 VAL A C   1 
ATOM   788  O  O   . VAL A 1 95  ? -1.72945  11.71288  -0.73641  1.000 12.36716 ? 435 VAL A O   1 
ATOM   789  C  CB  . VAL A 1 95  ? -3.52731  12.89612  1.67330   1.000 12.26839 ? 435 VAL A CB  1 
ATOM   790  C  CG1 . VAL A 1 95  ? -4.88972  12.90501  0.98879   1.000 15.40819 ? 435 VAL A CG1 1 
ATOM   791  C  CG2 . VAL A 1 95  ? -3.16743  11.49227  2.12278   1.000 15.84713 ? 435 VAL A CG2 1 
ATOM   792  N  N   . VAL A 1 96  ? -3.01095  13.33210  -1.61229  1.000 12.78497 ? 436 VAL A N   1 
ATOM   793  C  CA  . VAL A 1 96  ? -2.94365  12.74111  -2.94507  1.000 16.06920 ? 436 VAL A CA  1 
ATOM   794  C  C   . VAL A 1 96  ? -1.54309  12.90086  -3.53886  1.000 13.38553 ? 436 VAL A C   1 
ATOM   795  O  O   . VAL A 1 96  ? -1.02657  11.97960  -4.18439  1.000 13.10465 ? 436 VAL A O   1 
ATOM   796  C  CB  . VAL A 1 96  ? -4.03068  13.35291  -3.84977  1.000 12.70502 ? 436 VAL A CB  1 
ATOM   797  C  CG1 . VAL A 1 96  ? -3.79433  12.97797  -5.30078  1.000 17.45937 ? 436 VAL A CG1 1 
ATOM   798  C  CG2 . VAL A 1 96  ? -5.42479  12.88669  -3.37678  1.000 11.62488 ? 436 VAL A CG2 1 
ATOM   799  N  N   . ALA A 1 97  ? -0.89853  14.05814  -3.32872  1.000 14.47151 ? 437 ALA A N   1 
ATOM   800  C  CA  . ALA A 1 97  ? 0.47458   14.20789  -3.80501  1.000 15.71382 ? 437 ALA A CA  1 
ATOM   801  C  C   . ALA A 1 97  ? 1.39718   13.21834  -3.10445  1.000 14.42587 ? 437 ALA A C   1 
ATOM   802  O  O   . ALA A 1 97  ? 2.30346   12.65915  -3.72660  1.000 12.01870 ? 437 ALA A O   1 
ATOM   803  C  CB  . ALA A 1 97  ? 0.97038   15.63627  -3.60322  1.000 15.76444 ? 437 ALA A CB  1 
ATOM   804  N  N   . MET A 1 98  ? 1.16481   12.98067  -1.80893  1.000 11.62630 ? 438 MET A N   1 
ATOM   805  C  CA  A MET A 1 98  ? 1.96978   12.01395  -1.07163  0.500 13.61864 ? 438 MET A CA  1 
ATOM   806  C  CA  B MET A 1 98  ? 1.96897   12.01283  -1.07013  0.500 13.61811 ? 438 MET A CA  1 
ATOM   807  C  C   . MET A 1 98  ? 1.75089   10.59808  -1.59139  1.000 11.42695 ? 438 MET A C   1 
ATOM   808  O  O   . MET A 1 98  ? 2.70801   9.83597   -1.74654  1.000 10.53939 ? 438 MET A O   1 
ATOM   809  C  CB  A MET A 1 98  ? 1.63519   12.10865  0.41604   0.500 14.96311 ? 438 MET A CB  1 
ATOM   810  C  CB  B MET A 1 98  ? 1.63949   12.09379  0.42211   0.500 14.96349 ? 438 MET A CB  1 
ATOM   811  C  CG  A MET A 1 98  ? 1.76847   13.52437  0.95778   0.500 13.50591 ? 438 MET A CG  1 
ATOM   812  C  CG  B MET A 1 98  ? 1.84295   13.48142  1.01772   0.500 13.52621 ? 438 MET A CG  1 
ATOM   813  S  SD  A MET A 1 98  ? 0.94147   13.77478  2.53015   0.500 16.34285 ? 438 MET A SD  1 
ATOM   814  S  SD  B MET A 1 98  ? 1.36558   13.59523  2.74735   0.500 22.75357 ? 438 MET A SD  1 
ATOM   815  C  CE  A MET A 1 98  ? 2.20709   13.11885  3.62018   0.500 7.78705  ? 438 MET A CE  1 
ATOM   816  C  CE  B MET A 1 98  ? 0.66643   15.24209  2.80657   0.500 30.29475 ? 438 MET A CE  1 
ATOM   817  N  N   . ALA A 1 99  ? 0.49584   10.23412  -1.85744  1.000 8.75645  ? 439 ALA A N   1 
ATOM   818  C  CA  . ALA A 1 99  ? 0.16989   8.92102   -2.40367  1.000 12.29326 ? 439 ALA A CA  1 
ATOM   819  C  C   . ALA A 1 99  ? 0.86805   8.68254   -3.73458  1.000 17.50583 ? 439 ALA A C   1 
ATOM   820  O  O   . ALA A 1 99  ? 1.37463   7.58330   -3.98356  1.000 10.54957 ? 439 ALA A O   1 
ATOM   821  C  CB  . ALA A 1 99  ? -1.34551  8.78784   -2.58052  1.000 11.29653 ? 439 ALA A CB  1 
ATOM   822  N  N   . ARG A 1 100 ? 0.89720   9.69893   -4.60838  1.000 11.96448 ? 440 ARG A N   1 
ATOM   823  C  CA  . ARG A 1 100 ? 1.51383   9.52977   -5.91883  1.000 14.40548 ? 440 ARG A CA  1 
ATOM   824  C  C   . ARG A 1 100 ? 3.02105   9.35047   -5.80590  1.000 11.11977 ? 440 ARG A C   1 
ATOM   825  O  O   . ARG A 1 100 ? 3.60579   8.54877   -6.53991  1.000 13.89666 ? 440 ARG A O   1 
ATOM   826  C  CB  . ARG A 1 100 ? 1.18629   10.71926  -6.81596  1.000 19.20231 ? 440 ARG A CB  1 
ATOM   827  C  CG  . ARG A 1 100 ? -0.27707  10.77369  -7.23575  1.000 24.97754 ? 440 ARG A CG  1 
ATOM   828  C  CD  . ARG A 1 100 ? -0.60471  12.16061  -7.73464  1.000 26.61397 ? 440 ARG A CD  1 
ATOM   829  N  NE  . ARG A 1 100 ? 0.27540   12.53933  -8.83149  1.000 31.74969 ? 440 ARG A NE  1 
ATOM   830  C  CZ  . ARG A 1 100 ? -0.10414  13.28108  -9.86207  1.000 53.93956 ? 440 ARG A CZ  1 
ATOM   831  N  NH1 . ARG A 1 100 ? -1.34910  13.74038  -9.91022  1.000 43.53799 ? 440 ARG A NH1 1 
ATOM   832  N  NH2 . ARG A 1 100 ? 0.76044   13.57635  -10.82985 1.000 37.02801 ? 440 ARG A NH2 1 
ATOM   833  N  N   . LYS A 1 101 ? 3.65695   10.09598  -4.89945  1.000 9.60693  ? 441 LYS A N   1 
ATOM   834  C  CA  . LYS A 1 101 ? 5.07468   9.90574   -4.61821  1.000 14.91672 ? 441 LYS A CA  1 
ATOM   835  C  C   . LYS A 1 101 ? 5.35416   8.50591   -4.08611  1.000 12.53632 ? 441 LYS A C   1 
ATOM   836  O  O   . LYS A 1 101 ? 6.26258   7.82022   -4.56769  1.000 14.61893 ? 441 LYS A O   1 
ATOM   837  C  CB  . LYS A 1 101 ? 5.55795   10.96224  -3.62197  1.000 10.69460 ? 441 LYS A CB  1 
ATOM   838  C  CG  . LYS A 1 101 ? 5.75233   12.35055  -4.25317  1.000 13.37453 ? 441 LYS A CG  1 
ATOM   839  C  CD  . LYS A 1 101 ? 5.78926   13.45606  -3.18988  1.000 18.68676 ? 441 LYS A CD  1 
ATOM   840  C  CE  . LYS A 1 101 ? 7.05525   13.37230  -2.36189  1.000 20.34474 ? 441 LYS A CE  1 
ATOM   841  N  NZ  . LYS A 1 101 ? 7.43292   14.68538  -1.75052  1.000 16.76923 ? 441 LYS A NZ  1 
ATOM   842  N  N   . LEU A 1 102 ? 4.61147   8.06749   -3.06718  1.000 9.44411  ? 442 LEU A N   1 
ATOM   843  C  CA  . LEU A 1 102 ? 4.83115   6.71034   -2.57009  1.000 10.36803 ? 442 LEU A CA  1 
ATOM   844  C  C   . LEU A 1 102 ? 4.53286   5.66921   -3.64143  1.000 10.90065 ? 442 LEU A C   1 
ATOM   845  O  O   . LEU A 1 102 ? 5.25255   4.67362   -3.76023  1.000 11.86886 ? 442 LEU A O   1 
ATOM   846  C  CB  . LEU A 1 102 ? 3.97976   6.43266   -1.32586  1.000 3.66389  ? 442 LEU A CB  1 
ATOM   847  C  CG  . LEU A 1 102 ? 4.50620   5.23100   -0.55024  1.000 7.92286  ? 442 LEU A CG  1 
ATOM   848  C  CD1 . LEU A 1 102 ? 5.91566   5.55183   -0.00742  1.000 10.96614 ? 442 LEU A CD1 1 
ATOM   849  C  CD2 . LEU A 1 102 ? 3.53777   4.86273   0.58286   1.000 12.86055 ? 442 LEU A CD2 1 
ATOM   850  N  N   . GLN A 1 103 ? 3.45925   5.85416   -4.41227  1.000 8.97846  ? 443 GLN A N   1 
ATOM   851  C  CA  . GLN A 1 103 ? 3.15575   4.86971   -5.44807  1.000 13.16355 ? 443 GLN A CA  1 
ATOM   852  C  C   . GLN A 1 103 ? 4.26340   4.81710   -6.48841  1.000 10.92881 ? 443 GLN A C   1 
ATOM   853  O  O   . GLN A 1 103 ? 4.57465   3.74714   -7.02890  1.000 11.28428 ? 443 GLN A O   1 
ATOM   854  C  CB  . GLN A 1 103 ? 1.82150   5.17728   -6.12516  1.000 17.62540 ? 443 GLN A CB  1 
ATOM   855  C  CG  . GLN A 1 103 ? 1.56488   4.20866   -7.26173  1.000 14.80029 ? 443 GLN A CG  1 
ATOM   856  C  CD  . GLN A 1 103 ? 0.11125   3.94932   -7.51578  1.000 21.38927 ? 443 GLN A CD  1 
ATOM   857  O  OE1 . GLN A 1 103 ? -0.72467  4.83617   -7.35217  1.000 14.81614 ? 443 GLN A OE1 1 
ATOM   858  N  NE2 . GLN A 1 103 ? -0.20749  2.71339   -7.90810  1.000 17.10146 ? 443 GLN A NE2 1 
ATOM   859  N  N   . ASP A 1 104 ? 4.86346   5.96883   -6.78898  1.000 10.62012 ? 444 ASP A N   1 
ATOM   860  C  CA  A ASP A 1 104 ? 6.03140   5.97759   -7.66110  0.500 11.30094 ? 444 ASP A CA  1 
ATOM   861  C  CA  B ASP A 1 104 ? 6.04952   6.00303   -7.64632  0.500 11.31550 ? 444 ASP A CA  1 
ATOM   862  C  C   . ASP A 1 104 ? 7.14583   5.10640   -7.09524  1.000 13.23128 ? 444 ASP A C   1 
ATOM   863  O  O   . ASP A 1 104 ? 7.74721   4.30880   -7.82639  1.000 11.98683 ? 444 ASP A O   1 
ATOM   864  C  CB  A ASP A 1 104 ? 6.52035   7.40746   -7.87250  0.500 18.13825 ? 444 ASP A CB  1 
ATOM   865  C  CB  B ASP A 1 104 ? 6.57039   7.43657   -7.76076  0.500 18.05903 ? 444 ASP A CB  1 
ATOM   866  C  CG  A ASP A 1 104 ? 7.37849   7.53879   -9.10273  0.500 27.35824 ? 444 ASP A CG  1 
ATOM   867  C  CG  B ASP A 1 104 ? 6.20843   8.08881   -9.07138  0.500 22.61783 ? 444 ASP A CG  1 
ATOM   868  O  OD1 A ASP A 1 104 ? 6.83317   7.68792   -10.21526 0.500 29.72394 ? 444 ASP A OD1 1 
ATOM   869  O  OD1 B ASP A 1 104 ? 6.45336   7.47237   -10.13048 0.500 31.34520 ? 444 ASP A OD1 1 
ATOM   870  O  OD2 A ASP A 1 104 ? 8.60549   7.45853   -8.95300  0.500 21.02706 ? 444 ASP A OD2 1 
ATOM   871  O  OD2 B ASP A 1 104 ? 5.70572   9.22940   -9.04133  0.500 27.46477 ? 444 ASP A OD2 1 
ATOM   872  N  N   . VAL A 1 105 ? 7.44686   5.25882   -5.79946  1.000 14.12034 ? 445 VAL A N   1 
ATOM   873  C  CA  . VAL A 1 105 ? 8.43477   4.39703   -5.14930  1.000 12.01266 ? 445 VAL A CA  1 
ATOM   874  C  C   . VAL A 1 105 ? 8.04050   2.94146   -5.32525  1.000 11.14912 ? 445 VAL A C   1 
ATOM   875  O  O   . VAL A 1 105 ? 8.84439   2.10134   -5.75085  1.000 13.06902 ? 445 VAL A O   1 
ATOM   876  C  CB  . VAL A 1 105 ? 8.57281   4.75195   -3.65777  1.000 9.98360  ? 445 VAL A CB  1 
ATOM   877  C  CG1 . VAL A 1 105 ? 9.46742   3.71211   -2.94175  1.000 11.01877 ? 445 VAL A CG1 1 
ATOM   878  C  CG2 . VAL A 1 105 ? 9.09632   6.18534   -3.47533  1.000 14.57621 ? 445 VAL A CG2 1 
ATOM   879  N  N   . PHE A 1 106 ? 6.77930   2.63055   -5.03977  1.000 7.24991  ? 446 PHE A N   1 
ATOM   880  C  CA  . PHE A 1 106 ? 6.32813   1.24393   -5.14157  1.000 9.05741  ? 446 PHE A CA  1 
ATOM   881  C  C   . PHE A 1 106 ? 6.42987   0.70489   -6.57330  1.000 11.87517 ? 446 PHE A C   1 
ATOM   882  O  O   . PHE A 1 106 ? 6.98055   -0.38037  -6.79827  1.000 9.07152  ? 446 PHE A O   1 
ATOM   883  C  CB  . PHE A 1 106 ? 4.88944   1.11784   -4.64194  1.000 10.57503 ? 446 PHE A CB  1 
ATOM   884  C  CG  . PHE A 1 106 ? 4.27768   -0.22225  -4.96618  1.000 13.52930 ? 446 PHE A CG  1 
ATOM   885  C  CD1 . PHE A 1 106 ? 4.63781   -1.34946  -4.24074  1.000 12.75681 ? 446 PHE A CD1 1 
ATOM   886  C  CD2 . PHE A 1 106 ? 3.40783   -0.36531  -6.02948  1.000 10.41276 ? 446 PHE A CD2 1 
ATOM   887  C  CE1 . PHE A 1 106 ? 4.10954   -2.60066  -4.55188  1.000 8.05535  ? 446 PHE A CE1 1 
ATOM   888  C  CE2 . PHE A 1 106 ? 2.86507   -1.60030  -6.33743  1.000 9.32521  ? 446 PHE A CE2 1 
ATOM   889  C  CZ  . PHE A 1 106 ? 3.20224   -2.72155  -5.60105  1.000 7.93682  ? 446 PHE A CZ  1 
ATOM   890  N  N   . GLU A 1 107 ? 5.87022   1.43223   -7.55700  1.000 9.82577  ? 447 GLU A N   1 
ATOM   891  C  CA  . GLU A 1 107 ? 5.78926   0.88509   -8.91281  1.000 8.71070  ? 447 GLU A CA  1 
ATOM   892  C  C   . GLU A 1 107 ? 7.17113   0.64579   -9.51102  1.000 11.16840 ? 447 GLU A C   1 
ATOM   893  O  O   . GLU A 1 107 ? 7.40330   -0.38472  -10.15278 1.000 9.08374  ? 447 GLU A O   1 
ATOM   894  C  CB  . GLU A 1 107 ? 4.96208   1.80220   -9.82086  1.000 13.46966 ? 447 GLU A CB  1 
ATOM   895  C  CG  . GLU A 1 107 ? 3.48854   1.93214   -9.38823  1.000 12.59067 ? 447 GLU A CG  1 
ATOM   896  C  CD  . GLU A 1 107 ? 2.65598   0.65390   -9.58031  1.000 15.46374 ? 447 GLU A CD  1 
ATOM   897  O  OE1 . GLU A 1 107 ? 3.10896   -0.29908  -10.24269 1.000 11.85594 ? 447 GLU A OE1 1 
ATOM   898  O  OE2 . GLU A 1 107 ? 1.53503   0.60877   -9.05207  1.000 15.84595 ? 447 GLU A OE2 1 
ATOM   899  N  N   . PHE A 1 108 ? 8.11407   1.56078   -9.28915  1.000 9.13156  ? 448 PHE A N   1 
ATOM   900  C  CA  . PHE A 1 108 ? 9.41147   1.38284   -9.92386  1.000 13.63654 ? 448 PHE A CA  1 
ATOM   901  C  C   . PHE A 1 108 ? 10.19176  0.23156   -9.30458  1.000 7.12865  ? 448 PHE A C   1 
ATOM   902  O  O   . PHE A 1 108 ? 10.89401  -0.48707  -10.01587 1.000 9.94548  ? 448 PHE A O   1 
ATOM   903  C  CB  . PHE A 1 108 ? 10.20356  2.68867   -9.88053  1.000 13.52821 ? 448 PHE A CB  1 
ATOM   904  C  CG  . PHE A 1 108 ? 9.84043   3.61329   -10.99758 1.000 22.84368 ? 448 PHE A CG  1 
ATOM   905  C  CD1 . PHE A 1 108 ? 8.67002   4.36472   -10.93771 1.000 16.85183 ? 448 PHE A CD1 1 
ATOM   906  C  CD2 . PHE A 1 108 ? 10.60680  3.65527   -12.16037 1.000 18.30784 ? 448 PHE A CD2 1 
ATOM   907  C  CE1 . PHE A 1 108 ? 8.30246   5.18589   -11.99098 1.000 26.51787 ? 448 PHE A CE1 1 
ATOM   908  C  CE2 . PHE A 1 108 ? 10.23892  4.48255   -13.21742 1.000 19.47447 ? 448 PHE A CE2 1 
ATOM   909  C  CZ  . PHE A 1 108 ? 9.08601   5.24533   -13.13009 1.000 20.59988 ? 448 PHE A CZ  1 
ATOM   910  N  N   . ARG A 1 109 ? 10.04464  -0.00382  -8.00224  1.000 7.58302  ? 449 ARG A N   1 
ATOM   911  C  CA  . ARG A 1 109 ? 10.73697  -1.15162  -7.43186  1.000 11.34426 ? 449 ARG A CA  1 
ATOM   912  C  C   . ARG A 1 109 ? 9.97013   -2.45428  -7.67458  1.000 13.38985 ? 449 ARG A C   1 
ATOM   913  O  O   . ARG A 1 109 ? 10.58254  -3.51768  -7.85834  1.000 10.75055 ? 449 ARG A O   1 
ATOM   914  C  CB  . ARG A 1 109 ? 10.98508  -0.93178  -5.93946  1.000 9.46592  ? 449 ARG A CB  1 
ATOM   915  C  CG  . ARG A 1 109 ? 11.81681  -2.04223  -5.34329  1.000 16.14594 ? 449 ARG A CG  1 
ATOM   916  C  CD  . ARG A 1 109 ? 12.44354  -1.70160  -4.00453  1.000 15.62908 ? 449 ARG A CD  1 
ATOM   917  N  NE  . ARG A 1 109 ? 13.13224  -2.89149  -3.50668  1.000 14.74600 ? 449 ARG A NE  1 
ATOM   918  C  CZ  . ARG A 1 109 ? 13.51498  -3.08363  -2.24907  1.000 14.41337 ? 449 ARG A CZ  1 
ATOM   919  N  NH1 . ARG A 1 109 ? 13.31516  -2.14462  -1.32360  1.000 10.47071 ? 449 ARG A NH1 1 
ATOM   920  N  NH2 . ARG A 1 109 ? 14.10976  -4.23093  -1.92746  1.000 15.54735 ? 449 ARG A NH2 1 
ATOM   921  N  N   . TYR A 1 110 ? 8.63838   -2.40246  -7.67384  1.000 8.07539  ? 450 TYR A N   1 
ATOM   922  C  CA  . TYR A 1 110 ? 7.87402   -3.58242  -8.05685  1.000 8.99822  ? 450 TYR A CA  1 
ATOM   923  C  C   . TYR A 1 110 ? 8.24842   -4.03218  -9.45942  1.000 9.34369  ? 450 TYR A C   1 
ATOM   924  O  O   . TYR A 1 110 ? 8.30296   -5.23506  -9.72730  1.000 9.01982  ? 450 TYR A O   1 
ATOM   925  C  CB  . TYR A 1 110 ? 6.36789   -3.32323  -7.98146  1.000 9.61238  ? 450 TYR A CB  1 
ATOM   926  C  CG  . TYR A 1 110 ? 5.53352   -4.59074  -8.17095  1.000 10.44531 ? 450 TYR A CG  1 
ATOM   927  C  CD1 . TYR A 1 110 ? 5.41190   -5.52263  -7.14525  1.000 13.18033 ? 450 TYR A CD1 1 
ATOM   928  C  CD2 . TYR A 1 110 ? 4.85114   -4.83885  -9.36618  1.000 13.55950 ? 450 TYR A CD2 1 
ATOM   929  C  CE1 . TYR A 1 110 ? 4.64564   -6.68622  -7.30630  1.000 10.64110 ? 450 TYR A CE1 1 
ATOM   930  C  CE2 . TYR A 1 110 ? 4.08179   -6.00789  -9.54362  1.000 11.58439 ? 450 TYR A CE2 1 
ATOM   931  C  CZ  . TYR A 1 110 ? 3.99418   -6.92736  -8.51398  1.000 9.90617  ? 450 TYR A CZ  1 
ATOM   932  O  OH  . TYR A 1 110 ? 3.23661   -8.07783  -8.66957  1.000 12.87676 ? 450 TYR A OH  1 
ATOM   933  N  N   . ALA A 1 111 ? 8.54286   -3.07941  -10.35147 1.000 7.62201  ? 451 ALA A N   1 
ATOM   934  C  CA  . ALA A 1 111 ? 8.91957   -3.41094  -11.72130 1.000 10.60420 ? 451 ALA A CA  1 
ATOM   935  C  C   . ALA A 1 111 ? 10.26300  -4.12331  -11.79130 1.000 17.66226 ? 451 ALA A C   1 
ATOM   936  O  O   . ALA A 1 111 ? 10.55058  -4.77703  -12.79130 1.000 22.28523 ? 451 ALA A O   1 
ATOM   937  C  CB  . ALA A 1 111 ? 8.96054   -2.14670  -12.57567 1.000 10.91909 ? 451 ALA A CB  1 
ATOM   938  N  N   . LYS A 1 112 ? 11.08943  -4.01397  -10.75213 1.000 15.15666 ? 452 LYS A N   1 
ATOM   939  C  CA  . LYS A 1 112 ? 12.37365  -4.70461  -10.69915 1.000 15.95450 ? 452 LYS A CA  1 
ATOM   940  C  C   . LYS A 1 112 ? 12.24418  -6.11598  -10.16199 1.000 15.88972 ? 452 LYS A C   1 
ATOM   941  O  O   . LYS A 1 112 ? 13.23941  -6.70441  -9.73829  1.000 20.95623 ? 452 LYS A O   1 
ATOM   942  C  CB  . LYS A 1 112 ? 13.36219  -3.89475  -9.85805  1.000 15.87006 ? 452 LYS A CB  1 
ATOM   943  C  CG  . LYS A 1 112 ? 13.84897  -2.61407  -10.51982 1.000 20.49976 ? 452 LYS A CG  1 
ATOM   944  C  CD  . LYS A 1 112 ? 14.97505  -1.98845  -9.70381  1.000 23.02931 ? 452 LYS A CD  1 
ATOM   945  C  CE  . LYS A 1 112 ? 14.77739  -0.51691  -9.42476  1.000 31.52666 ? 452 LYS A CE  1 
ATOM   946  N  NZ  . LYS A 1 112 ? 14.38265  0.27836   -10.60918 1.000 42.91561 ? 452 LYS A NZ  1 
ATOM   947  N  N   . MET A 1 113 ? 11.03526  -6.65730  -10.16679 1.000 16.04735 ? 453 MET A N   1 
ATOM   948  C  CA  A MET A 1 113 ? 10.78936  -7.97925  -9.61404  0.500 16.70322 ? 453 MET A CA  1 
ATOM   949  C  CA  B MET A 1 113 ? 10.78913  -7.97927  -9.61415  0.500 16.70260 ? 453 MET A CA  1 
ATOM   950  C  C   . MET A 1 113 ? 11.63367  -9.03583  -10.31907 1.000 19.26578 ? 453 MET A C   1 
ATOM   951  O  O   . MET A 1 113 ? 11.69404  -9.05823  -11.54650 1.000 25.37928 ? 453 MET A O   1 
ATOM   952  C  CB  A MET A 1 113 ? 9.31890   -8.33888  -9.75576  0.500 20.88076 ? 453 MET A CB  1 
ATOM   953  C  CB  B MET A 1 113 ? 9.31841   -8.33822  -9.75639  0.500 20.88091 ? 453 MET A CB  1 
ATOM   954  C  CG  A MET A 1 113 ? 9.02880   -9.77889  -9.44077  0.500 28.95982 ? 453 MET A CG  1 
ATOM   955  C  CG  B MET A 1 113 ? 9.02637   -9.77769  -9.44078  0.500 28.96885 ? 453 MET A CG  1 
ATOM   956  S  SD  A MET A 1 113 ? 8.56930   -9.88577  -7.71453  0.500 29.08117 ? 453 MET A SD  1 
ATOM   957  S  SD  B MET A 1 113 ? 8.57123   -9.88587  -7.71316  0.500 29.25670 ? 453 MET A SD  1 
ATOM   958  C  CE  A MET A 1 113 ? 7.16987   -8.78655  -7.70431  0.500 17.52026 ? 453 MET A CE  1 
ATOM   959  C  CE  B MET A 1 113 ? 7.17959   -8.77646  -7.69303  0.500 17.52764 ? 453 MET A CE  1 
ATOM   960  N  N   . PRO A 1 114 ? 12.28071  -9.93374  -9.57148  1.000 22.56635 ? 454 PRO A N   1 
ATOM   961  C  CA  . PRO A 1 114 ? 13.01792  -11.02847 -10.21937 1.000 23.28152 ? 454 PRO A CA  1 
ATOM   962  C  C   . PRO A 1 114 ? 12.06050  -11.99915 -10.90301 1.000 20.95524 ? 454 PRO A C   1 
ATOM   963  O  O   . PRO A 1 114 ? 10.99811  -12.33274 -10.37105 1.000 21.77802 ? 454 PRO A O   1 
ATOM   964  C  CB  . PRO A 1 114 ? 13.76331  -11.70107 -9.06024  1.000 25.61069 ? 454 PRO A CB  1 
ATOM   965  C  CG  . PRO A 1 114 ? 13.69563  -10.75171 -7.91986  1.000 33.59878 ? 454 PRO A CG  1 
ATOM   966  C  CD  . PRO A 1 114 ? 12.44950  -9.93492  -8.10900  1.000 20.74140 ? 454 PRO A CD  1 
ATOM   967  N  N   . ASP A 1 115 ? 12.42937  -12.43190 -12.10634 1.000 37.74979 ? 455 ASP A N   1 
ATOM   968  C  CA  . ASP A 1 115 ? 11.60052  -13.37792 -12.85968 1.000 36.56399 ? 455 ASP A CA  1 
ATOM   969  C  C   . ASP A 1 115 ? 12.39037  -14.10305 -13.95587 1.000 59.67862 ? 455 ASP A C   1 
ATOM   970  O  O   . ASP A 1 115 ? 12.11837  -15.26634 -14.27687 1.000 60.37004 ? 455 ASP A O   1 
ATOM   971  C  CB  . ASP A 1 115 ? 10.37303  -12.66406 -13.46721 1.000 46.29452 ? 455 ASP A CB  1 
ATOM   972  C  CG  . ASP A 1 115 ? 10.72282  -11.75739 -14.65815 1.000 45.11749 ? 455 ASP A CG  1 
ATOM   973  O  OD1 . ASP A 1 115 ? 11.92143  -11.58977 -14.98050 1.000 54.09456 ? 455 ASP A OD1 1 
ATOM   974  O  OD2 . ASP A 1 115 ? 9.77554   -11.19161 -15.25532 1.000 42.52886 ? 455 ASP A OD2 1 
HETATM 975  C  C1  . PGE B 2 .   ? 9.65856   -17.29656 1.45212   1.000 37.82725 ? 601 PGE A C1  1 
HETATM 976  O  O1  . PGE B 2 .   ? 9.48326   -18.58943 2.02154   1.000 51.60680 ? 601 PGE A O1  1 
HETATM 977  C  C2  . PGE B 2 .   ? 8.46834   -16.40938 1.77290   1.000 39.55914 ? 601 PGE A C2  1 
HETATM 978  O  O2  . PGE B 2 .   ? 8.91340   -15.21242 2.38737   1.000 31.38506 ? 601 PGE A O2  1 
HETATM 979  C  C3  . PGE B 2 .   ? 8.08274   -14.08265 2.17413   1.000 29.17504 ? 601 PGE A C3  1 
HETATM 980  C  C4  . PGE B 2 .   ? 8.39453   -12.99864 3.20019   1.000 24.94149 ? 601 PGE A C4  1 
HETATM 981  O  O4  . PGE B 2 .   ? 7.42820   -14.23004 6.98315   1.000 41.43779 ? 601 PGE A O4  1 
HETATM 982  C  C6  . PGE B 2 .   ? 7.33632   -12.82413 6.76196   1.000 38.61051 ? 601 PGE A C6  1 
HETATM 983  C  C5  . PGE B 2 .   ? 8.10074   -12.43664 5.50706   1.000 30.92174 ? 601 PGE A C5  1 
HETATM 984  O  O3  . PGE B 2 .   ? 7.82089   -13.34572 4.45856   1.000 30.41300 ? 601 PGE A O3  1 
HETATM 985  C  C1  . BUX C 3 .   ? -4.11992  11.56928  8.30722   1.000 48.79387 ? 602 BUX A C1  1 
HETATM 986  C  C2  . BUX C 3 .   ? -3.84693  10.22192  8.50664   1.000 36.26366 ? 602 BUX A C2  1 
HETATM 987  C  C3  . BUX C 3 .   ? -3.62826  9.73449   9.79125   1.000 44.31362 ? 602 BUX A C3  1 
HETATM 988  C  C4  . BUX C 3 .   ? -3.67895  10.61898  10.84995  1.000 31.09643 ? 602 BUX A C4  1 
HETATM 989  C  C5  . BUX C 3 .   ? -3.93451  11.96179  10.67262  1.000 46.64126 ? 602 BUX A C5  1 
HETATM 990  C  C6  . BUX C 3 .   ? -4.54913  9.23508   6.33045   1.000 50.84783 ? 602 BUX A C6  1 
HETATM 991  C  C7  . BUX C 3 .   ? -5.04290  8.26625   4.27310   1.000 37.00515 ? 602 BUX A C7  1 
HETATM 992  C  C8  . BUX C 3 .   ? -6.17951  9.10655   4.17571   1.000 38.40871 ? 602 BUX A C8  1 
HETATM 993  C  C9  . BUX C 3 .   ? -6.42976  9.98734   5.21510   1.000 43.33426 ? 602 BUX A C9  1 
HETATM 994  C  C10 . BUX C 3 .   ? -7.47696  10.91845  5.16292   1.000 45.59101 ? 602 BUX A C10 1 
HETATM 995  C  C11 . BUX C 3 .   ? -8.19758  10.87891  4.03778   1.000 40.60660 ? 602 BUX A C11 1 
HETATM 996  C  C12 . BUX C 3 .   ? -7.02654  9.10567   3.01757   1.000 35.19123 ? 602 BUX A C12 1 
HETATM 997  CL CL1 . BUX C 3 .   ? -9.35472  12.03137  3.71036   1.000 91.56257 ? 602 BUX A CL1 1 
HETATM 998  O  O2  . BUX C 3 .   ? -8.05791  10.03830  3.00323   1.000 47.15274 ? 602 BUX A O2  1 
HETATM 999  O  O3  . BUX C 3 .   ? -6.94062  8.39836   2.04339   1.000 51.45918 ? 602 BUX A O3  1 
HETATM 1000 O  O   . BUX C 3 .   ? -4.77101  7.46518   3.37330   1.000 51.44421 ? 602 BUX A O   1 
HETATM 1001 N  N1  . BUX C 3 .   ? -4.24205  8.37432   5.38124   1.000 49.29257 ? 602 BUX A N1  1 
HETATM 1002 O  O1  . BUX C 3 .   ? -5.67533  10.00037  6.35640   1.000 48.63704 ? 602 BUX A O1  1 
HETATM 1003 N  N   . BUX C 3 .   ? -3.73200  9.34817   7.40164   1.000 42.88841 ? 602 BUX A N   1 
HETATM 1004 CL CL  . BUX C 3 .   ? -3.43630  10.00749  12.46371  1.000 67.05623 ? 602 BUX A CL  1 
HETATM 1005 C  C   . BUX C 3 .   ? -4.16046  12.43236  9.38891   1.000 54.15339 ? 602 BUX A C   1 
HETATM 1006 O  O   . HOH D 4 .   ? -7.96667  6.48401   1.58307   1.000 17.68775 ? 701 HOH A O   1 
HETATM 1007 O  O   . HOH D 4 .   ? 9.44696   -9.65403  -16.94826 1.000 21.39399 ? 702 HOH A O   1 
HETATM 1008 O  O   . HOH D 4 .   ? -4.80859  -9.92471  8.35597   1.000 35.06184 ? 703 HOH A O   1 
HETATM 1009 O  O   . HOH D 4 .   ? -18.27744 4.03652   -3.25597  1.000 40.49196 ? 704 HOH A O   1 
HETATM 1010 O  O   . HOH D 4 .   ? 7.95953   5.36513   5.35807   1.000 10.78834 ? 705 HOH A O   1 
HETATM 1011 O  O   . HOH D 4 .   ? -7.47181  -8.70327  3.34007   1.000 39.20369 ? 706 HOH A O   1 
HETATM 1012 O  O   . HOH D 4 .   ? -3.61596  -15.15059 -4.22197  1.000 36.60097 ? 707 HOH A O   1 
HETATM 1013 O  O   . HOH D 4 .   ? 14.44575  2.48497   2.65750   1.000 33.22413 ? 708 HOH A O   1 
HETATM 1014 O  O   . HOH D 4 .   ? -6.54854  7.78876   10.44444  1.000 36.98816 ? 709 HOH A O   1 
HETATM 1015 O  O   . HOH D 4 .   ? -5.29747  -10.61462 -0.49639  1.000 35.89484 ? 710 HOH A O   1 
HETATM 1016 O  O   . HOH D 4 .   ? 13.18001  3.03872   -4.13482  1.000 20.46253 ? 711 HOH A O   1 
HETATM 1017 O  O   . HOH D 4 .   ? 5.40073   -1.59960  -11.14973 1.000 11.17498 ? 712 HOH A O   1 
HETATM 1018 O  O   . HOH D 4 .   ? -5.67654  4.75874   1.33589   1.000 14.51639 ? 713 HOH A O   1 
HETATM 1019 O  O   . HOH D 4 .   ? -7.97657  2.91710   2.93479   1.000 14.40739 ? 714 HOH A O   1 
HETATM 1020 O  O   . HOH D 4 .   ? 4.94672   14.91321  2.42750   1.000 26.01675 ? 715 HOH A O   1 
HETATM 1021 O  O   . HOH D 4 .   ? -0.71753  -23.91613 -4.93911  1.000 28.02370 ? 716 HOH A O   1 
HETATM 1022 O  O   . HOH D 4 .   ? -4.75903  -8.62415  -2.78425  1.000 21.95151 ? 717 HOH A O   1 
HETATM 1023 O  O   . HOH D 4 .   ? -6.91775  -0.23704  6.31223   1.000 14.09478 ? 718 HOH A O   1 
HETATM 1024 O  O   . HOH D 4 .   ? 2.65219   -6.90701  11.94036  1.000 33.49121 ? 719 HOH A O   1 
HETATM 1025 O  O   . HOH D 4 .   ? 12.17068  11.00562  6.51003   1.000 25.46643 ? 720 HOH A O   1 
HETATM 1026 O  O   . HOH D 4 .   ? 14.66819  -12.15880 -13.43753 1.000 46.91573 ? 721 HOH A O   1 
HETATM 1027 O  O   . HOH D 4 .   ? -6.70960  -0.47744  -7.18562  1.000 14.62635 ? 722 HOH A O   1 
HETATM 1028 O  O   . HOH D 4 .   ? -5.87095  -2.97540  -6.46836  1.000 14.37038 ? 723 HOH A O   1 
HETATM 1029 O  O   . HOH D 4 .   ? 3.19703   13.90107  -5.86180  1.000 27.36314 ? 724 HOH A O   1 
HETATM 1030 O  O   . HOH D 4 .   ? -22.91525 2.91188   2.25546   1.000 24.54578 ? 725 HOH A O   1 
HETATM 1031 O  O   . HOH D 4 .   ? -4.87161  3.84060   3.49488   1.000 17.19729 ? 726 HOH A O   1 
HETATM 1032 O  O   . HOH D 4 .   ? 2.07592   -0.21173  -12.68356 1.000 18.73543 ? 727 HOH A O   1 
HETATM 1033 O  O   . HOH D 4 .   ? -19.08788 5.86878   6.64481   1.000 18.33685 ? 728 HOH A O   1 
HETATM 1034 O  O   . HOH D 4 .   ? -12.13447 4.69443   14.95597  1.000 39.54497 ? 729 HOH A O   1 
HETATM 1035 O  O   . HOH D 4 .   ? 1.66538   -19.68601 -4.37249  1.000 43.24270 ? 730 HOH A O   1 
HETATM 1036 O  O   . HOH D 4 .   ? 4.72458   -14.42251 -7.00993  1.000 18.90739 ? 731 HOH A O   1 
HETATM 1037 O  O   . HOH D 4 .   ? -8.54897  12.37152  -6.49627  1.000 20.76275 ? 732 HOH A O   1 
HETATM 1038 O  O   . HOH D 4 .   ? -7.30759  -7.55537  0.41706   1.000 24.74352 ? 733 HOH A O   1 
HETATM 1039 O  O   . HOH D 4 .   ? -3.02112  -13.38625 -7.07343  1.000 25.21454 ? 734 HOH A O   1 
HETATM 1040 O  O   . HOH D 4 .   ? 5.13856   -14.01461 3.66877   1.000 28.87457 ? 735 HOH A O   1 
HETATM 1041 O  O   . HOH D 4 .   ? -6.91349  -3.75989  8.84286   1.000 28.65505 ? 736 HOH A O   1 
HETATM 1042 O  O   . HOH D 4 .   ? -21.20189 8.10947   9.28595   1.000 17.93072 ? 737 HOH A O   1 
HETATM 1043 O  O   . HOH D 4 .   ? 5.67945   15.15960  6.06557   1.000 30.69168 ? 738 HOH A O   1 
HETATM 1044 O  O   . HOH D 4 .   ? 11.08193  -0.47018  7.36590   1.000 24.68024 ? 739 HOH A O   1 
HETATM 1045 O  O   . HOH D 4 .   ? -9.86457  15.72361  8.81541   1.000 34.11436 ? 740 HOH A O   1 
HETATM 1046 O  O   . HOH D 4 .   ? 11.44590  2.71511   -6.26453  1.000 13.01497 ? 741 HOH A O   1 
HETATM 1047 O  O   . HOH D 4 .   ? -2.40777  16.57980  -5.08653  1.000 28.75966 ? 742 HOH A O   1 
HETATM 1048 O  O   . HOH D 4 .   ? -3.93860  4.95942   5.83089   1.000 15.51205 ? 743 HOH A O   1 
HETATM 1049 O  O   . HOH D 4 .   ? -11.11347 9.72111   -8.08059  1.000 35.89609 ? 744 HOH A O   1 
HETATM 1050 O  O   . HOH D 4 .   ? -12.23541 4.29480   10.37125  1.000 19.63623 ? 745 HOH A O   1 
HETATM 1051 O  O   . HOH D 4 .   ? 9.77976   -9.34850  7.59880   1.000 23.52640 ? 746 HOH A O   1 
HETATM 1052 O  O   . HOH D 4 .   ? -15.97843 13.60292  0.91156   1.000 23.38904 ? 747 HOH A O   1 
HETATM 1053 O  O   . HOH D 4 .   ? -1.75251  -7.79533  -9.20046  1.000 16.05377 ? 748 HOH A O   1 
HETATM 1054 O  O   . HOH D 4 .   ? -10.02368 2.39179   7.57798   1.000 18.38577 ? 749 HOH A O   1 
HETATM 1055 O  O   . HOH D 4 .   ? -6.60210  -6.35431  -3.10443  1.000 24.13577 ? 750 HOH A O   1 
HETATM 1056 O  O   . HOH D 4 .   ? -12.33754 0.31479   -1.45036  1.000 18.11384 ? 751 HOH A O   1 
HETATM 1057 O  O   . HOH D 4 .   ? -3.92611  -12.03916 7.47730   1.000 22.11024 ? 752 HOH A O   1 
HETATM 1058 O  O   . HOH D 4 .   ? 1.56720   -4.57225  10.93537  1.000 32.12322 ? 753 HOH A O   1 
HETATM 1059 O  O   . HOH D 4 .   ? -18.02475 -0.02554  4.85803   1.000 36.70636 ? 754 HOH A O   1 
HETATM 1060 O  O   . HOH D 4 .   ? 17.57580  -16.52290 -6.71888  1.000 42.81111 ? 755 HOH A O   1 
HETATM 1061 O  O   . HOH D 4 .   ? 2.71488   -17.43272 1.11288   1.000 28.73844 ? 756 HOH A O   1 
HETATM 1062 O  O   . HOH D 4 .   ? -4.39661  19.43055  1.18090   1.000 31.29906 ? 757 HOH A O   1 
HETATM 1063 O  O   . HOH D 4 .   ? -8.13854  17.40340  4.90671   1.000 42.78736 ? 758 HOH A O   1 
HETATM 1064 O  O   . HOH D 4 .   ? 14.49452  -16.58292 -15.08974 1.000 23.02954 ? 759 HOH A O   1 
HETATM 1065 O  O   . HOH D 4 .   ? 2.84460   -19.27761 -2.33517  1.000 46.53056 ? 760 HOH A O   1 
HETATM 1066 O  O   . HOH D 4 .   ? 6.80257   -6.83545  -11.53611 1.000 16.62109 ? 761 HOH A O   1 
HETATM 1067 O  O   . HOH D 4 .   ? -1.15517  -18.34124 6.05394   1.000 18.46593 ? 762 HOH A O   1 
HETATM 1068 O  O   . HOH D 4 .   ? 8.39808   -16.28924 5.23522   1.000 44.55810 ? 763 HOH A O   1 
HETATM 1069 O  O   . HOH D 4 .   ? -21.97628 2.81669   0.01894   1.000 24.76408 ? 764 HOH A O   1 
HETATM 1070 O  O   . HOH D 4 .   ? -8.95974  -3.51400  5.89414   1.000 35.11939 ? 765 HOH A O   1 
HETATM 1071 O  O   . HOH D 4 .   ? -3.60268  -3.19796  10.87172  1.000 39.87772 ? 766 HOH A O   1 
HETATM 1072 O  O   . HOH D 4 .   ? -14.05104 5.35734   12.11120  1.000 33.64272 ? 767 HOH A O   1 
HETATM 1073 O  O   . HOH D 4 .   ? -6.96121  8.29890   15.99517  1.000 34.74027 ? 768 HOH A O   1 
HETATM 1074 O  O   . HOH D 4 .   ? -10.52822 1.76155   -4.52517  1.000 23.60960 ? 769 HOH A O   1 
HETATM 1075 O  O   . HOH D 4 .   ? -7.77708  2.34446   5.77024   1.000 11.54133 ? 770 HOH A O   1 
HETATM 1076 O  O   . HOH D 4 .   ? -15.24562 0.17810   4.73717   1.000 15.69168 ? 771 HOH A O   1 
HETATM 1077 O  O   . HOH D 4 .   ? 2.90116   0.78277   9.93091   1.000 30.45751 ? 772 HOH A O   1 
HETATM 1078 O  O   . HOH D 4 .   ? -10.10644 -4.50253  2.19335   1.000 32.00397 ? 773 HOH A O   1 
HETATM 1079 O  O   . HOH D 4 .   ? -4.05282  6.27556   10.12308  1.000 32.54472 ? 774 HOH A O   1 
HETATM 1080 O  O   . HOH D 4 .   ? 12.45008  -18.67354 1.78494   1.000 42.18295 ? 775 HOH A O   1 
HETATM 1081 O  O   . HOH D 4 .   ? 3.32757   15.76287  6.08404   1.000 31.43087 ? 776 HOH A O   1 
HETATM 1082 O  O   . HOH D 4 .   ? 2.75872   -13.77457 2.31353   1.000 18.56232 ? 777 HOH A O   1 
HETATM 1083 O  O   . HOH D 4 .   ? -1.39321  6.27844   9.17399   1.000 28.36764 ? 778 HOH A O   1 
HETATM 1084 O  O   . HOH D 4 .   ? -14.15295 9.64396   -6.75490  1.000 39.81778 ? 779 HOH A O   1 
HETATM 1085 O  O   . HOH D 4 .   ? -0.33351  -18.71500 -10.08713 1.000 40.16056 ? 780 HOH A O   1 
HETATM 1086 O  O   . HOH D 4 .   ? -16.90124 6.71835   7.61178   1.000 20.58484 ? 781 HOH A O   1 
HETATM 1087 O  O   . HOH D 4 .   ? 13.81157  3.20599   -10.04179 1.000 40.81358 ? 782 HOH A O   1 
HETATM 1088 O  O   . HOH D 4 .   ? 2.33683   4.07731   12.26895  1.000 28.33552 ? 783 HOH A O   1 
HETATM 1089 O  O   . HOH D 4 .   ? -12.48767 -1.58184  -3.60194  1.000 36.02709 ? 784 HOH A O   1 
HETATM 1090 O  O   . HOH D 4 .   ? 13.95691  2.73016   -12.43434 1.000 38.23667 ? 785 HOH A O   1 
HETATM 1091 O  O   . HOH D 4 .   ? 7.26586   2.22659   10.11302  1.000 36.24531 ? 786 HOH A O   1 
HETATM 1092 O  O   . HOH D 4 .   ? -21.81396 3.16786   6.59659   1.000 33.59283 ? 787 HOH A O   1 
HETATM 1093 O  O   . HOH D 4 .   ? 1.48676   17.35635  -0.33804  1.000 37.57367 ? 788 HOH A O   1 
HETATM 1094 O  O   . HOH D 4 .   ? -3.05496  -4.97345  -9.68858  0.50  1.47161  ? 789 HOH A O   1 
HETATM 1095 O  O   . HOH D 4 .   ? 1.13571   -20.56341 -0.30053  1.000 37.77579 ? 790 HOH A O   1 
HETATM 1096 O  O   . HOH D 4 .   ? -15.18352 12.92772  15.90299  1.000 46.47347 ? 791 HOH A O   1 
HETATM 1097 O  O   . HOH D 4 .   ? 15.52841  4.37459   5.98634   1.000 30.07312 ? 792 HOH A O   1 
HETATM 1098 O  O   . HOH D 4 .   ? 15.12060  -3.57788  -5.92205  1.000 12.64674 ? 793 HOH A O   1 
HETATM 1099 O  O   . HOH D 4 .   ? -16.63972 6.22844   10.57744  1.000 32.74923 ? 794 HOH A O   1 
HETATM 1100 O  O   . HOH D 4 .   ? -9.52433  -0.33607  -6.58339  1.000 17.51376 ? 795 HOH A O   1 
HETATM 1101 O  O   . HOH D 4 .   ? 13.16819  1.35626   -7.72527  1.000 21.59330 ? 796 HOH A O   1 
HETATM 1102 O  O   . HOH D 4 .   ? 1.71591   -23.22573 -1.58441  1.000 30.77747 ? 797 HOH A O   1 
HETATM 1103 O  O   . HOH D 4 .   ? -1.04646  19.17984  -3.67550  1.000 42.88040 ? 798 HOH A O   1 
HETATM 1104 O  O   . HOH D 4 .   ? 4.57727   12.31156  -7.98228  1.000 33.63928 ? 799 HOH A O   1 
HETATM 1105 O  O   . HOH D 4 .   ? -12.95811 13.07272  -5.16241  1.000 41.32773 ? 800 HOH A O   1 
HETATM 1106 O  O   . HOH D 4 .   ? -2.36234  18.16495  4.58566   1.000 46.46408 ? 801 HOH A O   1 
HETATM 1107 O  O   . HOH D 4 .   ? -4.37220  -10.55206 -7.34063  1.000 32.92758 ? 802 HOH A O   1 
HETATM 1108 O  O   . HOH D 4 .   ? 3.55424   -9.16624  -13.37240 1.000 45.12044 ? 803 HOH A O   1 
HETATM 1109 O  O   . HOH D 4 .   ? 9.17481   -1.56570  8.99703   1.000 41.79647 ? 804 HOH A O   1 
HETATM 1110 O  O   . HOH D 4 .   ? -7.79990  -12.16070 -1.21243  1.000 43.34689 ? 805 HOH A O   1 
HETATM 1111 O  O   . HOH D 4 .   ? -3.56443  -9.43507  -9.54489  1.000 27.25697 ? 806 HOH A O   1 
HETATM 1112 O  O   . HOH D 4 .   ? 4.64587   13.59645  10.21606  1.000 46.45652 ? 807 HOH A O   1 
HETATM 1113 O  O   . HOH D 4 .   ? -15.71437 -7.05873  2.28578   1.000 36.52601 ? 808 HOH A O   1 
HETATM 1114 O  O   . HOH D 4 .   ? -11.14745 15.36958  2.45194   1.000 42.19488 ? 809 HOH A O   1 
HETATM 1115 O  O   . HOH D 4 .   ? -14.32487 -2.47728  5.54621   1.000 41.51641 ? 810 HOH A O   1 
HETATM 1116 O  O   . HOH D 4 .   ? -8.05129  -5.06011  -4.77321  1.000 36.84781 ? 811 HOH A O   1 
HETATM 1117 O  O   . HOH D 4 .   ? 2.86072   17.90197  2.57038   1.000 41.31460 ? 812 HOH A O   1 
HETATM 1118 O  O   . HOH D 4 .   ? -12.39478 16.53474  13.25183  1.000 52.04159 ? 813 HOH A O   1 
HETATM 1119 O  O   . HOH D 4 .   ? 15.50435  -14.16357 -16.11426 1.000 45.12971 ? 814 HOH A O   1 
HETATM 1120 O  O   . HOH D 4 .   ? 17.07548  -2.21343  -12.32698 1.000 34.14746 ? 815 HOH A O   1 
HETATM 1121 O  O   . HOH D 4 .   ? 3.72018   16.13825  -0.99036  1.000 34.31662 ? 816 HOH A O   1 
HETATM 1122 O  O   . HOH D 4 .   ? 2.44329   19.24067  -2.81793  1.000 38.28677 ? 817 HOH A O   1 
HETATM 1123 O  O   . HOH D 4 .   ? 14.86493  -0.25780  -6.23020  1.000 27.29605 ? 818 HOH A O   1 
HETATM 1124 O  O   . HOH D 4 .   ? 15.05296  -5.30144  -13.28880 1.000 32.29032 ? 819 HOH A O   1 
HETATM 1125 O  O   . HOH D 4 .   ? -8.58972  -1.93193  7.60937   1.000 28.97291 ? 820 HOH A O   1 
HETATM 1126 O  O   . HOH D 4 .   ? 7.55830   12.80895  9.62708   1.000 38.59244 ? 821 HOH A O   1 
HETATM 1127 O  O   . HOH D 4 .   ? 0.63793   6.18005   11.95709  1.000 27.49471 ? 822 HOH A O   1 
HETATM 1128 O  O   . HOH D 4 .   ? -10.52942 0.46494   11.19274  1.000 44.14687 ? 823 HOH A O   1 
HETATM 1129 O  O   . HOH D 4 .   ? 1.97741   7.31134   -10.67021 0.50  43.10371 ? 824 HOH A O   1 
HETATM 1130 O  O   . HOH D 4 .   ? -6.05860  9.30114   12.78510  1.000 37.32593 ? 825 HOH A O   1 
HETATM 1131 O  O   . HOH D 4 .   ? -5.96530  -9.87000  -5.55801  1.000 33.05832 ? 826 HOH A O   1 
HETATM 1132 O  O   . HOH D 4 .   ? -3.42527  6.69725   12.85563  1.000 46.85017 ? 827 HOH A O   1 
HETATM 1133 O  O   A HOH D 4 .   ? -3.13701  14.23105  5.18534   0.500 25.24981 ? 828 HOH A O   1 
HETATM 1134 O  O   B HOH D 4 .   ? -2.10321  15.55023  5.18124   0.500 21.91947 ? 828 HOH A O   1 
HETATM 1135 O  O   . HOH D 4 .   ? -10.40533 -0.23514  8.60787   1.000 22.52697 ? 829 HOH A O   1 
HETATM 1136 O  O   . HOH D 4 .   ? -12.45055 -2.14412  7.95369   1.000 41.05471 ? 830 HOH A O   1 
HETATM 1137 O  O   . HOH D 4 .   ? 19.39576  2.27525   -0.21533  1.000 42.28978 ? 831 HOH A O   1 
HETATM 1138 O  O   . HOH D 4 .   ? 20.57852  1.84295   -2.27800  1.000 46.04207 ? 832 HOH A O   1 
# 
loop_
_pdbx_poly_seq_scheme.asym_id 
_pdbx_poly_seq_scheme.entity_id 
_pdbx_poly_seq_scheme.seq_id 
_pdbx_poly_seq_scheme.mon_id 
_pdbx_poly_seq_scheme.ndb_seq_num 
_pdbx_poly_seq_scheme.pdb_seq_num 
_pdbx_poly_seq_scheme.auth_seq_num 
_pdbx_poly_seq_scheme.pdb_mon_id 
_pdbx_poly_seq_scheme.auth_mon_id 
_pdbx_poly_seq_scheme.pdb_strand_id 
_pdbx_poly_seq_scheme.pdb_ins_code 
_pdbx_poly_seq_scheme.hetero 
A 1 1   ALA 1   341 341 ALA ALA A . n 
A 1 2   ALA 2   342 342 ALA ALA A . n 
A 1 3   HIS 3   343 343 HIS HIS A . n 
A 1 4   GLY 4   344 344 GLY GLY A . n 
A 1 5   SER 5   345 345 SER SER A . n 
A 1 6   ASN 6   346 346 ASN ASN A . n 
A 1 7   PRO 7   347 347 PRO PRO A . n 
A 1 8   GLU 8   348 348 GLU GLU A . n 
A 1 9   GLN 9   349 349 GLN GLN A . n 
A 1 10  LEU 10  350 350 LEU LEU A . n 
A 1 11  LYS 11  351 351 LYS LYS A . n 
A 1 12  HIS 12  352 352 HIS HIS A . n 
A 1 13  CYS 13  353 353 CYS CYS A . n 
A 1 14  ASN 14  354 354 ASN ASN A . n 
A 1 15  GLY 15  355 355 GLY GLY A . n 
A 1 16  ILE 16  356 356 ILE ILE A . n 
A 1 17  LEU 17  357 357 LEU LEU A . n 
A 1 18  LYS 18  358 358 LYS LYS A . n 
A 1 19  GLU 19  359 359 GLU GLU A . n 
A 1 20  LEU 20  360 360 LEU LEU A . n 
A 1 21  LEU 21  361 361 LEU LEU A . n 
A 1 22  SER 22  362 362 SER SER A . n 
A 1 23  LYS 23  363 363 LYS LYS A . n 
A 1 24  LYS 24  364 364 LYS LYS A . n 
A 1 25  HIS 25  365 365 HIS HIS A . n 
A 1 26  ALA 26  366 366 ALA ALA A . n 
A 1 27  ALA 27  367 367 ALA ALA A . n 
A 1 28  TYR 28  368 368 TYR TYR A . n 
A 1 29  ALA 29  369 369 ALA ALA A . n 
A 1 30  TRP 30  370 370 TRP TRP A . n 
A 1 31  PRO 31  371 371 PRO PRO A . n 
A 1 32  PHE 32  372 372 PHE PHE A . n 
A 1 33  TYR 33  373 373 TYR TYR A . n 
A 1 34  LYS 34  374 374 LYS LYS A . n 
A 1 35  PRO 35  375 375 PRO PRO A . n 
A 1 36  VAL 36  376 376 VAL VAL A . n 
A 1 37  ASP 37  377 377 ASP ASP A . n 
A 1 38  ALA 38  378 378 ALA ALA A . n 
A 1 39  SER 39  379 379 SER SER A . n 
A 1 40  ALA 40  380 380 ALA ALA A . n 
A 1 41  LEU 41  381 381 LEU LEU A . n 
A 1 42  GLY 42  382 382 GLY GLY A . n 
A 1 43  LEU 43  383 383 LEU LEU A . n 
A 1 44  HIS 44  384 384 HIS HIS A . n 
A 1 45  ASP 45  385 385 ASP ASP A . n 
A 1 46  TYR 46  386 386 TYR TYR A . n 
A 1 47  HIS 47  387 387 HIS HIS A . n 
A 1 48  ASP 48  388 388 ASP ASP A . n 
A 1 49  ILE 49  389 389 ILE ILE A . n 
A 1 50  ILE 50  390 390 ILE ILE A . n 
A 1 51  LYS 51  391 391 LYS LYS A . n 
A 1 52  HIS 52  392 392 HIS HIS A . n 
A 1 53  PRO 53  393 393 PRO PRO A . n 
A 1 54  MET 54  394 394 MET MET A . n 
A 1 55  ASP 55  395 395 ASP ASP A . n 
A 1 56  LEU 56  396 396 LEU LEU A . n 
A 1 57  SER 57  397 397 SER SER A . n 
A 1 58  THR 58  398 398 THR THR A . n 
A 1 59  VAL 59  399 399 VAL VAL A . n 
A 1 60  LYS 60  400 400 LYS LYS A . n 
A 1 61  ARG 61  401 401 ARG ARG A . n 
A 1 62  LYS 62  402 402 LYS LYS A . n 
A 1 63  MET 63  403 403 MET MET A . n 
A 1 64  GLU 64  404 404 GLU GLU A . n 
A 1 65  ASN 65  405 405 ASN ASN A . n 
A 1 66  ARG 66  406 406 ARG ARG A . n 
A 1 67  ASP 67  407 407 ASP ASP A . n 
A 1 68  TYR 68  408 408 TYR TYR A . n 
A 1 69  ARG 69  409 409 ARG ARG A . n 
A 1 70  ASP 70  410 410 ASP ASP A . n 
A 1 71  ALA 71  411 411 ALA ALA A . n 
A 1 72  GLN 72  412 412 GLN GLN A . n 
A 1 73  GLU 73  413 413 GLU GLU A . n 
A 1 74  PHE 74  414 414 PHE PHE A . n 
A 1 75  ALA 75  415 415 ALA ALA A . n 
A 1 76  ALA 76  416 416 ALA ALA A . n 
A 1 77  ASP 77  417 417 ASP ASP A . n 
A 1 78  VAL 78  418 418 VAL VAL A . n 
A 1 79  ARG 79  419 419 ARG ARG A . n 
A 1 80  LEU 80  420 420 LEU LEU A . n 
A 1 81  MET 81  421 421 MET MET A . n 
A 1 82  PHE 82  422 422 PHE PHE A . n 
A 1 83  SER 83  423 423 SER SER A . n 
A 1 84  ASN 84  424 424 ASN ASN A . n 
A 1 85  CYS 85  425 425 CYS CYS A . n 
A 1 86  TYR 86  426 426 TYR TYR A . n 
A 1 87  LYS 87  427 427 LYS LYS A . n 
A 1 88  TYR 88  428 428 TYR TYR A . n 
A 1 89  ASN 89  429 429 ASN ASN A . n 
A 1 90  PRO 90  430 430 PRO PRO A . n 
A 1 91  PRO 91  431 431 PRO PRO A . n 
A 1 92  ASP 92  432 432 ASP ASP A . n 
A 1 93  HIS 93  433 433 HIS HIS A . n 
A 1 94  ASP 94  434 434 ASP ASP A . n 
A 1 95  VAL 95  435 435 VAL VAL A . n 
A 1 96  VAL 96  436 436 VAL VAL A . n 
A 1 97  ALA 97  437 437 ALA ALA A . n 
A 1 98  MET 98  438 438 MET MET A . n 
A 1 99  ALA 99  439 439 ALA ALA A . n 
A 1 100 ARG 100 440 440 ARG ARG A . n 
A 1 101 LYS 101 441 441 LYS LYS A . n 
A 1 102 LEU 102 442 442 LEU LEU A . n 
A 1 103 GLN 103 443 443 GLN GLN A . n 
A 1 104 ASP 104 444 444 ASP ASP A . n 
A 1 105 VAL 105 445 445 VAL VAL A . n 
A 1 106 PHE 106 446 446 PHE PHE A . n 
A 1 107 GLU 107 447 447 GLU GLU A . n 
A 1 108 PHE 108 448 448 PHE PHE A . n 
A 1 109 ARG 109 449 449 ARG ARG A . n 
A 1 110 TYR 110 450 450 TYR TYR A . n 
A 1 111 ALA 111 451 451 ALA ALA A . n 
A 1 112 LYS 112 452 452 LYS LYS A . n 
A 1 113 MET 113 453 453 MET MET A . n 
A 1 114 PRO 114 454 454 PRO PRO A . n 
A 1 115 ASP 115 455 455 ASP ASP A . n 
# 
loop_
_pdbx_nonpoly_scheme.asym_id 
_pdbx_nonpoly_scheme.entity_id 
_pdbx_nonpoly_scheme.mon_id 
_pdbx_nonpoly_scheme.ndb_seq_num 
_pdbx_nonpoly_scheme.pdb_seq_num 
_pdbx_nonpoly_scheme.auth_seq_num 
_pdbx_nonpoly_scheme.pdb_mon_id 
_pdbx_nonpoly_scheme.auth_mon_id 
_pdbx_nonpoly_scheme.pdb_strand_id 
_pdbx_nonpoly_scheme.pdb_ins_code 
B 2 PGE 1   601 601 PGE PGE A . 
C 3 BUX 1   602 701 BUX BUX A . 
D 4 HOH 1   701 110 HOH HOH A . 
D 4 HOH 2   702 65  HOH HOH A . 
D 4 HOH 3   703 126 HOH HOH A . 
D 4 HOH 4   704 56  HOH HOH A . 
D 4 HOH 5   705 2   HOH HOH A . 
D 4 HOH 6   706 99  HOH HOH A . 
D 4 HOH 7   707 105 HOH HOH A . 
D 4 HOH 8   708 95  HOH HOH A . 
D 4 HOH 9   709 69  HOH HOH A . 
D 4 HOH 10  710 45  HOH HOH A . 
D 4 HOH 11  711 24  HOH HOH A . 
D 4 HOH 12  712 17  HOH HOH A . 
D 4 HOH 13  713 11  HOH HOH A . 
D 4 HOH 14  714 21  HOH HOH A . 
D 4 HOH 15  715 34  HOH HOH A . 
D 4 HOH 16  716 79  HOH HOH A . 
D 4 HOH 17  717 31  HOH HOH A . 
D 4 HOH 18  718 6   HOH HOH A . 
D 4 HOH 19  719 116 HOH HOH A . 
D 4 HOH 20  720 25  HOH HOH A . 
D 4 HOH 21  721 53  HOH HOH A . 
D 4 HOH 22  722 3   HOH HOH A . 
D 4 HOH 23  723 66  HOH HOH A . 
D 4 HOH 24  724 72  HOH HOH A . 
D 4 HOH 25  725 71  HOH HOH A . 
D 4 HOH 26  726 20  HOH HOH A . 
D 4 HOH 27  727 27  HOH HOH A . 
D 4 HOH 28  728 4   HOH HOH A . 
D 4 HOH 29  729 82  HOH HOH A . 
D 4 HOH 30  730 73  HOH HOH A . 
D 4 HOH 31  731 9   HOH HOH A . 
D 4 HOH 32  732 50  HOH HOH A . 
D 4 HOH 33  733 29  HOH HOH A . 
D 4 HOH 34  734 37  HOH HOH A . 
D 4 HOH 35  735 57  HOH HOH A . 
D 4 HOH 36  736 43  HOH HOH A . 
D 4 HOH 37  737 48  HOH HOH A . 
D 4 HOH 38  738 100 HOH HOH A . 
D 4 HOH 39  739 52  HOH HOH A . 
D 4 HOH 40  740 23  HOH HOH A . 
D 4 HOH 41  741 10  HOH HOH A . 
D 4 HOH 42  742 132 HOH HOH A . 
D 4 HOH 43  743 14  HOH HOH A . 
D 4 HOH 44  744 61  HOH HOH A . 
D 4 HOH 45  745 33  HOH HOH A . 
D 4 HOH 46  746 91  HOH HOH A . 
D 4 HOH 47  747 89  HOH HOH A . 
D 4 HOH 48  748 88  HOH HOH A . 
D 4 HOH 49  749 18  HOH HOH A . 
D 4 HOH 50  750 35  HOH HOH A . 
D 4 HOH 51  751 7   HOH HOH A . 
D 4 HOH 52  752 15  HOH HOH A . 
D 4 HOH 53  753 38  HOH HOH A . 
D 4 HOH 54  754 47  HOH HOH A . 
D 4 HOH 55  755 121 HOH HOH A . 
D 4 HOH 56  756 59  HOH HOH A . 
D 4 HOH 57  757 92  HOH HOH A . 
D 4 HOH 58  758 60  HOH HOH A . 
D 4 HOH 59  759 40  HOH HOH A . 
D 4 HOH 60  760 104 HOH HOH A . 
D 4 HOH 61  761 13  HOH HOH A . 
D 4 HOH 62  762 5   HOH HOH A . 
D 4 HOH 63  763 63  HOH HOH A . 
D 4 HOH 64  764 49  HOH HOH A . 
D 4 HOH 65  765 128 HOH HOH A . 
D 4 HOH 66  766 36  HOH HOH A . 
D 4 HOH 67  767 55  HOH HOH A . 
D 4 HOH 68  768 74  HOH HOH A . 
D 4 HOH 69  769 30  HOH HOH A . 
D 4 HOH 70  770 8   HOH HOH A . 
D 4 HOH 71  771 19  HOH HOH A . 
D 4 HOH 72  772 94  HOH HOH A . 
D 4 HOH 73  773 127 HOH HOH A . 
D 4 HOH 74  774 80  HOH HOH A . 
D 4 HOH 75  775 120 HOH HOH A . 
D 4 HOH 76  776 97  HOH HOH A . 
D 4 HOH 77  777 32  HOH HOH A . 
D 4 HOH 78  778 129 HOH HOH A . 
D 4 HOH 79  779 51  HOH HOH A . 
D 4 HOH 80  780 84  HOH HOH A . 
D 4 HOH 81  781 12  HOH HOH A . 
D 4 HOH 82  782 54  HOH HOH A . 
D 4 HOH 83  783 76  HOH HOH A . 
D 4 HOH 84  784 44  HOH HOH A . 
D 4 HOH 85  785 130 HOH HOH A . 
D 4 HOH 86  786 115 HOH HOH A . 
D 4 HOH 87  787 77  HOH HOH A . 
D 4 HOH 88  788 101 HOH HOH A . 
D 4 HOH 89  789 1   HOH HOH A . 
D 4 HOH 90  790 58  HOH HOH A . 
D 4 HOH 91  791 75  HOH HOH A . 
D 4 HOH 92  792 26  HOH HOH A . 
D 4 HOH 93  793 119 HOH HOH A . 
D 4 HOH 94  794 39  HOH HOH A . 
D 4 HOH 95  795 28  HOH HOH A . 
D 4 HOH 96  796 16  HOH HOH A . 
D 4 HOH 97  797 42  HOH HOH A . 
D 4 HOH 98  798 62  HOH HOH A . 
D 4 HOH 99  799 68  HOH HOH A . 
D 4 HOH 100 800 131 HOH HOH A . 
D 4 HOH 101 801 111 HOH HOH A . 
D 4 HOH 102 802 78  HOH HOH A . 
D 4 HOH 103 803 46  HOH HOH A . 
D 4 HOH 104 804 117 HOH HOH A . 
D 4 HOH 105 805 87  HOH HOH A . 
D 4 HOH 106 806 81  HOH HOH A . 
D 4 HOH 107 807 90  HOH HOH A . 
D 4 HOH 108 808 112 HOH HOH A . 
D 4 HOH 109 809 125 HOH HOH A . 
D 4 HOH 110 810 96  HOH HOH A . 
D 4 HOH 111 811 70  HOH HOH A . 
D 4 HOH 112 812 114 HOH HOH A . 
D 4 HOH 113 813 102 HOH HOH A . 
D 4 HOH 114 814 108 HOH HOH A . 
D 4 HOH 115 815 64  HOH HOH A . 
D 4 HOH 116 816 113 HOH HOH A . 
D 4 HOH 117 817 93  HOH HOH A . 
D 4 HOH 118 818 118 HOH HOH A . 
D 4 HOH 119 819 41  HOH HOH A . 
D 4 HOH 120 820 124 HOH HOH A . 
D 4 HOH 121 821 106 HOH HOH A . 
D 4 HOH 122 822 85  HOH HOH A . 
D 4 HOH 123 823 123 HOH HOH A . 
D 4 HOH 124 824 122 HOH HOH A . 
D 4 HOH 125 825 98  HOH HOH A . 
D 4 HOH 126 826 83  HOH HOH A . 
D 4 HOH 127 827 86  HOH HOH A . 
D 4 HOH 128 828 109 HOH HOH A . 
D 4 HOH 129 829 22  HOH HOH A . 
D 4 HOH 130 830 67  HOH HOH A . 
D 4 HOH 131 831 107 HOH HOH A . 
D 4 HOH 132 832 103 HOH HOH A . 
# 
_pdbx_struct_assembly.id                   1 
_pdbx_struct_assembly.details              author_and_software_defined_assembly 
_pdbx_struct_assembly.method_details       PISA 
_pdbx_struct_assembly.oligomeric_details   dimeric 
_pdbx_struct_assembly.oligomeric_count     2 
# 
_pdbx_struct_assembly_gen.assembly_id       1 
_pdbx_struct_assembly_gen.oper_expression   1,2 
_pdbx_struct_assembly_gen.asym_id_list      A,B,C,D 
# 
loop_
_pdbx_struct_assembly_prop.biol_id 
_pdbx_struct_assembly_prop.type 
_pdbx_struct_assembly_prop.value 
_pdbx_struct_assembly_prop.details 
1 'ABSA (A^2)' 1560  ? 
1 MORE         -3    ? 
1 'SSA (A^2)'  13150 ? 
# 
loop_
_pdbx_struct_oper_list.id 
_pdbx_struct_oper_list.type 
_pdbx_struct_oper_list.name 
_pdbx_struct_oper_list.symmetry_operation 
_pdbx_struct_oper_list.matrix[1][1] 
_pdbx_struct_oper_list.matrix[1][2] 
_pdbx_struct_oper_list.matrix[1][3] 
_pdbx_struct_oper_list.vector[1] 
_pdbx_struct_oper_list.matrix[2][1] 
_pdbx_struct_oper_list.matrix[2][2] 
_pdbx_struct_oper_list.matrix[2][3] 
_pdbx_struct_oper_list.vector[2] 
_pdbx_struct_oper_list.matrix[3][1] 
_pdbx_struct_oper_list.matrix[3][2] 
_pdbx_struct_oper_list.matrix[3][3] 
_pdbx_struct_oper_list.vector[3] 
1 'identity operation'         1_555 x,y,z     1.0000000000  0.0000000000 0.0000000000  0.0000000000  0.0000000000 1.0000000000 0.0000000000  0.0000000000  0.0000000000  0.0000000000  1.0000000000  0.0000000000   
2 'crystal symmetry operation' 2_655 -x+1,-y,z -0.7141751474 0.6977430513 -0.0557538620 -2.3067178621 0.6977430513 0.7032996301 -0.1361038742 -0.6627023366 -0.0557538620 -0.1361038742 -0.9891244827 -20.1190232113 
# 
loop_
_pdbx_struct_special_symmetry.id 
_pdbx_struct_special_symmetry.PDB_model_num 
_pdbx_struct_special_symmetry.auth_asym_id 
_pdbx_struct_special_symmetry.auth_comp_id 
_pdbx_struct_special_symmetry.auth_seq_id 
_pdbx_struct_special_symmetry.PDB_ins_code 
_pdbx_struct_special_symmetry.label_asym_id 
_pdbx_struct_special_symmetry.label_comp_id 
_pdbx_struct_special_symmetry.label_seq_id 
1 1 A HOH 789 ? D HOH . 
2 1 A HOH 824 ? D HOH . 
# 
loop_
_pdbx_audit_revision_history.ordinal 
_pdbx_audit_revision_history.data_content_type 
_pdbx_audit_revision_history.major_revision 
_pdbx_audit_revision_history.minor_revision 
_pdbx_audit_revision_history.revision_date 
1 'Structure model' 1 0 2022-03-09 
2 'Structure model' 1 1 2022-03-16 
3 'Structure model' 1 2 2023-11-29 
# 
_pdbx_audit_revision_details.ordinal             1 
_pdbx_audit_revision_details.revision_ordinal    1 
_pdbx_audit_revision_details.data_content_type   'Structure model' 
_pdbx_audit_revision_details.provider            repository 
_pdbx_audit_revision_details.type                'Initial release' 
_pdbx_audit_revision_details.description         ? 
_pdbx_audit_revision_details.details             ? 
# 
loop_
_pdbx_audit_revision_group.ordinal 
_pdbx_audit_revision_group.revision_ordinal 
_pdbx_audit_revision_group.data_content_type 
_pdbx_audit_revision_group.group 
1 2 'Structure model' 'Database references'    
2 3 'Structure model' 'Data collection'        
3 3 'Structure model' 'Refinement description' 
# 
loop_
_pdbx_audit_revision_category.ordinal 
_pdbx_audit_revision_category.revision_ordinal 
_pdbx_audit_revision_category.data_content_type 
_pdbx_audit_revision_category.category 
1 2 'Structure model' citation                      
2 3 'Structure model' chem_comp_atom                
3 3 'Structure model' chem_comp_bond                
4 3 'Structure model' pdbx_initial_refinement_model 
# 
loop_
_pdbx_audit_revision_item.ordinal 
_pdbx_audit_revision_item.revision_ordinal 
_pdbx_audit_revision_item.data_content_type 
_pdbx_audit_revision_item.item 
1 2 'Structure model' '_citation.page_first'              
2 2 'Structure model' '_citation.page_last'               
3 2 'Structure model' '_citation.pdbx_database_id_PubMed' 
# 
loop_
_space_group_symop.id 
_space_group_symop.operation_xyz 
1 x,y,z           
2 x+1/2,-y+1/2,-z 
3 -x+1/2,y+1/2,-z 
4 -x,-y,z         
# 
loop_
_software.citation_id 
_software.classification 
_software.compiler_name 
_software.compiler_version 
_software.contact_author 
_software.contact_author_email 
_software.date 
_software.description 
_software.dependencies 
_software.hardware 
_software.language 
_software.location 
_software.mods 
_software.name 
_software.os 
_software.os_version 
_software.type 
_software.version 
_software.pdbx_ordinal 
? refinement       ? ? ? ? ? ? ? ? ? ? ? PHENIX   ? ? ? 1.18_3855 1 
? 'data reduction' ? ? ? ? ? ? ? ? ? ? ? HKL-3000 ? ? ? .         2 
? 'data scaling'   ? ? ? ? ? ? ? ? ? ? ? HKL-3000 ? ? ? .         3 
? phasing          ? ? ? ? ? ? ? ? ? ? ? PHENIX   ? ? ? .         4 
# 
_pdbx_entry_details.entry_id                 7EO5 
_pdbx_entry_details.has_ligand_of_interest   Y 
_pdbx_entry_details.compound_details         ? 
_pdbx_entry_details.source_details           ? 
_pdbx_entry_details.nonpolymer_details       ? 
_pdbx_entry_details.sequence_details         ? 
# 
_pdbx_distant_solvent_atoms.id                                1 
_pdbx_distant_solvent_atoms.PDB_model_num                     1 
_pdbx_distant_solvent_atoms.auth_atom_id                      O 
_pdbx_distant_solvent_atoms.label_alt_id                      ? 
_pdbx_distant_solvent_atoms.auth_asym_id                      A 
_pdbx_distant_solvent_atoms.auth_comp_id                      HOH 
_pdbx_distant_solvent_atoms.auth_seq_id                       832 
_pdbx_distant_solvent_atoms.PDB_ins_code                      ? 
_pdbx_distant_solvent_atoms.neighbor_macromolecule_distance   6.90 
_pdbx_distant_solvent_atoms.neighbor_ligand_distance          . 
# 
loop_
_pdbx_unobs_or_zero_occ_residues.id 
_pdbx_unobs_or_zero_occ_residues.PDB_model_num 
_pdbx_unobs_or_zero_occ_residues.polymer_flag 
_pdbx_unobs_or_zero_occ_residues.occupancy_flag 
_pdbx_unobs_or_zero_occ_residues.auth_asym_id 
_pdbx_unobs_or_zero_occ_residues.auth_comp_id 
_pdbx_unobs_or_zero_occ_residues.auth_seq_id 
_pdbx_unobs_or_zero_occ_residues.PDB_ins_code 
_pdbx_unobs_or_zero_occ_residues.label_asym_id 
_pdbx_unobs_or_zero_occ_residues.label_comp_id 
_pdbx_unobs_or_zero_occ_residues.label_seq_id 
1 1 Y 0 A ALA 341 ? A ALA 1 
2 1 Y 0 A ALA 342 ? A ALA 2 
3 1 Y 0 A HIS 343 ? A HIS 3 
4 1 Y 0 A GLY 344 ? A GLY 4 
# 
loop_
_chem_comp_atom.comp_id 
_chem_comp_atom.atom_id 
_chem_comp_atom.type_symbol 
_chem_comp_atom.pdbx_aromatic_flag 
_chem_comp_atom.pdbx_stereo_config 
_chem_comp_atom.pdbx_ordinal 
ALA N    N  N N 1   
ALA CA   C  N S 2   
ALA C    C  N N 3   
ALA O    O  N N 4   
ALA CB   C  N N 5   
ALA OXT  O  N N 6   
ALA H    H  N N 7   
ALA H2   H  N N 8   
ALA HA   H  N N 9   
ALA HB1  H  N N 10  
ALA HB2  H  N N 11  
ALA HB3  H  N N 12  
ALA HXT  H  N N 13  
ARG N    N  N N 14  
ARG CA   C  N S 15  
ARG C    C  N N 16  
ARG O    O  N N 17  
ARG CB   C  N N 18  
ARG CG   C  N N 19  
ARG CD   C  N N 20  
ARG NE   N  N N 21  
ARG CZ   C  N N 22  
ARG NH1  N  N N 23  
ARG NH2  N  N N 24  
ARG OXT  O  N N 25  
ARG H    H  N N 26  
ARG H2   H  N N 27  
ARG HA   H  N N 28  
ARG HB2  H  N N 29  
ARG HB3  H  N N 30  
ARG HG2  H  N N 31  
ARG HG3  H  N N 32  
ARG HD2  H  N N 33  
ARG HD3  H  N N 34  
ARG HE   H  N N 35  
ARG HH11 H  N N 36  
ARG HH12 H  N N 37  
ARG HH21 H  N N 38  
ARG HH22 H  N N 39  
ARG HXT  H  N N 40  
ASN N    N  N N 41  
ASN CA   C  N S 42  
ASN C    C  N N 43  
ASN O    O  N N 44  
ASN CB   C  N N 45  
ASN CG   C  N N 46  
ASN OD1  O  N N 47  
ASN ND2  N  N N 48  
ASN OXT  O  N N 49  
ASN H    H  N N 50  
ASN H2   H  N N 51  
ASN HA   H  N N 52  
ASN HB2  H  N N 53  
ASN HB3  H  N N 54  
ASN HD21 H  N N 55  
ASN HD22 H  N N 56  
ASN HXT  H  N N 57  
ASP N    N  N N 58  
ASP CA   C  N S 59  
ASP C    C  N N 60  
ASP O    O  N N 61  
ASP CB   C  N N 62  
ASP CG   C  N N 63  
ASP OD1  O  N N 64  
ASP OD2  O  N N 65  
ASP OXT  O  N N 66  
ASP H    H  N N 67  
ASP H2   H  N N 68  
ASP HA   H  N N 69  
ASP HB2  H  N N 70  
ASP HB3  H  N N 71  
ASP HD2  H  N N 72  
ASP HXT  H  N N 73  
BUX C1   C  Y N 74  
BUX C2   C  Y N 75  
BUX C3   C  Y N 76  
BUX C4   C  Y N 77  
BUX C5   C  Y N 78  
BUX C6   C  N N 79  
BUX C7   C  N N 80  
BUX C8   C  N N 81  
BUX C9   C  N N 82  
BUX C10  C  N N 83  
BUX C11  C  N N 84  
BUX C12  C  N N 85  
BUX CL1  CL N N 86  
BUX O2   O  N N 87  
BUX O3   O  N N 88  
BUX O    O  N N 89  
BUX N1   N  N N 90  
BUX O1   O  N N 91  
BUX N    N  N N 92  
BUX CL   CL N N 93  
BUX C    C  Y N 94  
BUX H1   H  N N 95  
BUX H2   H  N N 96  
BUX H3   H  N N 97  
BUX H6   H  N N 98  
BUX H9   H  N N 99  
BUX H10  H  N N 100 
CYS N    N  N N 101 
CYS CA   C  N R 102 
CYS C    C  N N 103 
CYS O    O  N N 104 
CYS CB   C  N N 105 
CYS SG   S  N N 106 
CYS OXT  O  N N 107 
CYS H    H  N N 108 
CYS H2   H  N N 109 
CYS HA   H  N N 110 
CYS HB2  H  N N 111 
CYS HB3  H  N N 112 
CYS HG   H  N N 113 
CYS HXT  H  N N 114 
GLN N    N  N N 115 
GLN CA   C  N S 116 
GLN C    C  N N 117 
GLN O    O  N N 118 
GLN CB   C  N N 119 
GLN CG   C  N N 120 
GLN CD   C  N N 121 
GLN OE1  O  N N 122 
GLN NE2  N  N N 123 
GLN OXT  O  N N 124 
GLN H    H  N N 125 
GLN H2   H  N N 126 
GLN HA   H  N N 127 
GLN HB2  H  N N 128 
GLN HB3  H  N N 129 
GLN HG2  H  N N 130 
GLN HG3  H  N N 131 
GLN HE21 H  N N 132 
GLN HE22 H  N N 133 
GLN HXT  H  N N 134 
GLU N    N  N N 135 
GLU CA   C  N S 136 
GLU C    C  N N 137 
GLU O    O  N N 138 
GLU CB   C  N N 139 
GLU CG   C  N N 140 
GLU CD   C  N N 141 
GLU OE1  O  N N 142 
GLU OE2  O  N N 143 
GLU OXT  O  N N 144 
GLU H    H  N N 145 
GLU H2   H  N N 146 
GLU HA   H  N N 147 
GLU HB2  H  N N 148 
GLU HB3  H  N N 149 
GLU HG2  H  N N 150 
GLU HG3  H  N N 151 
GLU HE2  H  N N 152 
GLU HXT  H  N N 153 
GLY N    N  N N 154 
GLY CA   C  N N 155 
GLY C    C  N N 156 
GLY O    O  N N 157 
GLY OXT  O  N N 158 
GLY H    H  N N 159 
GLY H2   H  N N 160 
GLY HA2  H  N N 161 
GLY HA3  H  N N 162 
GLY HXT  H  N N 163 
HIS N    N  N N 164 
HIS CA   C  N S 165 
HIS C    C  N N 166 
HIS O    O  N N 167 
HIS CB   C  N N 168 
HIS CG   C  Y N 169 
HIS ND1  N  Y N 170 
HIS CD2  C  Y N 171 
HIS CE1  C  Y N 172 
HIS NE2  N  Y N 173 
HIS OXT  O  N N 174 
HIS H    H  N N 175 
HIS H2   H  N N 176 
HIS HA   H  N N 177 
HIS HB2  H  N N 178 
HIS HB3  H  N N 179 
HIS HD1  H  N N 180 
HIS HD2  H  N N 181 
HIS HE1  H  N N 182 
HIS HE2  H  N N 183 
HIS HXT  H  N N 184 
HOH O    O  N N 185 
HOH H1   H  N N 186 
HOH H2   H  N N 187 
ILE N    N  N N 188 
ILE CA   C  N S 189 
ILE C    C  N N 190 
ILE O    O  N N 191 
ILE CB   C  N S 192 
ILE CG1  C  N N 193 
ILE CG2  C  N N 194 
ILE CD1  C  N N 195 
ILE OXT  O  N N 196 
ILE H    H  N N 197 
ILE H2   H  N N 198 
ILE HA   H  N N 199 
ILE HB   H  N N 200 
ILE HG12 H  N N 201 
ILE HG13 H  N N 202 
ILE HG21 H  N N 203 
ILE HG22 H  N N 204 
ILE HG23 H  N N 205 
ILE HD11 H  N N 206 
ILE HD12 H  N N 207 
ILE HD13 H  N N 208 
ILE HXT  H  N N 209 
LEU N    N  N N 210 
LEU CA   C  N S 211 
LEU C    C  N N 212 
LEU O    O  N N 213 
LEU CB   C  N N 214 
LEU CG   C  N N 215 
LEU CD1  C  N N 216 
LEU CD2  C  N N 217 
LEU OXT  O  N N 218 
LEU H    H  N N 219 
LEU H2   H  N N 220 
LEU HA   H  N N 221 
LEU HB2  H  N N 222 
LEU HB3  H  N N 223 
LEU HG   H  N N 224 
LEU HD11 H  N N 225 
LEU HD12 H  N N 226 
LEU HD13 H  N N 227 
LEU HD21 H  N N 228 
LEU HD22 H  N N 229 
LEU HD23 H  N N 230 
LEU HXT  H  N N 231 
LYS N    N  N N 232 
LYS CA   C  N S 233 
LYS C    C  N N 234 
LYS O    O  N N 235 
LYS CB   C  N N 236 
LYS CG   C  N N 237 
LYS CD   C  N N 238 
LYS CE   C  N N 239 
LYS NZ   N  N N 240 
LYS OXT  O  N N 241 
LYS H    H  N N 242 
LYS H2   H  N N 243 
LYS HA   H  N N 244 
LYS HB2  H  N N 245 
LYS HB3  H  N N 246 
LYS HG2  H  N N 247 
LYS HG3  H  N N 248 
LYS HD2  H  N N 249 
LYS HD3  H  N N 250 
LYS HE2  H  N N 251 
LYS HE3  H  N N 252 
LYS HZ1  H  N N 253 
LYS HZ2  H  N N 254 
LYS HZ3  H  N N 255 
LYS HXT  H  N N 256 
MET N    N  N N 257 
MET CA   C  N S 258 
MET C    C  N N 259 
MET O    O  N N 260 
MET CB   C  N N 261 
MET CG   C  N N 262 
MET SD   S  N N 263 
MET CE   C  N N 264 
MET OXT  O  N N 265 
MET H    H  N N 266 
MET H2   H  N N 267 
MET HA   H  N N 268 
MET HB2  H  N N 269 
MET HB3  H  N N 270 
MET HG2  H  N N 271 
MET HG3  H  N N 272 
MET HE1  H  N N 273 
MET HE2  H  N N 274 
MET HE3  H  N N 275 
MET HXT  H  N N 276 
PGE C1   C  N N 277 
PGE O1   O  N N 278 
PGE C2   C  N N 279 
PGE O2   O  N N 280 
PGE C3   C  N N 281 
PGE C4   C  N N 282 
PGE O4   O  N N 283 
PGE C6   C  N N 284 
PGE C5   C  N N 285 
PGE O3   O  N N 286 
PGE H1   H  N N 287 
PGE H12  H  N N 288 
PGE HO1  H  N N 289 
PGE H2   H  N N 290 
PGE H22  H  N N 291 
PGE H3   H  N N 292 
PGE H32  H  N N 293 
PGE H4   H  N N 294 
PGE H42  H  N N 295 
PGE HO4  H  N N 296 
PGE H6   H  N N 297 
PGE H62  H  N N 298 
PGE H5   H  N N 299 
PGE H52  H  N N 300 
PHE N    N  N N 301 
PHE CA   C  N S 302 
PHE C    C  N N 303 
PHE O    O  N N 304 
PHE CB   C  N N 305 
PHE CG   C  Y N 306 
PHE CD1  C  Y N 307 
PHE CD2  C  Y N 308 
PHE CE1  C  Y N 309 
PHE CE2  C  Y N 310 
PHE CZ   C  Y N 311 
PHE OXT  O  N N 312 
PHE H    H  N N 313 
PHE H2   H  N N 314 
PHE HA   H  N N 315 
PHE HB2  H  N N 316 
PHE HB3  H  N N 317 
PHE HD1  H  N N 318 
PHE HD2  H  N N 319 
PHE HE1  H  N N 320 
PHE HE2  H  N N 321 
PHE HZ   H  N N 322 
PHE HXT  H  N N 323 
PRO N    N  N N 324 
PRO CA   C  N S 325 
PRO C    C  N N 326 
PRO O    O  N N 327 
PRO CB   C  N N 328 
PRO CG   C  N N 329 
PRO CD   C  N N 330 
PRO OXT  O  N N 331 
PRO H    H  N N 332 
PRO HA   H  N N 333 
PRO HB2  H  N N 334 
PRO HB3  H  N N 335 
PRO HG2  H  N N 336 
PRO HG3  H  N N 337 
PRO HD2  H  N N 338 
PRO HD3  H  N N 339 
PRO HXT  H  N N 340 
SER N    N  N N 341 
SER CA   C  N S 342 
SER C    C  N N 343 
SER O    O  N N 344 
SER CB   C  N N 345 
SER OG   O  N N 346 
SER OXT  O  N N 347 
SER H    H  N N 348 
SER H2   H  N N 349 
SER HA   H  N N 350 
SER HB2  H  N N 351 
SER HB3  H  N N 352 
SER HG   H  N N 353 
SER HXT  H  N N 354 
THR N    N  N N 355 
THR CA   C  N S 356 
THR C    C  N N 357 
THR O    O  N N 358 
THR CB   C  N R 359 
THR OG1  O  N N 360 
THR CG2  C  N N 361 
THR OXT  O  N N 362 
THR H    H  N N 363 
THR H2   H  N N 364 
THR HA   H  N N 365 
THR HB   H  N N 366 
THR HG1  H  N N 367 
THR HG21 H  N N 368 
THR HG22 H  N N 369 
THR HG23 H  N N 370 
THR HXT  H  N N 371 
TRP N    N  N N 372 
TRP CA   C  N S 373 
TRP C    C  N N 374 
TRP O    O  N N 375 
TRP CB   C  N N 376 
TRP CG   C  Y N 377 
TRP CD1  C  Y N 378 
TRP CD2  C  Y N 379 
TRP NE1  N  Y N 380 
TRP CE2  C  Y N 381 
TRP CE3  C  Y N 382 
TRP CZ2  C  Y N 383 
TRP CZ3  C  Y N 384 
TRP CH2  C  Y N 385 
TRP OXT  O  N N 386 
TRP H    H  N N 387 
TRP H2   H  N N 388 
TRP HA   H  N N 389 
TRP HB2  H  N N 390 
TRP HB3  H  N N 391 
TRP HD1  H  N N 392 
TRP HE1  H  N N 393 
TRP HE3  H  N N 394 
TRP HZ2  H  N N 395 
TRP HZ3  H  N N 396 
TRP HH2  H  N N 397 
TRP HXT  H  N N 398 
TYR N    N  N N 399 
TYR CA   C  N S 400 
TYR C    C  N N 401 
TYR O    O  N N 402 
TYR CB   C  N N 403 
TYR CG   C  Y N 404 
TYR CD1  C  Y N 405 
TYR CD2  C  Y N 406 
TYR CE1  C  Y N 407 
TYR CE2  C  Y N 408 
TYR CZ   C  Y N 409 
TYR OH   O  N N 410 
TYR OXT  O  N N 411 
TYR H    H  N N 412 
TYR H2   H  N N 413 
TYR HA   H  N N 414 
TYR HB2  H  N N 415 
TYR HB3  H  N N 416 
TYR HD1  H  N N 417 
TYR HD2  H  N N 418 
TYR HE1  H  N N 419 
TYR HE2  H  N N 420 
TYR HH   H  N N 421 
TYR HXT  H  N N 422 
VAL N    N  N N 423 
VAL CA   C  N S 424 
VAL C    C  N N 425 
VAL O    O  N N 426 
VAL CB   C  N N 427 
VAL CG1  C  N N 428 
VAL CG2  C  N N 429 
VAL OXT  O  N N 430 
VAL H    H  N N 431 
VAL H2   H  N N 432 
VAL HA   H  N N 433 
VAL HB   H  N N 434 
VAL HG11 H  N N 435 
VAL HG12 H  N N 436 
VAL HG13 H  N N 437 
VAL HG21 H  N N 438 
VAL HG22 H  N N 439 
VAL HG23 H  N N 440 
VAL HXT  H  N N 441 
# 
loop_
_chem_comp_bond.comp_id 
_chem_comp_bond.atom_id_1 
_chem_comp_bond.atom_id_2 
_chem_comp_bond.value_order 
_chem_comp_bond.pdbx_aromatic_flag 
_chem_comp_bond.pdbx_stereo_config 
_chem_comp_bond.pdbx_ordinal 
ALA N   CA   sing N N 1   
ALA N   H    sing N N 2   
ALA N   H2   sing N N 3   
ALA CA  C    sing N N 4   
ALA CA  CB   sing N N 5   
ALA CA  HA   sing N N 6   
ALA C   O    doub N N 7   
ALA C   OXT  sing N N 8   
ALA CB  HB1  sing N N 9   
ALA CB  HB2  sing N N 10  
ALA CB  HB3  sing N N 11  
ALA OXT HXT  sing N N 12  
ARG N   CA   sing N N 13  
ARG N   H    sing N N 14  
ARG N   H2   sing N N 15  
ARG CA  C    sing N N 16  
ARG CA  CB   sing N N 17  
ARG CA  HA   sing N N 18  
ARG C   O    doub N N 19  
ARG C   OXT  sing N N 20  
ARG CB  CG   sing N N 21  
ARG CB  HB2  sing N N 22  
ARG CB  HB3  sing N N 23  
ARG CG  CD   sing N N 24  
ARG CG  HG2  sing N N 25  
ARG CG  HG3  sing N N 26  
ARG CD  NE   sing N N 27  
ARG CD  HD2  sing N N 28  
ARG CD  HD3  sing N N 29  
ARG NE  CZ   sing N N 30  
ARG NE  HE   sing N N 31  
ARG CZ  NH1  sing N N 32  
ARG CZ  NH2  doub N N 33  
ARG NH1 HH11 sing N N 34  
ARG NH1 HH12 sing N N 35  
ARG NH2 HH21 sing N N 36  
ARG NH2 HH22 sing N N 37  
ARG OXT HXT  sing N N 38  
ASN N   CA   sing N N 39  
ASN N   H    sing N N 40  
ASN N   H2   sing N N 41  
ASN CA  C    sing N N 42  
ASN CA  CB   sing N N 43  
ASN CA  HA   sing N N 44  
ASN C   O    doub N N 45  
ASN C   OXT  sing N N 46  
ASN CB  CG   sing N N 47  
ASN CB  HB2  sing N N 48  
ASN CB  HB3  sing N N 49  
ASN CG  OD1  doub N N 50  
ASN CG  ND2  sing N N 51  
ASN ND2 HD21 sing N N 52  
ASN ND2 HD22 sing N N 53  
ASN OXT HXT  sing N N 54  
ASP N   CA   sing N N 55  
ASP N   H    sing N N 56  
ASP N   H2   sing N N 57  
ASP CA  C    sing N N 58  
ASP CA  CB   sing N N 59  
ASP CA  HA   sing N N 60  
ASP C   O    doub N N 61  
ASP C   OXT  sing N N 62  
ASP CB  CG   sing N N 63  
ASP CB  HB2  sing N N 64  
ASP CB  HB3  sing N N 65  
ASP CG  OD1  doub N N 66  
ASP CG  OD2  sing N N 67  
ASP OD2 HD2  sing N N 68  
ASP OXT HXT  sing N N 69  
BUX CL1 C11  sing N N 70  
BUX C5  C    doub Y N 71  
BUX C5  C4   sing Y N 72  
BUX C   C1   sing Y N 73  
BUX C4  CL   sing N N 74  
BUX C4  C3   doub Y N 75  
BUX C1  C2   doub Y N 76  
BUX C10 C11  doub N N 77  
BUX C10 C9   sing N N 78  
BUX C11 O2   sing N N 79  
BUX C3  C2   sing Y N 80  
BUX C2  N    sing N N 81  
BUX O1  C9   sing N N 82  
BUX O1  C6   sing N N 83  
BUX C9  C8   doub N N 84  
BUX O2  C12  sing N N 85  
BUX N   C6   sing N N 86  
BUX C6  N1   doub N N 87  
BUX C8  C12  sing N N 88  
BUX C8  C7   sing N N 89  
BUX C12 O3   doub N N 90  
BUX N1  C7   sing N N 91  
BUX C7  O    doub N N 92  
BUX C1  H1   sing N N 93  
BUX C3  H2   sing N N 94  
BUX C5  H3   sing N N 95  
BUX C10 H6   sing N N 96  
BUX N   H9   sing N N 97  
BUX C   H10  sing N N 98  
CYS N   CA   sing N N 99  
CYS N   H    sing N N 100 
CYS N   H2   sing N N 101 
CYS CA  C    sing N N 102 
CYS CA  CB   sing N N 103 
CYS CA  HA   sing N N 104 
CYS C   O    doub N N 105 
CYS C   OXT  sing N N 106 
CYS CB  SG   sing N N 107 
CYS CB  HB2  sing N N 108 
CYS CB  HB3  sing N N 109 
CYS SG  HG   sing N N 110 
CYS OXT HXT  sing N N 111 
GLN N   CA   sing N N 112 
GLN N   H    sing N N 113 
GLN N   H2   sing N N 114 
GLN CA  C    sing N N 115 
GLN CA  CB   sing N N 116 
GLN CA  HA   sing N N 117 
GLN C   O    doub N N 118 
GLN C   OXT  sing N N 119 
GLN CB  CG   sing N N 120 
GLN CB  HB2  sing N N 121 
GLN CB  HB3  sing N N 122 
GLN CG  CD   sing N N 123 
GLN CG  HG2  sing N N 124 
GLN CG  HG3  sing N N 125 
GLN CD  OE1  doub N N 126 
GLN CD  NE2  sing N N 127 
GLN NE2 HE21 sing N N 128 
GLN NE2 HE22 sing N N 129 
GLN OXT HXT  sing N N 130 
GLU N   CA   sing N N 131 
GLU N   H    sing N N 132 
GLU N   H2   sing N N 133 
GLU CA  C    sing N N 134 
GLU CA  CB   sing N N 135 
GLU CA  HA   sing N N 136 
GLU C   O    doub N N 137 
GLU C   OXT  sing N N 138 
GLU CB  CG   sing N N 139 
GLU CB  HB2  sing N N 140 
GLU CB  HB3  sing N N 141 
GLU CG  CD   sing N N 142 
GLU CG  HG2  sing N N 143 
GLU CG  HG3  sing N N 144 
GLU CD  OE1  doub N N 145 
GLU CD  OE2  sing N N 146 
GLU OE2 HE2  sing N N 147 
GLU OXT HXT  sing N N 148 
GLY N   CA   sing N N 149 
GLY N   H    sing N N 150 
GLY N   H2   sing N N 151 
GLY CA  C    sing N N 152 
GLY CA  HA2  sing N N 153 
GLY CA  HA3  sing N N 154 
GLY C   O    doub N N 155 
GLY C   OXT  sing N N 156 
GLY OXT HXT  sing N N 157 
HIS N   CA   sing N N 158 
HIS N   H    sing N N 159 
HIS N   H2   sing N N 160 
HIS CA  C    sing N N 161 
HIS CA  CB   sing N N 162 
HIS CA  HA   sing N N 163 
HIS C   O    doub N N 164 
HIS C   OXT  sing N N 165 
HIS CB  CG   sing N N 166 
HIS CB  HB2  sing N N 167 
HIS CB  HB3  sing N N 168 
HIS CG  ND1  sing Y N 169 
HIS CG  CD2  doub Y N 170 
HIS ND1 CE1  doub Y N 171 
HIS ND1 HD1  sing N N 172 
HIS CD2 NE2  sing Y N 173 
HIS CD2 HD2  sing N N 174 
HIS CE1 NE2  sing Y N 175 
HIS CE1 HE1  sing N N 176 
HIS NE2 HE2  sing N N 177 
HIS OXT HXT  sing N N 178 
HOH O   H1   sing N N 179 
HOH O   H2   sing N N 180 
ILE N   CA   sing N N 181 
ILE N   H    sing N N 182 
ILE N   H2   sing N N 183 
ILE CA  C    sing N N 184 
ILE CA  CB   sing N N 185 
ILE CA  HA   sing N N 186 
ILE C   O    doub N N 187 
ILE C   OXT  sing N N 188 
ILE CB  CG1  sing N N 189 
ILE CB  CG2  sing N N 190 
ILE CB  HB   sing N N 191 
ILE CG1 CD1  sing N N 192 
ILE CG1 HG12 sing N N 193 
ILE CG1 HG13 sing N N 194 
ILE CG2 HG21 sing N N 195 
ILE CG2 HG22 sing N N 196 
ILE CG2 HG23 sing N N 197 
ILE CD1 HD11 sing N N 198 
ILE CD1 HD12 sing N N 199 
ILE CD1 HD13 sing N N 200 
ILE OXT HXT  sing N N 201 
LEU N   CA   sing N N 202 
LEU N   H    sing N N 203 
LEU N   H2   sing N N 204 
LEU CA  C    sing N N 205 
LEU CA  CB   sing N N 206 
LEU CA  HA   sing N N 207 
LEU C   O    doub N N 208 
LEU C   OXT  sing N N 209 
LEU CB  CG   sing N N 210 
LEU CB  HB2  sing N N 211 
LEU CB  HB3  sing N N 212 
LEU CG  CD1  sing N N 213 
LEU CG  CD2  sing N N 214 
LEU CG  HG   sing N N 215 
LEU CD1 HD11 sing N N 216 
LEU CD1 HD12 sing N N 217 
LEU CD1 HD13 sing N N 218 
LEU CD2 HD21 sing N N 219 
LEU CD2 HD22 sing N N 220 
LEU CD2 HD23 sing N N 221 
LEU OXT HXT  sing N N 222 
LYS N   CA   sing N N 223 
LYS N   H    sing N N 224 
LYS N   H2   sing N N 225 
LYS CA  C    sing N N 226 
LYS CA  CB   sing N N 227 
LYS CA  HA   sing N N 228 
LYS C   O    doub N N 229 
LYS C   OXT  sing N N 230 
LYS CB  CG   sing N N 231 
LYS CB  HB2  sing N N 232 
LYS CB  HB3  sing N N 233 
LYS CG  CD   sing N N 234 
LYS CG  HG2  sing N N 235 
LYS CG  HG3  sing N N 236 
LYS CD  CE   sing N N 237 
LYS CD  HD2  sing N N 238 
LYS CD  HD3  sing N N 239 
LYS CE  NZ   sing N N 240 
LYS CE  HE2  sing N N 241 
LYS CE  HE3  sing N N 242 
LYS NZ  HZ1  sing N N 243 
LYS NZ  HZ2  sing N N 244 
LYS NZ  HZ3  sing N N 245 
LYS OXT HXT  sing N N 246 
MET N   CA   sing N N 247 
MET N   H    sing N N 248 
MET N   H2   sing N N 249 
MET CA  C    sing N N 250 
MET CA  CB   sing N N 251 
MET CA  HA   sing N N 252 
MET C   O    doub N N 253 
MET C   OXT  sing N N 254 
MET CB  CG   sing N N 255 
MET CB  HB2  sing N N 256 
MET CB  HB3  sing N N 257 
MET CG  SD   sing N N 258 
MET CG  HG2  sing N N 259 
MET CG  HG3  sing N N 260 
MET SD  CE   sing N N 261 
MET CE  HE1  sing N N 262 
MET CE  HE2  sing N N 263 
MET CE  HE3  sing N N 264 
MET OXT HXT  sing N N 265 
PGE C1  O1   sing N N 266 
PGE C1  C2   sing N N 267 
PGE C1  H1   sing N N 268 
PGE C1  H12  sing N N 269 
PGE O1  HO1  sing N N 270 
PGE C2  O2   sing N N 271 
PGE C2  H2   sing N N 272 
PGE C2  H22  sing N N 273 
PGE O2  C3   sing N N 274 
PGE C3  C4   sing N N 275 
PGE C3  H3   sing N N 276 
PGE C3  H32  sing N N 277 
PGE C4  O3   sing N N 278 
PGE C4  H4   sing N N 279 
PGE C4  H42  sing N N 280 
PGE O4  C6   sing N N 281 
PGE O4  HO4  sing N N 282 
PGE C6  C5   sing N N 283 
PGE C6  H6   sing N N 284 
PGE C6  H62  sing N N 285 
PGE C5  O3   sing N N 286 
PGE C5  H5   sing N N 287 
PGE C5  H52  sing N N 288 
PHE N   CA   sing N N 289 
PHE N   H    sing N N 290 
PHE N   H2   sing N N 291 
PHE CA  C    sing N N 292 
PHE CA  CB   sing N N 293 
PHE CA  HA   sing N N 294 
PHE C   O    doub N N 295 
PHE C   OXT  sing N N 296 
PHE CB  CG   sing N N 297 
PHE CB  HB2  sing N N 298 
PHE CB  HB3  sing N N 299 
PHE CG  CD1  doub Y N 300 
PHE CG  CD2  sing Y N 301 
PHE CD1 CE1  sing Y N 302 
PHE CD1 HD1  sing N N 303 
PHE CD2 CE2  doub Y N 304 
PHE CD2 HD2  sing N N 305 
PHE CE1 CZ   doub Y N 306 
PHE CE1 HE1  sing N N 307 
PHE CE2 CZ   sing Y N 308 
PHE CE2 HE2  sing N N 309 
PHE CZ  HZ   sing N N 310 
PHE OXT HXT  sing N N 311 
PRO N   CA   sing N N 312 
PRO N   CD   sing N N 313 
PRO N   H    sing N N 314 
PRO CA  C    sing N N 315 
PRO CA  CB   sing N N 316 
PRO CA  HA   sing N N 317 
PRO C   O    doub N N 318 
PRO C   OXT  sing N N 319 
PRO CB  CG   sing N N 320 
PRO CB  HB2  sing N N 321 
PRO CB  HB3  sing N N 322 
PRO CG  CD   sing N N 323 
PRO CG  HG2  sing N N 324 
PRO CG  HG3  sing N N 325 
PRO CD  HD2  sing N N 326 
PRO CD  HD3  sing N N 327 
PRO OXT HXT  sing N N 328 
SER N   CA   sing N N 329 
SER N   H    sing N N 330 
SER N   H2   sing N N 331 
SER CA  C    sing N N 332 
SER CA  CB   sing N N 333 
SER CA  HA   sing N N 334 
SER C   O    doub N N 335 
SER C   OXT  sing N N 336 
SER CB  OG   sing N N 337 
SER CB  HB2  sing N N 338 
SER CB  HB3  sing N N 339 
SER OG  HG   sing N N 340 
SER OXT HXT  sing N N 341 
THR N   CA   sing N N 342 
THR N   H    sing N N 343 
THR N   H2   sing N N 344 
THR CA  C    sing N N 345 
THR CA  CB   sing N N 346 
THR CA  HA   sing N N 347 
THR C   O    doub N N 348 
THR C   OXT  sing N N 349 
THR CB  OG1  sing N N 350 
THR CB  CG2  sing N N 351 
THR CB  HB   sing N N 352 
THR OG1 HG1  sing N N 353 
THR CG2 HG21 sing N N 354 
THR CG2 HG22 sing N N 355 
THR CG2 HG23 sing N N 356 
THR OXT HXT  sing N N 357 
TRP N   CA   sing N N 358 
TRP N   H    sing N N 359 
TRP N   H2   sing N N 360 
TRP CA  C    sing N N 361 
TRP CA  CB   sing N N 362 
TRP CA  HA   sing N N 363 
TRP C   O    doub N N 364 
TRP C   OXT  sing N N 365 
TRP CB  CG   sing N N 366 
TRP CB  HB2  sing N N 367 
TRP CB  HB3  sing N N 368 
TRP CG  CD1  doub Y N 369 
TRP CG  CD2  sing Y N 370 
TRP CD1 NE1  sing Y N 371 
TRP CD1 HD1  sing N N 372 
TRP CD2 CE2  doub Y N 373 
TRP CD2 CE3  sing Y N 374 
TRP NE1 CE2  sing Y N 375 
TRP NE1 HE1  sing N N 376 
TRP CE2 CZ2  sing Y N 377 
TRP CE3 CZ3  doub Y N 378 
TRP CE3 HE3  sing N N 379 
TRP CZ2 CH2  doub Y N 380 
TRP CZ2 HZ2  sing N N 381 
TRP CZ3 CH2  sing Y N 382 
TRP CZ3 HZ3  sing N N 383 
TRP CH2 HH2  sing N N 384 
TRP OXT HXT  sing N N 385 
TYR N   CA   sing N N 386 
TYR N   H    sing N N 387 
TYR N   H2   sing N N 388 
TYR CA  C    sing N N 389 
TYR CA  CB   sing N N 390 
TYR CA  HA   sing N N 391 
TYR C   O    doub N N 392 
TYR C   OXT  sing N N 393 
TYR CB  CG   sing N N 394 
TYR CB  HB2  sing N N 395 
TYR CB  HB3  sing N N 396 
TYR CG  CD1  doub Y N 397 
TYR CG  CD2  sing Y N 398 
TYR CD1 CE1  sing Y N 399 
TYR CD1 HD1  sing N N 400 
TYR CD2 CE2  doub Y N 401 
TYR CD2 HD2  sing N N 402 
TYR CE1 CZ   doub Y N 403 
TYR CE1 HE1  sing N N 404 
TYR CE2 CZ   sing Y N 405 
TYR CE2 HE2  sing N N 406 
TYR CZ  OH   sing N N 407 
TYR OH  HH   sing N N 408 
TYR OXT HXT  sing N N 409 
VAL N   CA   sing N N 410 
VAL N   H    sing N N 411 
VAL N   H2   sing N N 412 
VAL CA  C    sing N N 413 
VAL CA  CB   sing N N 414 
VAL CA  HA   sing N N 415 
VAL C   O    doub N N 416 
VAL C   OXT  sing N N 417 
VAL CB  CG1  sing N N 418 
VAL CB  CG2  sing N N 419 
VAL CB  HB   sing N N 420 
VAL CG1 HG11 sing N N 421 
VAL CG1 HG12 sing N N 422 
VAL CG1 HG13 sing N N 423 
VAL CG2 HG21 sing N N 424 
VAL CG2 HG22 sing N N 425 
VAL CG2 HG23 sing N N 426 
VAL OXT HXT  sing N N 427 
# 
_pdbx_entity_instance_feature.ordinal        1 
_pdbx_entity_instance_feature.comp_id        BUX 
_pdbx_entity_instance_feature.asym_id        ? 
_pdbx_entity_instance_feature.seq_num        ? 
_pdbx_entity_instance_feature.auth_comp_id   BUX 
_pdbx_entity_instance_feature.auth_asym_id   ? 
_pdbx_entity_instance_feature.auth_seq_num   ? 
_pdbx_entity_instance_feature.feature_type   'SUBJECT OF INVESTIGATION' 
_pdbx_entity_instance_feature.details        ? 
# 
loop_
_pdbx_entity_nonpoly.entity_id 
_pdbx_entity_nonpoly.name 
_pdbx_entity_nonpoly.comp_id 
2 'TRIETHYLENE GLYCOL'                                                       PGE 
3 '7-chloranyl-2-[(3-chlorophenyl)amino]pyrano[3,4-e][1,3]oxazine-4,5-dione' BUX 
4 water                                                                      HOH 
# 
_pdbx_initial_refinement_model.id               1 
_pdbx_initial_refinement_model.entity_id_list   ? 
_pdbx_initial_refinement_model.type             'experimental model' 
_pdbx_initial_refinement_model.source_name      PDB 
_pdbx_initial_refinement_model.accession_code   5XHE 
_pdbx_initial_refinement_model.details          ? 
# 
_pdbx_struct_assembly_auth_evidence.id                     1 
_pdbx_struct_assembly_auth_evidence.assembly_id            1 
_pdbx_struct_assembly_auth_evidence.experimental_support   'gel filtration' 
_pdbx_struct_assembly_auth_evidence.details                ? 
# 
_space_group.name_H-M_alt     'P 21 21 2' 
_space_group.name_Hall        'P 2 2ab' 
_space_group.IT_number        18 
_space_group.crystal_system   orthorhombic 
_space_group.id               1 
# 
